data_2V72
# 
_entry.id   2V72 
# 
_audit_conform.dict_name       mmcif_pdbx.dic 
_audit_conform.dict_version    5.391 
_audit_conform.dict_location   http://mmcif.pdb.org/dictionaries/ascii/mmcif_pdbx.dic 
# 
loop_
_database_2.database_id 
_database_2.database_code 
_database_2.pdbx_database_accession 
_database_2.pdbx_DOI 
PDB   2V72         pdb_00002v72 10.2210/pdb2v72/pdb 
PDBE  EBI-33278    ?            ?                   
WWPDB D_1290033278 ?            ?                   
# 
loop_
_pdbx_audit_revision_history.ordinal 
_pdbx_audit_revision_history.data_content_type 
_pdbx_audit_revision_history.major_revision 
_pdbx_audit_revision_history.minor_revision 
_pdbx_audit_revision_history.revision_date 
1 'Structure model' 1 0 2007-08-21 
2 'Structure model' 1 1 2011-05-08 
3 'Structure model' 1 2 2011-07-13 
4 'Structure model' 1 3 2020-07-29 
5 'Structure model' 1 4 2024-05-08 
# 
loop_
_pdbx_audit_revision_details.ordinal 
_pdbx_audit_revision_details.revision_ordinal 
_pdbx_audit_revision_details.data_content_type 
_pdbx_audit_revision_details.provider 
_pdbx_audit_revision_details.type 
_pdbx_audit_revision_details.description 
_pdbx_audit_revision_details.details 
1 1 'Structure model' repository 'Initial release' ?                          ? 
2 4 'Structure model' repository Remediation       'Carbohydrate remediation' ? 
# 
loop_
_pdbx_audit_revision_group.ordinal 
_pdbx_audit_revision_group.revision_ordinal 
_pdbx_audit_revision_group.data_content_type 
_pdbx_audit_revision_group.group 
1 2 'Structure model' 'Version format compliance' 
2 3 'Structure model' 'Version format compliance' 
3 4 'Structure model' 'Data collection'           
4 4 'Structure model' 'Derived calculations'      
5 4 'Structure model' Other                       
6 4 'Structure model' 'Structure summary'         
7 5 'Structure model' 'Data collection'           
8 5 'Structure model' 'Database references'       
9 5 'Structure model' 'Structure summary'         
# 
loop_
_pdbx_audit_revision_category.ordinal 
_pdbx_audit_revision_category.revision_ordinal 
_pdbx_audit_revision_category.data_content_type 
_pdbx_audit_revision_category.category 
1  4 'Structure model' chem_comp                 
2  4 'Structure model' entity                    
3  4 'Structure model' pdbx_chem_comp_identifier 
4  4 'Structure model' pdbx_database_status      
5  4 'Structure model' pdbx_entity_nonpoly       
6  4 'Structure model' pdbx_struct_conn_angle    
7  4 'Structure model' struct_conn               
8  4 'Structure model' struct_site               
9  4 'Structure model' struct_site_gen           
10 5 'Structure model' chem_comp                 
11 5 'Structure model' chem_comp_atom            
12 5 'Structure model' chem_comp_bond            
13 5 'Structure model' database_2                
# 
loop_
_pdbx_audit_revision_item.ordinal 
_pdbx_audit_revision_item.revision_ordinal 
_pdbx_audit_revision_item.data_content_type 
_pdbx_audit_revision_item.item 
1  4 'Structure model' '_chem_comp.name'                             
2  4 'Structure model' '_chem_comp.type'                             
3  4 'Structure model' '_entity.pdbx_description'                    
4  4 'Structure model' '_pdbx_database_status.status_code_sf'        
5  4 'Structure model' '_pdbx_entity_nonpoly.name'                   
6  4 'Structure model' '_pdbx_struct_conn_angle.ptnr1_auth_comp_id'  
7  4 'Structure model' '_pdbx_struct_conn_angle.ptnr1_auth_seq_id'   
8  4 'Structure model' '_pdbx_struct_conn_angle.ptnr1_label_atom_id' 
9  4 'Structure model' '_pdbx_struct_conn_angle.ptnr1_label_comp_id' 
10 4 'Structure model' '_pdbx_struct_conn_angle.ptnr1_label_seq_id'  
11 4 'Structure model' '_pdbx_struct_conn_angle.ptnr3_auth_comp_id'  
12 4 'Structure model' '_pdbx_struct_conn_angle.ptnr3_auth_seq_id'   
13 4 'Structure model' '_pdbx_struct_conn_angle.ptnr3_label_atom_id' 
14 4 'Structure model' '_pdbx_struct_conn_angle.ptnr3_label_comp_id' 
15 4 'Structure model' '_pdbx_struct_conn_angle.ptnr3_label_seq_id'  
16 4 'Structure model' '_pdbx_struct_conn_angle.value'               
17 4 'Structure model' '_struct_conn.pdbx_dist_value'                
18 4 'Structure model' '_struct_conn.ptnr1_auth_comp_id'             
19 4 'Structure model' '_struct_conn.ptnr1_auth_seq_id'              
20 4 'Structure model' '_struct_conn.ptnr1_label_asym_id'            
21 4 'Structure model' '_struct_conn.ptnr1_label_atom_id'            
22 4 'Structure model' '_struct_conn.ptnr1_label_comp_id'            
23 4 'Structure model' '_struct_conn.ptnr1_label_seq_id'             
24 4 'Structure model' '_struct_conn.ptnr2_auth_comp_id'             
25 4 'Structure model' '_struct_conn.ptnr2_auth_seq_id'              
26 4 'Structure model' '_struct_conn.ptnr2_label_asym_id'            
27 4 'Structure model' '_struct_conn.ptnr2_label_atom_id'            
28 4 'Structure model' '_struct_conn.ptnr2_label_comp_id'            
29 4 'Structure model' '_struct_conn.ptnr2_label_seq_id'             
30 5 'Structure model' '_chem_comp.pdbx_synonyms'                    
31 5 'Structure model' '_database_2.pdbx_DOI'                        
32 5 'Structure model' '_database_2.pdbx_database_accession'         
# 
_pdbx_database_status.status_code                     REL 
_pdbx_database_status.entry_id                        2V72 
_pdbx_database_status.deposit_site                    PDBE 
_pdbx_database_status.process_site                    PDBE 
_pdbx_database_status.SG_entry                        . 
_pdbx_database_status.recvd_initial_deposition_date   2007-07-25 
_pdbx_database_status.pdb_format_compatible           Y 
_pdbx_database_status.status_code_sf                  REL 
_pdbx_database_status.status_code_mr                  ? 
_pdbx_database_status.status_code_cs                  ? 
_pdbx_database_status.methods_development_category    ? 
_pdbx_database_status.status_code_nmr_data            ? 
# 
_pdbx_database_related.db_name        PDB 
_pdbx_database_related.db_id          2V73 
_pdbx_database_related.content_type   unspecified 
_pdbx_database_related.details        
'THE STRUCTURE OF THE FAMILY 40 CBM FROM C. PERFRINGENS NANJ IN COMPLEX WITH A SIALIC ACID CONTAINING MOLECULE' 
# 
loop_
_audit_author.name 
_audit_author.pdbx_ordinal 
'Boraston, A.B.'  1 
'Ficko-Blean, E.' 2 
'Healey, M.'      3 
# 
_citation.id                        primary 
_citation.title                     'Carbohydrate Recognition by a Large Sialidase Toxin from Clostridium Perfringens.' 
_citation.journal_abbrev            Biochemistry 
_citation.journal_volume            46 
_citation.page_first                11352 
_citation.page_last                 ? 
_citation.year                      2007 
_citation.journal_id_ASTM           BICHAW 
_citation.country                   US 
_citation.journal_id_ISSN           0006-2960 
_citation.journal_id_CSD            0033 
_citation.book_publisher            ? 
_citation.pdbx_database_id_PubMed   17850114 
_citation.pdbx_database_id_DOI      10.1021/BI701317G 
# 
loop_
_citation_author.citation_id 
_citation_author.name 
_citation_author.ordinal 
_citation_author.identifier_ORCID 
primary 'Boraston, A.B.'  1 ? 
primary 'Ficko-Blean, E.' 2 ? 
primary 'Healey, M.'      3 ? 
# 
loop_
_entity.id 
_entity.type 
_entity.src_method 
_entity.pdbx_description 
_entity.formula_weight 
_entity.pdbx_number_of_molecules 
_entity.pdbx_ec 
_entity.pdbx_mutation 
_entity.pdbx_fragment 
_entity.details 
1 polymer     man EXO-ALPHA-SIALIDASE    15135.670 1  ? ? 'CARBOHYDRATE-BINDING MODULE, RESIDUES 42-180' ? 
2 non-polymer syn 'CALCIUM ION'          40.078    1  ? ? ?                                              ? 
3 non-polymer man beta-D-galactopyranose 180.156   1  ? ? ?                                              ? 
4 water       nat water                  18.015    42 ? ? ?                                              ? 
# 
_entity_name_com.entity_id   1 
_entity_name_com.name        CBM32 
# 
_entity_poly.entity_id                      1 
_entity_poly.type                           'polypeptide(L)' 
_entity_poly.nstd_linkage                   no 
_entity_poly.nstd_monomer                   no 
_entity_poly.pdbx_seq_one_letter_code       
;GMASAIIETAIPQSEMTASATSEEGQDPASSAIDGNINTMWHTKWNGSDALPQSLSVNLGKARKVSSIAITPRTSGNNGF
ITKYEIHAINNGVETLVAEGTWEENNLVKTVTFDSPIDAEEIKITAIQGVGGFASIAELNVYE
;
_entity_poly.pdbx_seq_one_letter_code_can   
;GMASAIIETAIPQSEMTASATSEEGQDPASSAIDGNINTMWHTKWNGSDALPQSLSVNLGKARKVSSIAITPRTSGNNGF
ITKYEIHAINNGVETLVAEGTWEENNLVKTVTFDSPIDAEEIKITAIQGVGGFASIAELNVYE
;
_entity_poly.pdbx_strand_id                 A 
_entity_poly.pdbx_target_identifier         ? 
# 
loop_
_pdbx_entity_nonpoly.entity_id 
_pdbx_entity_nonpoly.name 
_pdbx_entity_nonpoly.comp_id 
2 'CALCIUM ION'          CA  
3 beta-D-galactopyranose GAL 
4 water                  HOH 
# 
loop_
_entity_poly_seq.entity_id 
_entity_poly_seq.num 
_entity_poly_seq.mon_id 
_entity_poly_seq.hetero 
1 1   GLY n 
1 2   MET n 
1 3   ALA n 
1 4   SER n 
1 5   ALA n 
1 6   ILE n 
1 7   ILE n 
1 8   GLU n 
1 9   THR n 
1 10  ALA n 
1 11  ILE n 
1 12  PRO n 
1 13  GLN n 
1 14  SER n 
1 15  GLU n 
1 16  MET n 
1 17  THR n 
1 18  ALA n 
1 19  SER n 
1 20  ALA n 
1 21  THR n 
1 22  SER n 
1 23  GLU n 
1 24  GLU n 
1 25  GLY n 
1 26  GLN n 
1 27  ASP n 
1 28  PRO n 
1 29  ALA n 
1 30  SER n 
1 31  SER n 
1 32  ALA n 
1 33  ILE n 
1 34  ASP n 
1 35  GLY n 
1 36  ASN n 
1 37  ILE n 
1 38  ASN n 
1 39  THR n 
1 40  MET n 
1 41  TRP n 
1 42  HIS n 
1 43  THR n 
1 44  LYS n 
1 45  TRP n 
1 46  ASN n 
1 47  GLY n 
1 48  SER n 
1 49  ASP n 
1 50  ALA n 
1 51  LEU n 
1 52  PRO n 
1 53  GLN n 
1 54  SER n 
1 55  LEU n 
1 56  SER n 
1 57  VAL n 
1 58  ASN n 
1 59  LEU n 
1 60  GLY n 
1 61  LYS n 
1 62  ALA n 
1 63  ARG n 
1 64  LYS n 
1 65  VAL n 
1 66  SER n 
1 67  SER n 
1 68  ILE n 
1 69  ALA n 
1 70  ILE n 
1 71  THR n 
1 72  PRO n 
1 73  ARG n 
1 74  THR n 
1 75  SER n 
1 76  GLY n 
1 77  ASN n 
1 78  ASN n 
1 79  GLY n 
1 80  PHE n 
1 81  ILE n 
1 82  THR n 
1 83  LYS n 
1 84  TYR n 
1 85  GLU n 
1 86  ILE n 
1 87  HIS n 
1 88  ALA n 
1 89  ILE n 
1 90  ASN n 
1 91  ASN n 
1 92  GLY n 
1 93  VAL n 
1 94  GLU n 
1 95  THR n 
1 96  LEU n 
1 97  VAL n 
1 98  ALA n 
1 99  GLU n 
1 100 GLY n 
1 101 THR n 
1 102 TRP n 
1 103 GLU n 
1 104 GLU n 
1 105 ASN n 
1 106 ASN n 
1 107 LEU n 
1 108 VAL n 
1 109 LYS n 
1 110 THR n 
1 111 VAL n 
1 112 THR n 
1 113 PHE n 
1 114 ASP n 
1 115 SER n 
1 116 PRO n 
1 117 ILE n 
1 118 ASP n 
1 119 ALA n 
1 120 GLU n 
1 121 GLU n 
1 122 ILE n 
1 123 LYS n 
1 124 ILE n 
1 125 THR n 
1 126 ALA n 
1 127 ILE n 
1 128 GLN n 
1 129 GLY n 
1 130 VAL n 
1 131 GLY n 
1 132 GLY n 
1 133 PHE n 
1 134 ALA n 
1 135 SER n 
1 136 ILE n 
1 137 ALA n 
1 138 GLU n 
1 139 LEU n 
1 140 ASN n 
1 141 VAL n 
1 142 TYR n 
1 143 GLU n 
# 
_entity_src_gen.entity_id                          1 
_entity_src_gen.pdbx_src_id                        1 
_entity_src_gen.pdbx_alt_source_flag               sample 
_entity_src_gen.pdbx_seq_type                      ? 
_entity_src_gen.pdbx_beg_seq_num                   ? 
_entity_src_gen.pdbx_end_seq_num                   ? 
_entity_src_gen.gene_src_common_name               ? 
_entity_src_gen.gene_src_genus                     ? 
_entity_src_gen.pdbx_gene_src_gene                 ? 
_entity_src_gen.gene_src_species                   ? 
_entity_src_gen.gene_src_strain                    ? 
_entity_src_gen.gene_src_tissue                    ? 
_entity_src_gen.gene_src_tissue_fraction           ? 
_entity_src_gen.gene_src_details                   ? 
_entity_src_gen.pdbx_gene_src_fragment             ? 
_entity_src_gen.pdbx_gene_src_scientific_name      'CLOSTRIDIUM PERFRINGENS' 
_entity_src_gen.pdbx_gene_src_ncbi_taxonomy_id     1502 
_entity_src_gen.pdbx_gene_src_variant              ? 
_entity_src_gen.pdbx_gene_src_cell_line            ? 
_entity_src_gen.pdbx_gene_src_atcc                 13124 
_entity_src_gen.pdbx_gene_src_organ                ? 
_entity_src_gen.pdbx_gene_src_organelle            ? 
_entity_src_gen.pdbx_gene_src_cell                 ? 
_entity_src_gen.pdbx_gene_src_cellular_location    ? 
_entity_src_gen.host_org_common_name               ? 
_entity_src_gen.pdbx_host_org_scientific_name      'ESCHERICHIA COLI' 
_entity_src_gen.pdbx_host_org_ncbi_taxonomy_id     511693 
_entity_src_gen.host_org_genus                     ? 
_entity_src_gen.pdbx_host_org_gene                 ? 
_entity_src_gen.pdbx_host_org_organ                ? 
_entity_src_gen.host_org_species                   ? 
_entity_src_gen.pdbx_host_org_tissue               ? 
_entity_src_gen.pdbx_host_org_tissue_fraction      ? 
_entity_src_gen.pdbx_host_org_strain               BL21 
_entity_src_gen.pdbx_host_org_variant              ? 
_entity_src_gen.pdbx_host_org_cell_line            ? 
_entity_src_gen.pdbx_host_org_atcc                 ? 
_entity_src_gen.pdbx_host_org_culture_collection   ? 
_entity_src_gen.pdbx_host_org_cell                 ? 
_entity_src_gen.pdbx_host_org_organelle            ? 
_entity_src_gen.pdbx_host_org_cellular_location    ? 
_entity_src_gen.pdbx_host_org_vector_type          ? 
_entity_src_gen.pdbx_host_org_vector               ? 
_entity_src_gen.host_org_details                   ? 
_entity_src_gen.expression_system_id               ? 
_entity_src_gen.plasmid_name                       'PET 28A' 
_entity_src_gen.plasmid_details                    ? 
_entity_src_gen.pdbx_description                   ? 
# 
loop_
_chem_comp.id 
_chem_comp.type 
_chem_comp.mon_nstd_flag 
_chem_comp.name 
_chem_comp.pdbx_synonyms 
_chem_comp.formula 
_chem_comp.formula_weight 
ALA 'L-peptide linking'          y ALANINE                ?                                          'C3 H7 N O2'     89.093  
ARG 'L-peptide linking'          y ARGININE               ?                                          'C6 H15 N4 O2 1' 175.209 
ASN 'L-peptide linking'          y ASPARAGINE             ?                                          'C4 H8 N2 O3'    132.118 
ASP 'L-peptide linking'          y 'ASPARTIC ACID'        ?                                          'C4 H7 N O4'     133.103 
CA  non-polymer                  . 'CALCIUM ION'          ?                                          'Ca 2'           40.078  
GAL 'D-saccharide, beta linking' . beta-D-galactopyranose 'beta-D-galactose; D-galactose; galactose' 'C6 H12 O6'      180.156 
GLN 'L-peptide linking'          y GLUTAMINE              ?                                          'C5 H10 N2 O3'   146.144 
GLU 'L-peptide linking'          y 'GLUTAMIC ACID'        ?                                          'C5 H9 N O4'     147.129 
GLY 'peptide linking'            y GLYCINE                ?                                          'C2 H5 N O2'     75.067  
HIS 'L-peptide linking'          y HISTIDINE              ?                                          'C6 H10 N3 O2 1' 156.162 
HOH non-polymer                  . WATER                  ?                                          'H2 O'           18.015  
ILE 'L-peptide linking'          y ISOLEUCINE             ?                                          'C6 H13 N O2'    131.173 
LEU 'L-peptide linking'          y LEUCINE                ?                                          'C6 H13 N O2'    131.173 
LYS 'L-peptide linking'          y LYSINE                 ?                                          'C6 H15 N2 O2 1' 147.195 
MET 'L-peptide linking'          y METHIONINE             ?                                          'C5 H11 N O2 S'  149.211 
PHE 'L-peptide linking'          y PHENYLALANINE          ?                                          'C9 H11 N O2'    165.189 
PRO 'L-peptide linking'          y PROLINE                ?                                          'C5 H9 N O2'     115.130 
SER 'L-peptide linking'          y SERINE                 ?                                          'C3 H7 N O3'     105.093 
THR 'L-peptide linking'          y THREONINE              ?                                          'C4 H9 N O3'     119.119 
TRP 'L-peptide linking'          y TRYPTOPHAN             ?                                          'C11 H12 N2 O2'  204.225 
TYR 'L-peptide linking'          y TYROSINE               ?                                          'C9 H11 N O3'    181.189 
VAL 'L-peptide linking'          y VALINE                 ?                                          'C5 H11 N O2'    117.146 
# 
loop_
_pdbx_chem_comp_identifier.comp_id 
_pdbx_chem_comp_identifier.type 
_pdbx_chem_comp_identifier.program 
_pdbx_chem_comp_identifier.program_version 
_pdbx_chem_comp_identifier.identifier 
GAL 'CONDENSED IUPAC CARBOHYDRATE SYMBOL' GMML     1.0 DGalpb              
GAL 'COMMON NAME'                         GMML     1.0 b-D-galactopyranose 
GAL 'IUPAC CARBOHYDRATE SYMBOL'           PDB-CARE 1.0 b-D-Galp            
GAL 'SNFG CARBOHYDRATE SYMBOL'            GMML     1.0 Gal                 
# 
loop_
_pdbx_poly_seq_scheme.asym_id 
_pdbx_poly_seq_scheme.entity_id 
_pdbx_poly_seq_scheme.seq_id 
_pdbx_poly_seq_scheme.mon_id 
_pdbx_poly_seq_scheme.ndb_seq_num 
_pdbx_poly_seq_scheme.pdb_seq_num 
_pdbx_poly_seq_scheme.auth_seq_num 
_pdbx_poly_seq_scheme.pdb_mon_id 
_pdbx_poly_seq_scheme.auth_mon_id 
_pdbx_poly_seq_scheme.pdb_strand_id 
_pdbx_poly_seq_scheme.pdb_ins_code 
_pdbx_poly_seq_scheme.hetero 
A 1 1   GLY 1   -4  ?   ?   ?   A . n 
A 1 2   MET 2   -3  ?   ?   ?   A . n 
A 1 3   ALA 3   -2  ?   ?   ?   A . n 
A 1 4   SER 4   -1  ?   ?   ?   A . n 
A 1 5   ALA 5   0   ?   ?   ?   A . n 
A 1 6   ILE 6   1   ?   ?   ?   A . n 
A 1 7   ILE 7   2   2   ILE ILE A . n 
A 1 8   GLU 8   3   3   GLU GLU A . n 
A 1 9   THR 9   4   4   THR THR A . n 
A 1 10  ALA 10  5   5   ALA ALA A . n 
A 1 11  ILE 11  6   6   ILE ILE A . n 
A 1 12  PRO 12  7   7   PRO PRO A . n 
A 1 13  GLN 13  8   8   GLN GLN A . n 
A 1 14  SER 14  9   9   SER SER A . n 
A 1 15  GLU 15  10  10  GLU GLU A . n 
A 1 16  MET 16  11  11  MET MET A . n 
A 1 17  THR 17  12  12  THR THR A . n 
A 1 18  ALA 18  13  13  ALA ALA A . n 
A 1 19  SER 19  14  14  SER SER A . n 
A 1 20  ALA 20  15  15  ALA ALA A . n 
A 1 21  THR 21  16  16  THR THR A . n 
A 1 22  SER 22  17  17  SER SER A . n 
A 1 23  GLU 23  18  18  GLU GLU A . n 
A 1 24  GLU 24  19  19  GLU GLU A . n 
A 1 25  GLY 25  20  20  GLY GLY A . n 
A 1 26  GLN 26  21  21  GLN GLN A . n 
A 1 27  ASP 27  22  22  ASP ASP A . n 
A 1 28  PRO 28  23  23  PRO PRO A . n 
A 1 29  ALA 29  24  24  ALA ALA A . n 
A 1 30  SER 30  25  25  SER SER A . n 
A 1 31  SER 31  26  26  SER SER A . n 
A 1 32  ALA 32  27  27  ALA ALA A . n 
A 1 33  ILE 33  28  28  ILE ILE A . n 
A 1 34  ASP 34  29  29  ASP ASP A . n 
A 1 35  GLY 35  30  30  GLY GLY A . n 
A 1 36  ASN 36  31  31  ASN ASN A . n 
A 1 37  ILE 37  32  32  ILE ILE A . n 
A 1 38  ASN 38  33  33  ASN ASN A . n 
A 1 39  THR 39  34  34  THR THR A . n 
A 1 40  MET 40  35  35  MET MET A . n 
A 1 41  TRP 41  36  36  TRP TRP A . n 
A 1 42  HIS 42  37  37  HIS HIS A . n 
A 1 43  THR 43  38  38  THR THR A . n 
A 1 44  LYS 44  39  39  LYS LYS A . n 
A 1 45  TRP 45  40  40  TRP TRP A . n 
A 1 46  ASN 46  41  41  ASN ASN A . n 
A 1 47  GLY 47  42  42  GLY GLY A . n 
A 1 48  SER 48  43  43  SER SER A . n 
A 1 49  ASP 49  44  44  ASP ASP A . n 
A 1 50  ALA 50  45  45  ALA ALA A . n 
A 1 51  LEU 51  46  46  LEU LEU A . n 
A 1 52  PRO 52  47  47  PRO PRO A . n 
A 1 53  GLN 53  48  48  GLN GLN A . n 
A 1 54  SER 54  49  49  SER SER A . n 
A 1 55  LEU 55  50  50  LEU LEU A . n 
A 1 56  SER 56  51  51  SER SER A . n 
A 1 57  VAL 57  52  52  VAL VAL A . n 
A 1 58  ASN 58  53  53  ASN ASN A . n 
A 1 59  LEU 59  54  54  LEU LEU A . n 
A 1 60  GLY 60  55  55  GLY GLY A . n 
A 1 61  LYS 61  56  56  LYS LYS A . n 
A 1 62  ALA 62  57  57  ALA ALA A . n 
A 1 63  ARG 63  58  58  ARG ARG A . n 
A 1 64  LYS 64  59  59  LYS LYS A . n 
A 1 65  VAL 65  60  60  VAL VAL A . n 
A 1 66  SER 66  61  61  SER SER A . n 
A 1 67  SER 67  62  62  SER SER A . n 
A 1 68  ILE 68  63  63  ILE ILE A . n 
A 1 69  ALA 69  64  64  ALA ALA A . n 
A 1 70  ILE 70  65  65  ILE ILE A . n 
A 1 71  THR 71  66  66  THR THR A . n 
A 1 72  PRO 72  67  67  PRO PRO A . n 
A 1 73  ARG 73  68  68  ARG ARG A . n 
A 1 74  THR 74  69  69  THR THR A . n 
A 1 75  SER 75  70  70  SER SER A . n 
A 1 76  GLY 76  71  71  GLY GLY A . n 
A 1 77  ASN 77  72  72  ASN ASN A . n 
A 1 78  ASN 78  73  73  ASN ASN A . n 
A 1 79  GLY 79  74  74  GLY GLY A . n 
A 1 80  PHE 80  75  75  PHE PHE A . n 
A 1 81  ILE 81  76  76  ILE ILE A . n 
A 1 82  THR 82  77  77  THR THR A . n 
A 1 83  LYS 83  78  78  LYS LYS A . n 
A 1 84  TYR 84  79  79  TYR TYR A . n 
A 1 85  GLU 85  80  80  GLU GLU A . n 
A 1 86  ILE 86  81  81  ILE ILE A . n 
A 1 87  HIS 87  82  82  HIS HIS A . n 
A 1 88  ALA 88  83  83  ALA ALA A . n 
A 1 89  ILE 89  84  84  ILE ILE A . n 
A 1 90  ASN 90  85  85  ASN ASN A . n 
A 1 91  ASN 91  86  86  ASN ASN A . n 
A 1 92  GLY 92  87  87  GLY GLY A . n 
A 1 93  VAL 93  88  88  VAL VAL A . n 
A 1 94  GLU 94  89  89  GLU GLU A . n 
A 1 95  THR 95  90  90  THR THR A . n 
A 1 96  LEU 96  91  91  LEU LEU A . n 
A 1 97  VAL 97  92  92  VAL VAL A . n 
A 1 98  ALA 98  93  93  ALA ALA A . n 
A 1 99  GLU 99  94  94  GLU GLU A . n 
A 1 100 GLY 100 95  95  GLY GLY A . n 
A 1 101 THR 101 96  96  THR THR A . n 
A 1 102 TRP 102 97  97  TRP TRP A . n 
A 1 103 GLU 103 98  98  GLU GLU A . n 
A 1 104 GLU 104 99  99  GLU GLU A . n 
A 1 105 ASN 105 100 100 ASN ASN A . n 
A 1 106 ASN 106 101 101 ASN ASN A . n 
A 1 107 LEU 107 102 102 LEU LEU A . n 
A 1 108 VAL 108 103 103 VAL VAL A . n 
A 1 109 LYS 109 104 104 LYS LYS A . n 
A 1 110 THR 110 105 105 THR THR A . n 
A 1 111 VAL 111 106 106 VAL VAL A . n 
A 1 112 THR 112 107 107 THR THR A . n 
A 1 113 PHE 113 108 108 PHE PHE A . n 
A 1 114 ASP 114 109 109 ASP ASP A . n 
A 1 115 SER 115 110 110 SER SER A . n 
A 1 116 PRO 116 111 111 PRO PRO A . n 
A 1 117 ILE 117 112 112 ILE ILE A . n 
A 1 118 ASP 118 113 113 ASP ASP A . n 
A 1 119 ALA 119 114 114 ALA ALA A . n 
A 1 120 GLU 120 115 115 GLU GLU A . n 
A 1 121 GLU 121 116 116 GLU GLU A . n 
A 1 122 ILE 122 117 117 ILE ILE A . n 
A 1 123 LYS 123 118 118 LYS LYS A . n 
A 1 124 ILE 124 119 119 ILE ILE A . n 
A 1 125 THR 125 120 120 THR THR A . n 
A 1 126 ALA 126 121 121 ALA ALA A . n 
A 1 127 ILE 127 122 122 ILE ILE A . n 
A 1 128 GLN 128 123 123 GLN GLN A . n 
A 1 129 GLY 129 124 124 GLY GLY A . n 
A 1 130 VAL 130 125 125 VAL VAL A . n 
A 1 131 GLY 131 126 126 GLY GLY A . n 
A 1 132 GLY 132 127 127 GLY GLY A . n 
A 1 133 PHE 133 128 128 PHE PHE A . n 
A 1 134 ALA 134 129 129 ALA ALA A . n 
A 1 135 SER 135 130 130 SER SER A . n 
A 1 136 ILE 136 131 131 ILE ILE A . n 
A 1 137 ALA 137 132 132 ALA ALA A . n 
A 1 138 GLU 138 133 133 GLU GLU A . n 
A 1 139 LEU 139 134 134 LEU LEU A . n 
A 1 140 ASN 140 135 135 ASN ASN A . n 
A 1 141 VAL 141 136 136 VAL VAL A . n 
A 1 142 TYR 142 137 137 TYR TYR A . n 
A 1 143 GLU 143 138 138 GLU GLU A . n 
# 
loop_
_pdbx_nonpoly_scheme.asym_id 
_pdbx_nonpoly_scheme.entity_id 
_pdbx_nonpoly_scheme.mon_id 
_pdbx_nonpoly_scheme.ndb_seq_num 
_pdbx_nonpoly_scheme.pdb_seq_num 
_pdbx_nonpoly_scheme.auth_seq_num 
_pdbx_nonpoly_scheme.pdb_mon_id 
_pdbx_nonpoly_scheme.auth_mon_id 
_pdbx_nonpoly_scheme.pdb_strand_id 
_pdbx_nonpoly_scheme.pdb_ins_code 
B 2 CA  1  1139 1139 CA  CA  A . 
C 3 GAL 1  1140 1140 GAL GAL A . 
D 4 HOH 1  2001 2001 HOH HOH A . 
D 4 HOH 2  2002 2002 HOH HOH A . 
D 4 HOH 3  2003 2003 HOH HOH A . 
D 4 HOH 4  2004 2004 HOH HOH A . 
D 4 HOH 5  2005 2005 HOH HOH A . 
D 4 HOH 6  2006 2006 HOH HOH A . 
D 4 HOH 7  2007 2007 HOH HOH A . 
D 4 HOH 8  2008 2008 HOH HOH A . 
D 4 HOH 9  2009 2009 HOH HOH A . 
D 4 HOH 10 2010 2010 HOH HOH A . 
D 4 HOH 11 2011 2011 HOH HOH A . 
D 4 HOH 12 2012 2012 HOH HOH A . 
D 4 HOH 13 2013 2013 HOH HOH A . 
D 4 HOH 14 2014 2014 HOH HOH A . 
D 4 HOH 15 2015 2015 HOH HOH A . 
D 4 HOH 16 2016 2016 HOH HOH A . 
D 4 HOH 17 2017 2017 HOH HOH A . 
D 4 HOH 18 2018 2018 HOH HOH A . 
D 4 HOH 19 2019 2019 HOH HOH A . 
D 4 HOH 20 2020 2020 HOH HOH A . 
D 4 HOH 21 2021 2021 HOH HOH A . 
D 4 HOH 22 2022 2022 HOH HOH A . 
D 4 HOH 23 2023 2023 HOH HOH A . 
D 4 HOH 24 2024 2024 HOH HOH A . 
D 4 HOH 25 2025 2025 HOH HOH A . 
D 4 HOH 26 2026 2026 HOH HOH A . 
D 4 HOH 27 2027 2027 HOH HOH A . 
D 4 HOH 28 2028 2028 HOH HOH A . 
D 4 HOH 29 2029 2029 HOH HOH A . 
D 4 HOH 30 2030 2030 HOH HOH A . 
D 4 HOH 31 2031 2031 HOH HOH A . 
D 4 HOH 32 2032 2032 HOH HOH A . 
D 4 HOH 33 2033 2033 HOH HOH A . 
D 4 HOH 34 2034 2034 HOH HOH A . 
D 4 HOH 35 2035 2035 HOH HOH A . 
D 4 HOH 36 2036 2036 HOH HOH A . 
D 4 HOH 37 2037 2037 HOH HOH A . 
D 4 HOH 38 2038 2038 HOH HOH A . 
D 4 HOH 39 2039 2039 HOH HOH A . 
D 4 HOH 40 2040 2040 HOH HOH A . 
D 4 HOH 41 2041 2041 HOH HOH A . 
D 4 HOH 42 2042 2042 HOH HOH A . 
# 
loop_
_pdbx_unobs_or_zero_occ_atoms.id 
_pdbx_unobs_or_zero_occ_atoms.PDB_model_num 
_pdbx_unobs_or_zero_occ_atoms.polymer_flag 
_pdbx_unobs_or_zero_occ_atoms.occupancy_flag 
_pdbx_unobs_or_zero_occ_atoms.auth_asym_id 
_pdbx_unobs_or_zero_occ_atoms.auth_comp_id 
_pdbx_unobs_or_zero_occ_atoms.auth_seq_id 
_pdbx_unobs_or_zero_occ_atoms.PDB_ins_code 
_pdbx_unobs_or_zero_occ_atoms.auth_atom_id 
_pdbx_unobs_or_zero_occ_atoms.label_alt_id 
_pdbx_unobs_or_zero_occ_atoms.label_asym_id 
_pdbx_unobs_or_zero_occ_atoms.label_comp_id 
_pdbx_unobs_or_zero_occ_atoms.label_seq_id 
_pdbx_unobs_or_zero_occ_atoms.label_atom_id 
1 1 Y 1 A ILE 2 ? CB  ? A ILE 7 CB  
2 1 Y 1 A ILE 2 ? CG1 ? A ILE 7 CG1 
3 1 Y 1 A ILE 2 ? CG2 ? A ILE 7 CG2 
4 1 Y 1 A ILE 2 ? CD1 ? A ILE 7 CD1 
# 
loop_
_software.name 
_software.classification 
_software.version 
_software.citation_id 
_software.pdbx_ordinal 
REFMAC refinement       5.2.0019 ? 1 
d*TREK 'data reduction' .        ? 2 
d*TREK 'data scaling'   .        ? 3 
MOLREP phasing          .        ? 4 
# 
_cell.entry_id           2V72 
_cell.length_a           42.265 
_cell.length_b           45.860 
_cell.length_c           69.003 
_cell.angle_alpha        90.00 
_cell.angle_beta         90.00 
_cell.angle_gamma        90.00 
_cell.Z_PDB              4 
_cell.pdbx_unique_axis   ? 
# 
_symmetry.entry_id                         2V72 
_symmetry.space_group_name_H-M             'P 21 21 21' 
_symmetry.pdbx_full_space_group_name_H-M   ? 
_symmetry.cell_setting                     ? 
_symmetry.Int_Tables_number                19 
# 
_exptl.entry_id          2V72 
_exptl.method            'X-RAY DIFFRACTION' 
_exptl.crystals_number   ? 
# 
_exptl_crystal.id                    1 
_exptl_crystal.density_meas          ? 
_exptl_crystal.density_Matthews      2.22 
_exptl_crystal.density_percent_sol   44.10 
_exptl_crystal.description           NONE 
# 
_diffrn.id                     1 
_diffrn.ambient_temp           113 
_diffrn.ambient_temp_details   ? 
_diffrn.crystal_id             1 
# 
_diffrn_radiation.diffrn_id                        1 
_diffrn_radiation.wavelength_id                    1 
_diffrn_radiation.pdbx_monochromatic_or_laue_m_l   M 
_diffrn_radiation.monochromator                    ? 
_diffrn_radiation.pdbx_diffrn_protocol             'SINGLE WAVELENGTH' 
_diffrn_radiation.pdbx_scattering_type             x-ray 
# 
_diffrn_radiation_wavelength.id           1 
_diffrn_radiation_wavelength.wavelength   1.5418 
_diffrn_radiation_wavelength.wt           1.0 
# 
_diffrn_source.diffrn_id                   1 
_diffrn_source.source                      'ROTATING ANODE' 
_diffrn_source.type                        ? 
_diffrn_source.pdbx_synchrotron_site       ? 
_diffrn_source.pdbx_synchrotron_beamline   ? 
_diffrn_source.pdbx_wavelength             1.5418 
_diffrn_source.pdbx_wavelength_list        ? 
# 
_reflns.pdbx_diffrn_id               1 
_reflns.pdbx_ordinal                 1 
_reflns.entry_id                     2V72 
_reflns.observed_criterion_sigma_I   2.0 
_reflns.observed_criterion_sigma_F   ? 
_reflns.d_resolution_low             20.00 
_reflns.d_resolution_high            2.25 
_reflns.number_obs                   6309 
_reflns.number_all                   ? 
_reflns.percent_possible_obs         93.6 
_reflns.pdbx_Rmerge_I_obs            0.09 
_reflns.pdbx_Rsym_value              ? 
_reflns.pdbx_netI_over_sigmaI        9.20 
_reflns.B_iso_Wilson_estimate        ? 
_reflns.pdbx_redundancy              4.34 
# 
_reflns_shell.pdbx_diffrn_id         1 
_reflns_shell.pdbx_ordinal           1 
_reflns_shell.d_res_high             2.25 
_reflns_shell.d_res_low              2.31 
_reflns_shell.percent_possible_all   98.6 
_reflns_shell.Rmerge_I_obs           0.26 
_reflns_shell.pdbx_Rsym_value        ? 
_reflns_shell.meanI_over_sigI_obs    4.10 
_reflns_shell.pdbx_redundancy        4.21 
# 
_refine.pdbx_refine_id                           'X-RAY DIFFRACTION' 
_refine.entry_id                                 2V72 
_refine.pdbx_diffrn_id                           1 
_refine.pdbx_TLS_residual_ADP_flag               ? 
_refine.ls_number_reflns_obs                     5668 
_refine.ls_number_reflns_all                     ? 
_refine.pdbx_ls_sigma_I                          ? 
_refine.pdbx_ls_sigma_F                          ? 
_refine.pdbx_data_cutoff_high_absF               ? 
_refine.pdbx_data_cutoff_low_absF                ? 
_refine.pdbx_data_cutoff_high_rms_absF           ? 
_refine.ls_d_res_low                             20.00 
_refine.ls_d_res_high                            2.25 
_refine.ls_percent_reflns_obs                    93.6 
_refine.ls_R_factor_obs                          0.258 
_refine.ls_R_factor_all                          ? 
_refine.ls_R_factor_R_work                       0.251 
_refine.ls_R_factor_R_free                       0.325 
_refine.ls_R_factor_R_free_error                 ? 
_refine.ls_R_factor_R_free_error_details         ? 
_refine.ls_percent_reflns_R_free                 10.100 
_refine.ls_number_reflns_R_free                  636 
_refine.ls_number_parameters                     ? 
_refine.ls_number_restraints                     ? 
_refine.occupancy_min                            ? 
_refine.occupancy_max                            ? 
_refine.correlation_coeff_Fo_to_Fc               0.923 
_refine.correlation_coeff_Fo_to_Fc_free          0.869 
_refine.B_iso_mean                               49.76 
_refine.aniso_B[1][1]                            2.62000 
_refine.aniso_B[2][2]                            -2.29000 
_refine.aniso_B[3][3]                            -0.34000 
_refine.aniso_B[1][2]                            0.00000 
_refine.aniso_B[1][3]                            0.00000 
_refine.aniso_B[2][3]                            0.00000 
_refine.solvent_model_details                    'BABINET MODEL WITH MASK' 
_refine.solvent_model_param_ksol                 ? 
_refine.solvent_model_param_bsol                 ? 
_refine.pdbx_solvent_vdw_probe_radii             1.20 
_refine.pdbx_solvent_ion_probe_radii             0.80 
_refine.pdbx_solvent_shrinkage_radii             0.80 
_refine.pdbx_ls_cross_valid_method               THROUGHOUT 
_refine.details                                  'HYDROGENS HAVE BEEN ADDED IN THE RIDING POSITIONS.' 
_refine.pdbx_starting_model                      ? 
_refine.pdbx_method_to_determine_struct          'MOLECULAR REPLACEMENT' 
_refine.pdbx_isotropic_thermal_model             ? 
_refine.pdbx_stereochemistry_target_values       'MAXIMUM LIKELIHOOD' 
_refine.pdbx_stereochem_target_val_spec_case     ? 
_refine.pdbx_R_Free_selection_details            RANDOM 
_refine.pdbx_overall_ESU_R                       0.532 
_refine.pdbx_overall_ESU_R_Free                  0.338 
_refine.overall_SU_ML                            0.243 
_refine.pdbx_overall_phase_error                 ? 
_refine.overall_SU_B                             9.813 
_refine.overall_SU_R_Cruickshank_DPI             ? 
_refine.pdbx_overall_SU_R_free_Cruickshank_DPI   ? 
_refine.pdbx_overall_SU_R_Blow_DPI               ? 
_refine.pdbx_overall_SU_R_free_Blow_DPI          ? 
# 
_refine_hist.pdbx_refine_id                   'X-RAY DIFFRACTION' 
_refine_hist.cycle_id                         LAST 
_refine_hist.pdbx_number_atoms_protein        1022 
_refine_hist.pdbx_number_atoms_nucleic_acid   0 
_refine_hist.pdbx_number_atoms_ligand         13 
_refine_hist.number_atoms_solvent             42 
_refine_hist.number_atoms_total               1077 
_refine_hist.d_res_high                       2.25 
_refine_hist.d_res_low                        20.00 
# 
loop_
_refine_ls_restr.type 
_refine_ls_restr.dev_ideal 
_refine_ls_restr.dev_ideal_target 
_refine_ls_restr.weight 
_refine_ls_restr.number 
_refine_ls_restr.pdbx_refine_id 
_refine_ls_restr.pdbx_restraint_function 
r_bond_refined_d             0.008  0.022  ? 1051 'X-RAY DIFFRACTION' ? 
r_bond_other_d               ?      ?      ? ?    'X-RAY DIFFRACTION' ? 
r_angle_refined_deg          1.253  1.946  ? 1432 'X-RAY DIFFRACTION' ? 
r_angle_other_deg            ?      ?      ? ?    'X-RAY DIFFRACTION' ? 
r_dihedral_angle_1_deg       5.947  5.000  ? 136  'X-RAY DIFFRACTION' ? 
r_dihedral_angle_2_deg       47.857 26.889 ? 45   'X-RAY DIFFRACTION' ? 
r_dihedral_angle_3_deg       16.242 15.000 ? 168  'X-RAY DIFFRACTION' ? 
r_dihedral_angle_4_deg       17.018 15.000 ? 2    'X-RAY DIFFRACTION' ? 
r_chiral_restr               0.091  0.200  ? 170  'X-RAY DIFFRACTION' ? 
r_gen_planes_refined         0.003  0.020  ? 785  'X-RAY DIFFRACTION' ? 
r_gen_planes_other           ?      ?      ? ?    'X-RAY DIFFRACTION' ? 
r_nbd_refined                0.192  0.200  ? 479  'X-RAY DIFFRACTION' ? 
r_nbd_other                  ?      ?      ? ?    'X-RAY DIFFRACTION' ? 
r_nbtor_refined              0.297  0.200  ? 710  'X-RAY DIFFRACTION' ? 
r_nbtor_other                ?      ?      ? ?    'X-RAY DIFFRACTION' ? 
r_xyhbond_nbd_refined        0.139  0.200  ? 61   'X-RAY DIFFRACTION' ? 
r_xyhbond_nbd_other          ?      ?      ? ?    'X-RAY DIFFRACTION' ? 
r_metal_ion_refined          ?      ?      ? ?    'X-RAY DIFFRACTION' ? 
r_metal_ion_other            ?      ?      ? ?    'X-RAY DIFFRACTION' ? 
r_symmetry_vdw_refined       0.153  0.200  ? 27   'X-RAY DIFFRACTION' ? 
r_symmetry_vdw_other         ?      ?      ? ?    'X-RAY DIFFRACTION' ? 
r_symmetry_hbond_refined     0.229  0.200  ? 3    'X-RAY DIFFRACTION' ? 
r_symmetry_hbond_other       ?      ?      ? ?    'X-RAY DIFFRACTION' ? 
r_symmetry_metal_ion_refined ?      ?      ? ?    'X-RAY DIFFRACTION' ? 
r_symmetry_metal_ion_other   ?      ?      ? ?    'X-RAY DIFFRACTION' ? 
r_mcbond_it                  0.408  1.500  ? 700  'X-RAY DIFFRACTION' ? 
r_mcbond_other               ?      ?      ? ?    'X-RAY DIFFRACTION' ? 
r_mcangle_it                 0.698  2.000  ? 1092 'X-RAY DIFFRACTION' ? 
r_mcangle_other              ?      ?      ? ?    'X-RAY DIFFRACTION' ? 
r_scbond_it                  0.904  3.000  ? 404  'X-RAY DIFFRACTION' ? 
r_scbond_other               ?      ?      ? ?    'X-RAY DIFFRACTION' ? 
r_scangle_it                 1.400  4.500  ? 340  'X-RAY DIFFRACTION' ? 
r_scangle_other              ?      ?      ? ?    'X-RAY DIFFRACTION' ? 
r_long_range_B_refined       ?      ?      ? ?    'X-RAY DIFFRACTION' ? 
r_long_range_B_other         ?      ?      ? ?    'X-RAY DIFFRACTION' ? 
r_rigid_bond_restr           ?      ?      ? ?    'X-RAY DIFFRACTION' ? 
r_sphericity_free            ?      ?      ? ?    'X-RAY DIFFRACTION' ? 
r_sphericity_bonded          ?      ?      ? ?    'X-RAY DIFFRACTION' ? 
# 
_refine_ls_shell.pdbx_refine_id                   'X-RAY DIFFRACTION' 
_refine_ls_shell.pdbx_total_number_of_bins_used   20 
_refine_ls_shell.d_res_high                       2.25 
_refine_ls_shell.d_res_low                        2.31 
_refine_ls_shell.number_reflns_R_work             422 
_refine_ls_shell.R_factor_R_work                  0.3110 
_refine_ls_shell.percent_reflns_obs               ? 
_refine_ls_shell.R_factor_R_free                  0.3800 
_refine_ls_shell.R_factor_R_free_error            ? 
_refine_ls_shell.percent_reflns_R_free            ? 
_refine_ls_shell.number_reflns_R_free             57 
_refine_ls_shell.number_reflns_all                ? 
_refine_ls_shell.R_factor_all                     ? 
# 
_struct.entry_id                  2V72 
_struct.title                     'The structure of the family 32 CBM from C. perfringens NanJ in complex with galactose' 
_struct.pdbx_model_details        ? 
_struct.pdbx_CASP_flag            ? 
_struct.pdbx_model_type_details   ? 
# 
_struct_keywords.entry_id        2V72 
_struct_keywords.pdbx_keywords   'SUGAR BINDING PROTEIN' 
_struct_keywords.text            
'GALACTOSE, BACTERIAL PATHOGEN, CARBOHYDRATE-BINDING MODULE, SUGAR-BINDING PROTEIN, SUGAR BINDING PROTEIN' 
# 
loop_
_struct_asym.id 
_struct_asym.pdbx_blank_PDB_chainid_flag 
_struct_asym.pdbx_modified 
_struct_asym.entity_id 
_struct_asym.details 
A N N 1 ? 
B N N 2 ? 
C N N 3 ? 
D N N 4 ? 
# 
loop_
_struct_ref.id 
_struct_ref.db_name 
_struct_ref.db_code 
_struct_ref.entity_id 
_struct_ref.pdbx_seq_one_letter_code 
_struct_ref.pdbx_align_begin 
_struct_ref.pdbx_db_accession 
_struct_ref.pdbx_db_isoform 
1 PDB 2V72         1 ? ? 2V72   ? 
2 UNP Q8XMY5_CLOPE 1 ? ? Q8XMY5 ? 
# 
loop_
_struct_ref_seq.align_id 
_struct_ref_seq.ref_id 
_struct_ref_seq.pdbx_PDB_id_code 
_struct_ref_seq.pdbx_strand_id 
_struct_ref_seq.seq_align_beg 
_struct_ref_seq.pdbx_seq_align_beg_ins_code 
_struct_ref_seq.seq_align_end 
_struct_ref_seq.pdbx_seq_align_end_ins_code 
_struct_ref_seq.pdbx_db_accession 
_struct_ref_seq.db_align_beg 
_struct_ref_seq.pdbx_db_align_beg_ins_code 
_struct_ref_seq.db_align_end 
_struct_ref_seq.pdbx_db_align_end_ins_code 
_struct_ref_seq.pdbx_auth_seq_align_beg 
_struct_ref_seq.pdbx_auth_seq_align_end 
1 1 2V72 A 1 ? 4   ? 2V72   -4 ? -1  ? -4 -1  
2 2 2V72 A 5 ? 143 ? Q8XMY5 42 ? 180 ? 0  138 
# 
_pdbx_struct_assembly.id                   1 
_pdbx_struct_assembly.details              author_and_software_defined_assembly 
_pdbx_struct_assembly.method_details       PQS 
_pdbx_struct_assembly.oligomeric_details   monomeric 
_pdbx_struct_assembly.oligomeric_count     1 
# 
_pdbx_struct_assembly_gen.assembly_id       1 
_pdbx_struct_assembly_gen.oper_expression   1 
_pdbx_struct_assembly_gen.asym_id_list      A,B,C,D 
# 
_pdbx_struct_oper_list.id                   1 
_pdbx_struct_oper_list.type                 'identity operation' 
_pdbx_struct_oper_list.name                 1_555 
_pdbx_struct_oper_list.symmetry_operation   x,y,z 
_pdbx_struct_oper_list.matrix[1][1]         1.0000000000 
_pdbx_struct_oper_list.matrix[1][2]         0.0000000000 
_pdbx_struct_oper_list.matrix[1][3]         0.0000000000 
_pdbx_struct_oper_list.vector[1]            0.0000000000 
_pdbx_struct_oper_list.matrix[2][1]         0.0000000000 
_pdbx_struct_oper_list.matrix[2][2]         1.0000000000 
_pdbx_struct_oper_list.matrix[2][3]         0.0000000000 
_pdbx_struct_oper_list.vector[2]            0.0000000000 
_pdbx_struct_oper_list.matrix[3][1]         0.0000000000 
_pdbx_struct_oper_list.matrix[3][2]         0.0000000000 
_pdbx_struct_oper_list.matrix[3][3]         1.0000000000 
_pdbx_struct_oper_list.vector[3]            0.0000000000 
# 
_struct_biol.id   1 
# 
loop_
_struct_conf.conf_type_id 
_struct_conf.id 
_struct_conf.pdbx_PDB_helix_id 
_struct_conf.beg_label_comp_id 
_struct_conf.beg_label_asym_id 
_struct_conf.beg_label_seq_id 
_struct_conf.pdbx_beg_PDB_ins_code 
_struct_conf.end_label_comp_id 
_struct_conf.end_label_asym_id 
_struct_conf.end_label_seq_id 
_struct_conf.pdbx_end_PDB_ins_code 
_struct_conf.beg_auth_comp_id 
_struct_conf.beg_auth_asym_id 
_struct_conf.beg_auth_seq_id 
_struct_conf.end_auth_comp_id 
_struct_conf.end_auth_asym_id 
_struct_conf.end_auth_seq_id 
_struct_conf.pdbx_PDB_helix_class 
_struct_conf.details 
_struct_conf.pdbx_PDB_helix_length 
HELX_P HELX_P1 1 PRO A 12  ? MET A 16  ? PRO A 7   MET A 11  5 ? 5 
HELX_P HELX_P2 2 PRO A 28  ? ILE A 33  ? PRO A 23  ILE A 28  5 ? 6 
HELX_P HELX_P3 3 GLY A 131 ? PHE A 133 ? GLY A 126 PHE A 128 5 ? 3 
# 
_struct_conf_type.id          HELX_P 
_struct_conf_type.criteria    ? 
_struct_conf_type.reference   ? 
# 
loop_
_struct_conn.id 
_struct_conn.conn_type_id 
_struct_conn.pdbx_leaving_atom_flag 
_struct_conn.pdbx_PDB_id 
_struct_conn.ptnr1_label_asym_id 
_struct_conn.ptnr1_label_comp_id 
_struct_conn.ptnr1_label_seq_id 
_struct_conn.ptnr1_label_atom_id 
_struct_conn.pdbx_ptnr1_label_alt_id 
_struct_conn.pdbx_ptnr1_PDB_ins_code 
_struct_conn.pdbx_ptnr1_standard_comp_id 
_struct_conn.ptnr1_symmetry 
_struct_conn.ptnr2_label_asym_id 
_struct_conn.ptnr2_label_comp_id 
_struct_conn.ptnr2_label_seq_id 
_struct_conn.ptnr2_label_atom_id 
_struct_conn.pdbx_ptnr2_label_alt_id 
_struct_conn.pdbx_ptnr2_PDB_ins_code 
_struct_conn.ptnr1_auth_asym_id 
_struct_conn.ptnr1_auth_comp_id 
_struct_conn.ptnr1_auth_seq_id 
_struct_conn.ptnr2_auth_asym_id 
_struct_conn.ptnr2_auth_comp_id 
_struct_conn.ptnr2_auth_seq_id 
_struct_conn.ptnr2_symmetry 
_struct_conn.pdbx_ptnr3_label_atom_id 
_struct_conn.pdbx_ptnr3_label_seq_id 
_struct_conn.pdbx_ptnr3_label_comp_id 
_struct_conn.pdbx_ptnr3_label_asym_id 
_struct_conn.pdbx_ptnr3_label_alt_id 
_struct_conn.pdbx_ptnr3_PDB_ins_code 
_struct_conn.details 
_struct_conn.pdbx_dist_value 
_struct_conn.pdbx_value_order 
_struct_conn.pdbx_role 
metalc1 metalc ? ? A SER 31  O   ? ? ? 1_555 B CA . CA ? ? A SER 26  A CA 1139 1_555 ? ? ? ? ? ? ? 2.308 ? ? 
metalc2 metalc ? ? A ASP 34  OD1 ? ? ? 1_555 B CA . CA ? ? A ASP 29  A CA 1139 1_555 ? ? ? ? ? ? ? 2.311 ? ? 
metalc3 metalc ? ? A ASN 36  O   ? ? ? 1_555 B CA . CA ? ? A ASN 31  A CA 1139 1_555 ? ? ? ? ? ? ? 2.293 ? ? 
metalc4 metalc ? ? A THR 39  O   ? ? ? 1_555 B CA . CA ? ? A THR 34  A CA 1139 1_555 ? ? ? ? ? ? ? 2.353 ? ? 
metalc5 metalc ? ? A THR 39  OG1 ? ? ? 1_555 B CA . CA ? ? A THR 34  A CA 1139 1_555 ? ? ? ? ? ? ? 2.566 ? ? 
metalc6 metalc ? ? A ALA 137 O   ? ? ? 1_555 B CA . CA ? ? A ALA 132 A CA 1139 1_555 ? ? ? ? ? ? ? 2.320 ? ? 
metalc7 metalc ? ? A GLU 138 OE2 ? ? ? 1_555 B CA . CA ? ? A GLU 133 A CA 1139 1_555 ? ? ? ? ? ? ? 2.409 ? ? 
# 
_struct_conn_type.id          metalc 
_struct_conn_type.criteria    ? 
_struct_conn_type.reference   ? 
# 
loop_
_pdbx_struct_conn_angle.id 
_pdbx_struct_conn_angle.ptnr1_label_atom_id 
_pdbx_struct_conn_angle.ptnr1_label_alt_id 
_pdbx_struct_conn_angle.ptnr1_label_asym_id 
_pdbx_struct_conn_angle.ptnr1_label_comp_id 
_pdbx_struct_conn_angle.ptnr1_label_seq_id 
_pdbx_struct_conn_angle.ptnr1_auth_atom_id 
_pdbx_struct_conn_angle.ptnr1_auth_asym_id 
_pdbx_struct_conn_angle.ptnr1_auth_comp_id 
_pdbx_struct_conn_angle.ptnr1_auth_seq_id 
_pdbx_struct_conn_angle.ptnr1_PDB_ins_code 
_pdbx_struct_conn_angle.ptnr1_symmetry 
_pdbx_struct_conn_angle.ptnr2_label_atom_id 
_pdbx_struct_conn_angle.ptnr2_label_alt_id 
_pdbx_struct_conn_angle.ptnr2_label_asym_id 
_pdbx_struct_conn_angle.ptnr2_label_comp_id 
_pdbx_struct_conn_angle.ptnr2_label_seq_id 
_pdbx_struct_conn_angle.ptnr2_auth_atom_id 
_pdbx_struct_conn_angle.ptnr2_auth_asym_id 
_pdbx_struct_conn_angle.ptnr2_auth_comp_id 
_pdbx_struct_conn_angle.ptnr2_auth_seq_id 
_pdbx_struct_conn_angle.ptnr2_PDB_ins_code 
_pdbx_struct_conn_angle.ptnr2_symmetry 
_pdbx_struct_conn_angle.ptnr3_label_atom_id 
_pdbx_struct_conn_angle.ptnr3_label_alt_id 
_pdbx_struct_conn_angle.ptnr3_label_asym_id 
_pdbx_struct_conn_angle.ptnr3_label_comp_id 
_pdbx_struct_conn_angle.ptnr3_label_seq_id 
_pdbx_struct_conn_angle.ptnr3_auth_atom_id 
_pdbx_struct_conn_angle.ptnr3_auth_asym_id 
_pdbx_struct_conn_angle.ptnr3_auth_comp_id 
_pdbx_struct_conn_angle.ptnr3_auth_seq_id 
_pdbx_struct_conn_angle.ptnr3_PDB_ins_code 
_pdbx_struct_conn_angle.ptnr3_symmetry 
_pdbx_struct_conn_angle.value 
_pdbx_struct_conn_angle.value_esd 
1  O   ? A SER 31  ? A SER 26  ? 1_555 CA ? B CA . ? A CA 1139 ? 1_555 OD1 ? A ASP 34  ? A ASP 29  ? 1_555 80.0  ? 
2  O   ? A SER 31  ? A SER 26  ? 1_555 CA ? B CA . ? A CA 1139 ? 1_555 O   ? A ASN 36  ? A ASN 31  ? 1_555 166.4 ? 
3  OD1 ? A ASP 34  ? A ASP 29  ? 1_555 CA ? B CA . ? A CA 1139 ? 1_555 O   ? A ASN 36  ? A ASN 31  ? 1_555 97.2  ? 
4  O   ? A SER 31  ? A SER 26  ? 1_555 CA ? B CA . ? A CA 1139 ? 1_555 O   ? A THR 39  ? A THR 34  ? 1_555 86.0  ? 
5  OD1 ? A ASP 34  ? A ASP 29  ? 1_555 CA ? B CA . ? A CA 1139 ? 1_555 O   ? A THR 39  ? A THR 34  ? 1_555 138.7 ? 
6  O   ? A ASN 36  ? A ASN 31  ? 1_555 CA ? B CA . ? A CA 1139 ? 1_555 O   ? A THR 39  ? A THR 34  ? 1_555 87.4  ? 
7  O   ? A SER 31  ? A SER 26  ? 1_555 CA ? B CA . ? A CA 1139 ? 1_555 OG1 ? A THR 39  ? A THR 34  ? 1_555 86.1  ? 
8  OD1 ? A ASP 34  ? A ASP 29  ? 1_555 CA ? B CA . ? A CA 1139 ? 1_555 OG1 ? A THR 39  ? A THR 34  ? 1_555 71.5  ? 
9  O   ? A ASN 36  ? A ASN 31  ? 1_555 CA ? B CA . ? A CA 1139 ? 1_555 OG1 ? A THR 39  ? A THR 34  ? 1_555 80.4  ? 
10 O   ? A THR 39  ? A THR 34  ? 1_555 CA ? B CA . ? A CA 1139 ? 1_555 OG1 ? A THR 39  ? A THR 34  ? 1_555 68.9  ? 
11 O   ? A SER 31  ? A SER 26  ? 1_555 CA ? B CA . ? A CA 1139 ? 1_555 O   ? A ALA 137 ? A ALA 132 ? 1_555 85.8  ? 
12 OD1 ? A ASP 34  ? A ASP 29  ? 1_555 CA ? B CA . ? A CA 1139 ? 1_555 O   ? A ALA 137 ? A ALA 132 ? 1_555 141.4 ? 
13 O   ? A ASN 36  ? A ASN 31  ? 1_555 CA ? B CA . ? A CA 1139 ? 1_555 O   ? A ALA 137 ? A ALA 132 ? 1_555 104.0 ? 
14 O   ? A THR 39  ? A THR 34  ? 1_555 CA ? B CA . ? A CA 1139 ? 1_555 O   ? A ALA 137 ? A ALA 132 ? 1_555 74.8  ? 
15 OG1 ? A THR 39  ? A THR 34  ? 1_555 CA ? B CA . ? A CA 1139 ? 1_555 O   ? A ALA 137 ? A ALA 132 ? 1_555 143.2 ? 
16 O   ? A SER 31  ? A SER 26  ? 1_555 CA ? B CA . ? A CA 1139 ? 1_555 OE2 ? A GLU 138 ? A GLU 133 ? 1_555 104.2 ? 
17 OD1 ? A ASP 34  ? A ASP 29  ? 1_555 CA ? B CA . ? A CA 1139 ? 1_555 OE2 ? A GLU 138 ? A GLU 133 ? 1_555 71.7  ? 
18 O   ? A ASN 36  ? A ASN 31  ? 1_555 CA ? B CA . ? A CA 1139 ? 1_555 OE2 ? A GLU 138 ? A GLU 133 ? 1_555 87.3  ? 
19 O   ? A THR 39  ? A THR 34  ? 1_555 CA ? B CA . ? A CA 1139 ? 1_555 OE2 ? A GLU 138 ? A GLU 133 ? 1_555 149.6 ? 
20 OG1 ? A THR 39  ? A THR 34  ? 1_555 CA ? B CA . ? A CA 1139 ? 1_555 OE2 ? A GLU 138 ? A GLU 133 ? 1_555 139.2 ? 
21 O   ? A ALA 137 ? A ALA 132 ? 1_555 CA ? B CA . ? A CA 1139 ? 1_555 OE2 ? A GLU 138 ? A GLU 133 ? 1_555 77.5  ? 
# 
loop_
_struct_mon_prot_cis.pdbx_id 
_struct_mon_prot_cis.label_comp_id 
_struct_mon_prot_cis.label_seq_id 
_struct_mon_prot_cis.label_asym_id 
_struct_mon_prot_cis.label_alt_id 
_struct_mon_prot_cis.pdbx_PDB_ins_code 
_struct_mon_prot_cis.auth_comp_id 
_struct_mon_prot_cis.auth_seq_id 
_struct_mon_prot_cis.auth_asym_id 
_struct_mon_prot_cis.pdbx_label_comp_id_2 
_struct_mon_prot_cis.pdbx_label_seq_id_2 
_struct_mon_prot_cis.pdbx_label_asym_id_2 
_struct_mon_prot_cis.pdbx_PDB_ins_code_2 
_struct_mon_prot_cis.pdbx_auth_comp_id_2 
_struct_mon_prot_cis.pdbx_auth_seq_id_2 
_struct_mon_prot_cis.pdbx_auth_asym_id_2 
_struct_mon_prot_cis.pdbx_PDB_model_num 
_struct_mon_prot_cis.pdbx_omega_angle 
1 LEU 51 A . ? LEU 46 A PRO 52 A ? PRO 47 A 1 -1.08  
2 ASN 91 A . ? ASN 86 A GLY 92 A ? GLY 87 A 1 -22.10 
# 
loop_
_struct_sheet.id 
_struct_sheet.type 
_struct_sheet.number_strands 
_struct_sheet.details 
AA ? 5 ? 
AB ? 3 ? 
AC ? 2 ? 
# 
loop_
_struct_sheet_order.sheet_id 
_struct_sheet_order.range_id_1 
_struct_sheet_order.range_id_2 
_struct_sheet_order.offset 
_struct_sheet_order.sense 
AA 1 2 ? anti-parallel 
AA 2 3 ? anti-parallel 
AA 3 4 ? anti-parallel 
AA 4 5 ? anti-parallel 
AB 1 2 ? anti-parallel 
AB 2 3 ? anti-parallel 
AC 1 2 ? anti-parallel 
# 
loop_
_struct_sheet_range.sheet_id 
_struct_sheet_range.id 
_struct_sheet_range.beg_label_comp_id 
_struct_sheet_range.beg_label_asym_id 
_struct_sheet_range.beg_label_seq_id 
_struct_sheet_range.pdbx_beg_PDB_ins_code 
_struct_sheet_range.end_label_comp_id 
_struct_sheet_range.end_label_asym_id 
_struct_sheet_range.end_label_seq_id 
_struct_sheet_range.pdbx_end_PDB_ins_code 
_struct_sheet_range.beg_auth_comp_id 
_struct_sheet_range.beg_auth_asym_id 
_struct_sheet_range.beg_auth_seq_id 
_struct_sheet_range.end_auth_comp_id 
_struct_sheet_range.end_auth_asym_id 
_struct_sheet_range.end_auth_seq_id 
AA 1 THR A 17  ? ALA A 20  ? THR A 12  ALA A 15  
AA 2 GLN A 53  ? THR A 71  ? GLN A 48  THR A 66  
AA 3 LYS A 109 ? GLY A 129 ? LYS A 104 GLY A 124 
AA 4 ILE A 81  ? ASN A 90  ? ILE A 76  ASN A 85  
AA 5 VAL A 93  ? THR A 101 ? VAL A 88  THR A 96  
AB 1 THR A 17  ? ALA A 20  ? THR A 12  ALA A 15  
AB 2 GLN A 53  ? THR A 71  ? GLN A 48  THR A 66  
AB 3 GLU A 138 ? TYR A 142 ? GLU A 133 TYR A 137 
AC 1 TRP A 41  ? HIS A 42  ? TRP A 36  HIS A 37  
AC 2 SER A 135 ? ILE A 136 ? SER A 130 ILE A 131 
# 
loop_
_pdbx_struct_sheet_hbond.sheet_id 
_pdbx_struct_sheet_hbond.range_id_1 
_pdbx_struct_sheet_hbond.range_id_2 
_pdbx_struct_sheet_hbond.range_1_label_atom_id 
_pdbx_struct_sheet_hbond.range_1_label_comp_id 
_pdbx_struct_sheet_hbond.range_1_label_asym_id 
_pdbx_struct_sheet_hbond.range_1_label_seq_id 
_pdbx_struct_sheet_hbond.range_1_PDB_ins_code 
_pdbx_struct_sheet_hbond.range_1_auth_atom_id 
_pdbx_struct_sheet_hbond.range_1_auth_comp_id 
_pdbx_struct_sheet_hbond.range_1_auth_asym_id 
_pdbx_struct_sheet_hbond.range_1_auth_seq_id 
_pdbx_struct_sheet_hbond.range_2_label_atom_id 
_pdbx_struct_sheet_hbond.range_2_label_comp_id 
_pdbx_struct_sheet_hbond.range_2_label_asym_id 
_pdbx_struct_sheet_hbond.range_2_label_seq_id 
_pdbx_struct_sheet_hbond.range_2_PDB_ins_code 
_pdbx_struct_sheet_hbond.range_2_auth_atom_id 
_pdbx_struct_sheet_hbond.range_2_auth_comp_id 
_pdbx_struct_sheet_hbond.range_2_auth_asym_id 
_pdbx_struct_sheet_hbond.range_2_auth_seq_id 
AA 1 2 N SER A 19  ? N SER A 14  O SER A 56  ? O SER A 51  
AA 2 3 N ILE A 70  ? N ILE A 65  O LYS A 109 ? O LYS A 104 
AA 3 4 O GLN A 128 ? O GLN A 123 N THR A 82  ? N THR A 77  
AA 4 5 N ASN A 90  ? N ASN A 85  O VAL A 93  ? O VAL A 88  
AB 1 2 N SER A 19  ? N SER A 14  O SER A 56  ? O SER A 51  
AB 2 3 N THR A 71  ? N THR A 66  O GLU A 138 ? O GLU A 133 
AC 1 2 N TRP A 41  ? N TRP A 36  O ILE A 136 ? O ILE A 131 
# 
_pdbx_validate_torsion.id              1 
_pdbx_validate_torsion.PDB_model_num   1 
_pdbx_validate_torsion.auth_comp_id    ASP 
_pdbx_validate_torsion.auth_asym_id    A 
_pdbx_validate_torsion.auth_seq_id     22 
_pdbx_validate_torsion.PDB_ins_code    ? 
_pdbx_validate_torsion.label_alt_id    ? 
_pdbx_validate_torsion.phi             -118.67 
_pdbx_validate_torsion.psi             69.60 
# 
_pdbx_database_remark.id     700 
_pdbx_database_remark.text   
;
SHEET
THE SHEET STRUCTURE OF THIS MOLECULE IS BIFURCATED. IN
ORDER TO REPRESENT THIS FEATURE IN THE SHEET RECORDS BELOW,
TWO SHEETS ARE DEFINED.
;
# 
loop_
_pdbx_unobs_or_zero_occ_residues.id 
_pdbx_unobs_or_zero_occ_residues.PDB_model_num 
_pdbx_unobs_or_zero_occ_residues.polymer_flag 
_pdbx_unobs_or_zero_occ_residues.occupancy_flag 
_pdbx_unobs_or_zero_occ_residues.auth_asym_id 
_pdbx_unobs_or_zero_occ_residues.auth_comp_id 
_pdbx_unobs_or_zero_occ_residues.auth_seq_id 
_pdbx_unobs_or_zero_occ_residues.PDB_ins_code 
_pdbx_unobs_or_zero_occ_residues.label_asym_id 
_pdbx_unobs_or_zero_occ_residues.label_comp_id 
_pdbx_unobs_or_zero_occ_residues.label_seq_id 
1 1 Y 1 A GLY -4 ? A GLY 1 
2 1 Y 1 A MET -3 ? A MET 2 
3 1 Y 1 A ALA -2 ? A ALA 3 
4 1 Y 1 A SER -1 ? A SER 4 
5 1 Y 1 A ALA 0  ? A ALA 5 
6 1 Y 1 A ILE 1  ? A ILE 6 
# 
loop_
_chem_comp_atom.comp_id 
_chem_comp_atom.atom_id 
_chem_comp_atom.type_symbol 
_chem_comp_atom.pdbx_aromatic_flag 
_chem_comp_atom.pdbx_stereo_config 
_chem_comp_atom.pdbx_ordinal 
ALA N    N  N N 1   
ALA CA   C  N S 2   
ALA C    C  N N 3   
ALA O    O  N N 4   
ALA CB   C  N N 5   
ALA OXT  O  N N 6   
ALA H    H  N N 7   
ALA H2   H  N N 8   
ALA HA   H  N N 9   
ALA HB1  H  N N 10  
ALA HB2  H  N N 11  
ALA HB3  H  N N 12  
ALA HXT  H  N N 13  
ARG N    N  N N 14  
ARG CA   C  N S 15  
ARG C    C  N N 16  
ARG O    O  N N 17  
ARG CB   C  N N 18  
ARG CG   C  N N 19  
ARG CD   C  N N 20  
ARG NE   N  N N 21  
ARG CZ   C  N N 22  
ARG NH1  N  N N 23  
ARG NH2  N  N N 24  
ARG OXT  O  N N 25  
ARG H    H  N N 26  
ARG H2   H  N N 27  
ARG HA   H  N N 28  
ARG HB2  H  N N 29  
ARG HB3  H  N N 30  
ARG HG2  H  N N 31  
ARG HG3  H  N N 32  
ARG HD2  H  N N 33  
ARG HD3  H  N N 34  
ARG HE   H  N N 35  
ARG HH11 H  N N 36  
ARG HH12 H  N N 37  
ARG HH21 H  N N 38  
ARG HH22 H  N N 39  
ARG HXT  H  N N 40  
ASN N    N  N N 41  
ASN CA   C  N S 42  
ASN C    C  N N 43  
ASN O    O  N N 44  
ASN CB   C  N N 45  
ASN CG   C  N N 46  
ASN OD1  O  N N 47  
ASN ND2  N  N N 48  
ASN OXT  O  N N 49  
ASN H    H  N N 50  
ASN H2   H  N N 51  
ASN HA   H  N N 52  
ASN HB2  H  N N 53  
ASN HB3  H  N N 54  
ASN HD21 H  N N 55  
ASN HD22 H  N N 56  
ASN HXT  H  N N 57  
ASP N    N  N N 58  
ASP CA   C  N S 59  
ASP C    C  N N 60  
ASP O    O  N N 61  
ASP CB   C  N N 62  
ASP CG   C  N N 63  
ASP OD1  O  N N 64  
ASP OD2  O  N N 65  
ASP OXT  O  N N 66  
ASP H    H  N N 67  
ASP H2   H  N N 68  
ASP HA   H  N N 69  
ASP HB2  H  N N 70  
ASP HB3  H  N N 71  
ASP HD2  H  N N 72  
ASP HXT  H  N N 73  
CA  CA   CA N N 74  
GAL C1   C  N R 75  
GAL C2   C  N R 76  
GAL C3   C  N S 77  
GAL C4   C  N R 78  
GAL C5   C  N R 79  
GAL C6   C  N N 80  
GAL O1   O  N N 81  
GAL O2   O  N N 82  
GAL O3   O  N N 83  
GAL O4   O  N N 84  
GAL O5   O  N N 85  
GAL O6   O  N N 86  
GAL H1   H  N N 87  
GAL H2   H  N N 88  
GAL H3   H  N N 89  
GAL H4   H  N N 90  
GAL H5   H  N N 91  
GAL H61  H  N N 92  
GAL H62  H  N N 93  
GAL HO1  H  N N 94  
GAL HO2  H  N N 95  
GAL HO3  H  N N 96  
GAL HO4  H  N N 97  
GAL HO6  H  N N 98  
GLN N    N  N N 99  
GLN CA   C  N S 100 
GLN C    C  N N 101 
GLN O    O  N N 102 
GLN CB   C  N N 103 
GLN CG   C  N N 104 
GLN CD   C  N N 105 
GLN OE1  O  N N 106 
GLN NE2  N  N N 107 
GLN OXT  O  N N 108 
GLN H    H  N N 109 
GLN H2   H  N N 110 
GLN HA   H  N N 111 
GLN HB2  H  N N 112 
GLN HB3  H  N N 113 
GLN HG2  H  N N 114 
GLN HG3  H  N N 115 
GLN HE21 H  N N 116 
GLN HE22 H  N N 117 
GLN HXT  H  N N 118 
GLU N    N  N N 119 
GLU CA   C  N S 120 
GLU C    C  N N 121 
GLU O    O  N N 122 
GLU CB   C  N N 123 
GLU CG   C  N N 124 
GLU CD   C  N N 125 
GLU OE1  O  N N 126 
GLU OE2  O  N N 127 
GLU OXT  O  N N 128 
GLU H    H  N N 129 
GLU H2   H  N N 130 
GLU HA   H  N N 131 
GLU HB2  H  N N 132 
GLU HB3  H  N N 133 
GLU HG2  H  N N 134 
GLU HG3  H  N N 135 
GLU HE2  H  N N 136 
GLU HXT  H  N N 137 
GLY N    N  N N 138 
GLY CA   C  N N 139 
GLY C    C  N N 140 
GLY O    O  N N 141 
GLY OXT  O  N N 142 
GLY H    H  N N 143 
GLY H2   H  N N 144 
GLY HA2  H  N N 145 
GLY HA3  H  N N 146 
GLY HXT  H  N N 147 
HIS N    N  N N 148 
HIS CA   C  N S 149 
HIS C    C  N N 150 
HIS O    O  N N 151 
HIS CB   C  N N 152 
HIS CG   C  Y N 153 
HIS ND1  N  Y N 154 
HIS CD2  C  Y N 155 
HIS CE1  C  Y N 156 
HIS NE2  N  Y N 157 
HIS OXT  O  N N 158 
HIS H    H  N N 159 
HIS H2   H  N N 160 
HIS HA   H  N N 161 
HIS HB2  H  N N 162 
HIS HB3  H  N N 163 
HIS HD1  H  N N 164 
HIS HD2  H  N N 165 
HIS HE1  H  N N 166 
HIS HE2  H  N N 167 
HIS HXT  H  N N 168 
HOH O    O  N N 169 
HOH H1   H  N N 170 
HOH H2   H  N N 171 
ILE N    N  N N 172 
ILE CA   C  N S 173 
ILE C    C  N N 174 
ILE O    O  N N 175 
ILE CB   C  N S 176 
ILE CG1  C  N N 177 
ILE CG2  C  N N 178 
ILE CD1  C  N N 179 
ILE OXT  O  N N 180 
ILE H    H  N N 181 
ILE H2   H  N N 182 
ILE HA   H  N N 183 
ILE HB   H  N N 184 
ILE HG12 H  N N 185 
ILE HG13 H  N N 186 
ILE HG21 H  N N 187 
ILE HG22 H  N N 188 
ILE HG23 H  N N 189 
ILE HD11 H  N N 190 
ILE HD12 H  N N 191 
ILE HD13 H  N N 192 
ILE HXT  H  N N 193 
LEU N    N  N N 194 
LEU CA   C  N S 195 
LEU C    C  N N 196 
LEU O    O  N N 197 
LEU CB   C  N N 198 
LEU CG   C  N N 199 
LEU CD1  C  N N 200 
LEU CD2  C  N N 201 
LEU OXT  O  N N 202 
LEU H    H  N N 203 
LEU H2   H  N N 204 
LEU HA   H  N N 205 
LEU HB2  H  N N 206 
LEU HB3  H  N N 207 
LEU HG   H  N N 208 
LEU HD11 H  N N 209 
LEU HD12 H  N N 210 
LEU HD13 H  N N 211 
LEU HD21 H  N N 212 
LEU HD22 H  N N 213 
LEU HD23 H  N N 214 
LEU HXT  H  N N 215 
LYS N    N  N N 216 
LYS CA   C  N S 217 
LYS C    C  N N 218 
LYS O    O  N N 219 
LYS CB   C  N N 220 
LYS CG   C  N N 221 
LYS CD   C  N N 222 
LYS CE   C  N N 223 
LYS NZ   N  N N 224 
LYS OXT  O  N N 225 
LYS H    H  N N 226 
LYS H2   H  N N 227 
LYS HA   H  N N 228 
LYS HB2  H  N N 229 
LYS HB3  H  N N 230 
LYS HG2  H  N N 231 
LYS HG3  H  N N 232 
LYS HD2  H  N N 233 
LYS HD3  H  N N 234 
LYS HE2  H  N N 235 
LYS HE3  H  N N 236 
LYS HZ1  H  N N 237 
LYS HZ2  H  N N 238 
LYS HZ3  H  N N 239 
LYS HXT  H  N N 240 
MET N    N  N N 241 
MET CA   C  N S 242 
MET C    C  N N 243 
MET O    O  N N 244 
MET CB   C  N N 245 
MET CG   C  N N 246 
MET SD   S  N N 247 
MET CE   C  N N 248 
MET OXT  O  N N 249 
MET H    H  N N 250 
MET H2   H  N N 251 
MET HA   H  N N 252 
MET HB2  H  N N 253 
MET HB3  H  N N 254 
MET HG2  H  N N 255 
MET HG3  H  N N 256 
MET HE1  H  N N 257 
MET HE2  H  N N 258 
MET HE3  H  N N 259 
MET HXT  H  N N 260 
PHE N    N  N N 261 
PHE CA   C  N S 262 
PHE C    C  N N 263 
PHE O    O  N N 264 
PHE CB   C  N N 265 
PHE CG   C  Y N 266 
PHE CD1  C  Y N 267 
PHE CD2  C  Y N 268 
PHE CE1  C  Y N 269 
PHE CE2  C  Y N 270 
PHE CZ   C  Y N 271 
PHE OXT  O  N N 272 
PHE H    H  N N 273 
PHE H2   H  N N 274 
PHE HA   H  N N 275 
PHE HB2  H  N N 276 
PHE HB3  H  N N 277 
PHE HD1  H  N N 278 
PHE HD2  H  N N 279 
PHE HE1  H  N N 280 
PHE HE2  H  N N 281 
PHE HZ   H  N N 282 
PHE HXT  H  N N 283 
PRO N    N  N N 284 
PRO CA   C  N S 285 
PRO C    C  N N 286 
PRO O    O  N N 287 
PRO CB   C  N N 288 
PRO CG   C  N N 289 
PRO CD   C  N N 290 
PRO OXT  O  N N 291 
PRO H    H  N N 292 
PRO HA   H  N N 293 
PRO HB2  H  N N 294 
PRO HB3  H  N N 295 
PRO HG2  H  N N 296 
PRO HG3  H  N N 297 
PRO HD2  H  N N 298 
PRO HD3  H  N N 299 
PRO HXT  H  N N 300 
SER N    N  N N 301 
SER CA   C  N S 302 
SER C    C  N N 303 
SER O    O  N N 304 
SER CB   C  N N 305 
SER OG   O  N N 306 
SER OXT  O  N N 307 
SER H    H  N N 308 
SER H2   H  N N 309 
SER HA   H  N N 310 
SER HB2  H  N N 311 
SER HB3  H  N N 312 
SER HG   H  N N 313 
SER HXT  H  N N 314 
THR N    N  N N 315 
THR CA   C  N S 316 
THR C    C  N N 317 
THR O    O  N N 318 
THR CB   C  N R 319 
THR OG1  O  N N 320 
THR CG2  C  N N 321 
THR OXT  O  N N 322 
THR H    H  N N 323 
THR H2   H  N N 324 
THR HA   H  N N 325 
THR HB   H  N N 326 
THR HG1  H  N N 327 
THR HG21 H  N N 328 
THR HG22 H  N N 329 
THR HG23 H  N N 330 
THR HXT  H  N N 331 
TRP N    N  N N 332 
TRP CA   C  N S 333 
TRP C    C  N N 334 
TRP O    O  N N 335 
TRP CB   C  N N 336 
TRP CG   C  Y N 337 
TRP CD1  C  Y N 338 
TRP CD2  C  Y N 339 
TRP NE1  N  Y N 340 
TRP CE2  C  Y N 341 
TRP CE3  C  Y N 342 
TRP CZ2  C  Y N 343 
TRP CZ3  C  Y N 344 
TRP CH2  C  Y N 345 
TRP OXT  O  N N 346 
TRP H    H  N N 347 
TRP H2   H  N N 348 
TRP HA   H  N N 349 
TRP HB2  H  N N 350 
TRP HB3  H  N N 351 
TRP HD1  H  N N 352 
TRP HE1  H  N N 353 
TRP HE3  H  N N 354 
TRP HZ2  H  N N 355 
TRP HZ3  H  N N 356 
TRP HH2  H  N N 357 
TRP HXT  H  N N 358 
TYR N    N  N N 359 
TYR CA   C  N S 360 
TYR C    C  N N 361 
TYR O    O  N N 362 
TYR CB   C  N N 363 
TYR CG   C  Y N 364 
TYR CD1  C  Y N 365 
TYR CD2  C  Y N 366 
TYR CE1  C  Y N 367 
TYR CE2  C  Y N 368 
TYR CZ   C  Y N 369 
TYR OH   O  N N 370 
TYR OXT  O  N N 371 
TYR H    H  N N 372 
TYR H2   H  N N 373 
TYR HA   H  N N 374 
TYR HB2  H  N N 375 
TYR HB3  H  N N 376 
TYR HD1  H  N N 377 
TYR HD2  H  N N 378 
TYR HE1  H  N N 379 
TYR HE2  H  N N 380 
TYR HH   H  N N 381 
TYR HXT  H  N N 382 
VAL N    N  N N 383 
VAL CA   C  N S 384 
VAL C    C  N N 385 
VAL O    O  N N 386 
VAL CB   C  N N 387 
VAL CG1  C  N N 388 
VAL CG2  C  N N 389 
VAL OXT  O  N N 390 
VAL H    H  N N 391 
VAL H2   H  N N 392 
VAL HA   H  N N 393 
VAL HB   H  N N 394 
VAL HG11 H  N N 395 
VAL HG12 H  N N 396 
VAL HG13 H  N N 397 
VAL HG21 H  N N 398 
VAL HG22 H  N N 399 
VAL HG23 H  N N 400 
VAL HXT  H  N N 401 
# 
loop_
_chem_comp_bond.comp_id 
_chem_comp_bond.atom_id_1 
_chem_comp_bond.atom_id_2 
_chem_comp_bond.value_order 
_chem_comp_bond.pdbx_aromatic_flag 
_chem_comp_bond.pdbx_stereo_config 
_chem_comp_bond.pdbx_ordinal 
ALA N   CA   sing N N 1   
ALA N   H    sing N N 2   
ALA N   H2   sing N N 3   
ALA CA  C    sing N N 4   
ALA CA  CB   sing N N 5   
ALA CA  HA   sing N N 6   
ALA C   O    doub N N 7   
ALA C   OXT  sing N N 8   
ALA CB  HB1  sing N N 9   
ALA CB  HB2  sing N N 10  
ALA CB  HB3  sing N N 11  
ALA OXT HXT  sing N N 12  
ARG N   CA   sing N N 13  
ARG N   H    sing N N 14  
ARG N   H2   sing N N 15  
ARG CA  C    sing N N 16  
ARG CA  CB   sing N N 17  
ARG CA  HA   sing N N 18  
ARG C   O    doub N N 19  
ARG C   OXT  sing N N 20  
ARG CB  CG   sing N N 21  
ARG CB  HB2  sing N N 22  
ARG CB  HB3  sing N N 23  
ARG CG  CD   sing N N 24  
ARG CG  HG2  sing N N 25  
ARG CG  HG3  sing N N 26  
ARG CD  NE   sing N N 27  
ARG CD  HD2  sing N N 28  
ARG CD  HD3  sing N N 29  
ARG NE  CZ   sing N N 30  
ARG NE  HE   sing N N 31  
ARG CZ  NH1  sing N N 32  
ARG CZ  NH2  doub N N 33  
ARG NH1 HH11 sing N N 34  
ARG NH1 HH12 sing N N 35  
ARG NH2 HH21 sing N N 36  
ARG NH2 HH22 sing N N 37  
ARG OXT HXT  sing N N 38  
ASN N   CA   sing N N 39  
ASN N   H    sing N N 40  
ASN N   H2   sing N N 41  
ASN CA  C    sing N N 42  
ASN CA  CB   sing N N 43  
ASN CA  HA   sing N N 44  
ASN C   O    doub N N 45  
ASN C   OXT  sing N N 46  
ASN CB  CG   sing N N 47  
ASN CB  HB2  sing N N 48  
ASN CB  HB3  sing N N 49  
ASN CG  OD1  doub N N 50  
ASN CG  ND2  sing N N 51  
ASN ND2 HD21 sing N N 52  
ASN ND2 HD22 sing N N 53  
ASN OXT HXT  sing N N 54  
ASP N   CA   sing N N 55  
ASP N   H    sing N N 56  
ASP N   H2   sing N N 57  
ASP CA  C    sing N N 58  
ASP CA  CB   sing N N 59  
ASP CA  HA   sing N N 60  
ASP C   O    doub N N 61  
ASP C   OXT  sing N N 62  
ASP CB  CG   sing N N 63  
ASP CB  HB2  sing N N 64  
ASP CB  HB3  sing N N 65  
ASP CG  OD1  doub N N 66  
ASP CG  OD2  sing N N 67  
ASP OD2 HD2  sing N N 68  
ASP OXT HXT  sing N N 69  
GAL C1  C2   sing N N 70  
GAL C1  O1   sing N N 71  
GAL C1  O5   sing N N 72  
GAL C1  H1   sing N N 73  
GAL C2  C3   sing N N 74  
GAL C2  O2   sing N N 75  
GAL C2  H2   sing N N 76  
GAL C3  C4   sing N N 77  
GAL C3  O3   sing N N 78  
GAL C3  H3   sing N N 79  
GAL C4  C5   sing N N 80  
GAL C4  O4   sing N N 81  
GAL C4  H4   sing N N 82  
GAL C5  C6   sing N N 83  
GAL C5  O5   sing N N 84  
GAL C5  H5   sing N N 85  
GAL C6  O6   sing N N 86  
GAL C6  H61  sing N N 87  
GAL C6  H62  sing N N 88  
GAL O1  HO1  sing N N 89  
GAL O2  HO2  sing N N 90  
GAL O3  HO3  sing N N 91  
GAL O4  HO4  sing N N 92  
GAL O6  HO6  sing N N 93  
GLN N   CA   sing N N 94  
GLN N   H    sing N N 95  
GLN N   H2   sing N N 96  
GLN CA  C    sing N N 97  
GLN CA  CB   sing N N 98  
GLN CA  HA   sing N N 99  
GLN C   O    doub N N 100 
GLN C   OXT  sing N N 101 
GLN CB  CG   sing N N 102 
GLN CB  HB2  sing N N 103 
GLN CB  HB3  sing N N 104 
GLN CG  CD   sing N N 105 
GLN CG  HG2  sing N N 106 
GLN CG  HG3  sing N N 107 
GLN CD  OE1  doub N N 108 
GLN CD  NE2  sing N N 109 
GLN NE2 HE21 sing N N 110 
GLN NE2 HE22 sing N N 111 
GLN OXT HXT  sing N N 112 
GLU N   CA   sing N N 113 
GLU N   H    sing N N 114 
GLU N   H2   sing N N 115 
GLU CA  C    sing N N 116 
GLU CA  CB   sing N N 117 
GLU CA  HA   sing N N 118 
GLU C   O    doub N N 119 
GLU C   OXT  sing N N 120 
GLU CB  CG   sing N N 121 
GLU CB  HB2  sing N N 122 
GLU CB  HB3  sing N N 123 
GLU CG  CD   sing N N 124 
GLU CG  HG2  sing N N 125 
GLU CG  HG3  sing N N 126 
GLU CD  OE1  doub N N 127 
GLU CD  OE2  sing N N 128 
GLU OE2 HE2  sing N N 129 
GLU OXT HXT  sing N N 130 
GLY N   CA   sing N N 131 
GLY N   H    sing N N 132 
GLY N   H2   sing N N 133 
GLY CA  C    sing N N 134 
GLY CA  HA2  sing N N 135 
GLY CA  HA3  sing N N 136 
GLY C   O    doub N N 137 
GLY C   OXT  sing N N 138 
GLY OXT HXT  sing N N 139 
HIS N   CA   sing N N 140 
HIS N   H    sing N N 141 
HIS N   H2   sing N N 142 
HIS CA  C    sing N N 143 
HIS CA  CB   sing N N 144 
HIS CA  HA   sing N N 145 
HIS C   O    doub N N 146 
HIS C   OXT  sing N N 147 
HIS CB  CG   sing N N 148 
HIS CB  HB2  sing N N 149 
HIS CB  HB3  sing N N 150 
HIS CG  ND1  sing Y N 151 
HIS CG  CD2  doub Y N 152 
HIS ND1 CE1  doub Y N 153 
HIS ND1 HD1  sing N N 154 
HIS CD2 NE2  sing Y N 155 
HIS CD2 HD2  sing N N 156 
HIS CE1 NE2  sing Y N 157 
HIS CE1 HE1  sing N N 158 
HIS NE2 HE2  sing N N 159 
HIS OXT HXT  sing N N 160 
HOH O   H1   sing N N 161 
HOH O   H2   sing N N 162 
ILE N   CA   sing N N 163 
ILE N   H    sing N N 164 
ILE N   H2   sing N N 165 
ILE CA  C    sing N N 166 
ILE CA  CB   sing N N 167 
ILE CA  HA   sing N N 168 
ILE C   O    doub N N 169 
ILE C   OXT  sing N N 170 
ILE CB  CG1  sing N N 171 
ILE CB  CG2  sing N N 172 
ILE CB  HB   sing N N 173 
ILE CG1 CD1  sing N N 174 
ILE CG1 HG12 sing N N 175 
ILE CG1 HG13 sing N N 176 
ILE CG2 HG21 sing N N 177 
ILE CG2 HG22 sing N N 178 
ILE CG2 HG23 sing N N 179 
ILE CD1 HD11 sing N N 180 
ILE CD1 HD12 sing N N 181 
ILE CD1 HD13 sing N N 182 
ILE OXT HXT  sing N N 183 
LEU N   CA   sing N N 184 
LEU N   H    sing N N 185 
LEU N   H2   sing N N 186 
LEU CA  C    sing N N 187 
LEU CA  CB   sing N N 188 
LEU CA  HA   sing N N 189 
LEU C   O    doub N N 190 
LEU C   OXT  sing N N 191 
LEU CB  CG   sing N N 192 
LEU CB  HB2  sing N N 193 
LEU CB  HB3  sing N N 194 
LEU CG  CD1  sing N N 195 
LEU CG  CD2  sing N N 196 
LEU CG  HG   sing N N 197 
LEU CD1 HD11 sing N N 198 
LEU CD1 HD12 sing N N 199 
LEU CD1 HD13 sing N N 200 
LEU CD2 HD21 sing N N 201 
LEU CD2 HD22 sing N N 202 
LEU CD2 HD23 sing N N 203 
LEU OXT HXT  sing N N 204 
LYS N   CA   sing N N 205 
LYS N   H    sing N N 206 
LYS N   H2   sing N N 207 
LYS CA  C    sing N N 208 
LYS CA  CB   sing N N 209 
LYS CA  HA   sing N N 210 
LYS C   O    doub N N 211 
LYS C   OXT  sing N N 212 
LYS CB  CG   sing N N 213 
LYS CB  HB2  sing N N 214 
LYS CB  HB3  sing N N 215 
LYS CG  CD   sing N N 216 
LYS CG  HG2  sing N N 217 
LYS CG  HG3  sing N N 218 
LYS CD  CE   sing N N 219 
LYS CD  HD2  sing N N 220 
LYS CD  HD3  sing N N 221 
LYS CE  NZ   sing N N 222 
LYS CE  HE2  sing N N 223 
LYS CE  HE3  sing N N 224 
LYS NZ  HZ1  sing N N 225 
LYS NZ  HZ2  sing N N 226 
LYS NZ  HZ3  sing N N 227 
LYS OXT HXT  sing N N 228 
MET N   CA   sing N N 229 
MET N   H    sing N N 230 
MET N   H2   sing N N 231 
MET CA  C    sing N N 232 
MET CA  CB   sing N N 233 
MET CA  HA   sing N N 234 
MET C   O    doub N N 235 
MET C   OXT  sing N N 236 
MET CB  CG   sing N N 237 
MET CB  HB2  sing N N 238 
MET CB  HB3  sing N N 239 
MET CG  SD   sing N N 240 
MET CG  HG2  sing N N 241 
MET CG  HG3  sing N N 242 
MET SD  CE   sing N N 243 
MET CE  HE1  sing N N 244 
MET CE  HE2  sing N N 245 
MET CE  HE3  sing N N 246 
MET OXT HXT  sing N N 247 
PHE N   CA   sing N N 248 
PHE N   H    sing N N 249 
PHE N   H2   sing N N 250 
PHE CA  C    sing N N 251 
PHE CA  CB   sing N N 252 
PHE CA  HA   sing N N 253 
PHE C   O    doub N N 254 
PHE C   OXT  sing N N 255 
PHE CB  CG   sing N N 256 
PHE CB  HB2  sing N N 257 
PHE CB  HB3  sing N N 258 
PHE CG  CD1  doub Y N 259 
PHE CG  CD2  sing Y N 260 
PHE CD1 CE1  sing Y N 261 
PHE CD1 HD1  sing N N 262 
PHE CD2 CE2  doub Y N 263 
PHE CD2 HD2  sing N N 264 
PHE CE1 CZ   doub Y N 265 
PHE CE1 HE1  sing N N 266 
PHE CE2 CZ   sing Y N 267 
PHE CE2 HE2  sing N N 268 
PHE CZ  HZ   sing N N 269 
PHE OXT HXT  sing N N 270 
PRO N   CA   sing N N 271 
PRO N   CD   sing N N 272 
PRO N   H    sing N N 273 
PRO CA  C    sing N N 274 
PRO CA  CB   sing N N 275 
PRO CA  HA   sing N N 276 
PRO C   O    doub N N 277 
PRO C   OXT  sing N N 278 
PRO CB  CG   sing N N 279 
PRO CB  HB2  sing N N 280 
PRO CB  HB3  sing N N 281 
PRO CG  CD   sing N N 282 
PRO CG  HG2  sing N N 283 
PRO CG  HG3  sing N N 284 
PRO CD  HD2  sing N N 285 
PRO CD  HD3  sing N N 286 
PRO OXT HXT  sing N N 287 
SER N   CA   sing N N 288 
SER N   H    sing N N 289 
SER N   H2   sing N N 290 
SER CA  C    sing N N 291 
SER CA  CB   sing N N 292 
SER CA  HA   sing N N 293 
SER C   O    doub N N 294 
SER C   OXT  sing N N 295 
SER CB  OG   sing N N 296 
SER CB  HB2  sing N N 297 
SER CB  HB3  sing N N 298 
SER OG  HG   sing N N 299 
SER OXT HXT  sing N N 300 
THR N   CA   sing N N 301 
THR N   H    sing N N 302 
THR N   H2   sing N N 303 
THR CA  C    sing N N 304 
THR CA  CB   sing N N 305 
THR CA  HA   sing N N 306 
THR C   O    doub N N 307 
THR C   OXT  sing N N 308 
THR CB  OG1  sing N N 309 
THR CB  CG2  sing N N 310 
THR CB  HB   sing N N 311 
THR OG1 HG1  sing N N 312 
THR CG2 HG21 sing N N 313 
THR CG2 HG22 sing N N 314 
THR CG2 HG23 sing N N 315 
THR OXT HXT  sing N N 316 
TRP N   CA   sing N N 317 
TRP N   H    sing N N 318 
TRP N   H2   sing N N 319 
TRP CA  C    sing N N 320 
TRP CA  CB   sing N N 321 
TRP CA  HA   sing N N 322 
TRP C   O    doub N N 323 
TRP C   OXT  sing N N 324 
TRP CB  CG   sing N N 325 
TRP CB  HB2  sing N N 326 
TRP CB  HB3  sing N N 327 
TRP CG  CD1  doub Y N 328 
TRP CG  CD2  sing Y N 329 
TRP CD1 NE1  sing Y N 330 
TRP CD1 HD1  sing N N 331 
TRP CD2 CE2  doub Y N 332 
TRP CD2 CE3  sing Y N 333 
TRP NE1 CE2  sing Y N 334 
TRP NE1 HE1  sing N N 335 
TRP CE2 CZ2  sing Y N 336 
TRP CE3 CZ3  doub Y N 337 
TRP CE3 HE3  sing N N 338 
TRP CZ2 CH2  doub Y N 339 
TRP CZ2 HZ2  sing N N 340 
TRP CZ3 CH2  sing Y N 341 
TRP CZ3 HZ3  sing N N 342 
TRP CH2 HH2  sing N N 343 
TRP OXT HXT  sing N N 344 
TYR N   CA   sing N N 345 
TYR N   H    sing N N 346 
TYR N   H2   sing N N 347 
TYR CA  C    sing N N 348 
TYR CA  CB   sing N N 349 
TYR CA  HA   sing N N 350 
TYR C   O    doub N N 351 
TYR C   OXT  sing N N 352 
TYR CB  CG   sing N N 353 
TYR CB  HB2  sing N N 354 
TYR CB  HB3  sing N N 355 
TYR CG  CD1  doub Y N 356 
TYR CG  CD2  sing Y N 357 
TYR CD1 CE1  sing Y N 358 
TYR CD1 HD1  sing N N 359 
TYR CD2 CE2  doub Y N 360 
TYR CD2 HD2  sing N N 361 
TYR CE1 CZ   doub Y N 362 
TYR CE1 HE1  sing N N 363 
TYR CE2 CZ   sing Y N 364 
TYR CE2 HE2  sing N N 365 
TYR CZ  OH   sing N N 366 
TYR OH  HH   sing N N 367 
TYR OXT HXT  sing N N 368 
VAL N   CA   sing N N 369 
VAL N   H    sing N N 370 
VAL N   H2   sing N N 371 
VAL CA  C    sing N N 372 
VAL CA  CB   sing N N 373 
VAL CA  HA   sing N N 374 
VAL C   O    doub N N 375 
VAL C   OXT  sing N N 376 
VAL CB  CG1  sing N N 377 
VAL CB  CG2  sing N N 378 
VAL CB  HB   sing N N 379 
VAL CG1 HG11 sing N N 380 
VAL CG1 HG12 sing N N 381 
VAL CG1 HG13 sing N N 382 
VAL CG2 HG21 sing N N 383 
VAL CG2 HG22 sing N N 384 
VAL CG2 HG23 sing N N 385 
VAL OXT HXT  sing N N 386 
# 
_atom_sites.entry_id                    2V72 
_atom_sites.fract_transf_matrix[1][1]   -0.01329971 
_atom_sites.fract_transf_matrix[1][2]   -0.01954678 
_atom_sites.fract_transf_matrix[1][3]   -0.00091473 
_atom_sites.fract_transf_matrix[2][1]   -0.01413789 
_atom_sites.fract_transf_matrix[2][2]   0.01023125 
_atom_sites.fract_transf_matrix[2][3]   -0.01307285 
_atom_sites.fract_transf_matrix[3][1]   0.00744089 
_atom_sites.fract_transf_matrix[3][2]   -0.00452066 
_atom_sites.fract_transf_matrix[3][3]   -0.01158511 
_atom_sites.fract_transf_vector[1]      0.405116 
_atom_sites.fract_transf_vector[2]      0.041105 
_atom_sites.fract_transf_vector[3]      0.136150 
# 
loop_
_atom_type.symbol 
C  
CA 
N  
O  
S  
# 
loop_
_atom_site.group_PDB 
_atom_site.id 
_atom_site.type_symbol 
_atom_site.label_atom_id 
_atom_site.label_alt_id 
_atom_site.label_comp_id 
_atom_site.label_asym_id 
_atom_site.label_entity_id 
_atom_site.label_seq_id 
_atom_site.pdbx_PDB_ins_code 
_atom_site.Cartn_x 
_atom_site.Cartn_y 
_atom_site.Cartn_z 
_atom_site.occupancy 
_atom_site.B_iso_or_equiv 
_atom_site.pdbx_formal_charge 
_atom_site.auth_seq_id 
_atom_site.auth_comp_id 
_atom_site.auth_asym_id 
_atom_site.auth_atom_id 
_atom_site.pdbx_PDB_model_num 
ATOM   1    N  N   . ILE A 1 7   ? 2.670   -16.667 16.390  1.00 56.02 ? 2    ILE A N   1 
ATOM   2    C  CA  . ILE A 1 7   ? 1.405   -16.734 15.607  1.00 55.89 ? 2    ILE A CA  1 
ATOM   3    C  C   . ILE A 1 7   ? 1.013   -15.411 14.962  1.00 55.84 ? 2    ILE A C   1 
ATOM   4    O  O   . ILE A 1 7   ? 0.869   -14.384 15.636  1.00 56.07 ? 2    ILE A O   1 
ATOM   5    N  N   . GLU A 1 8   ? 0.852   -15.444 13.644  1.00 55.23 ? 3    GLU A N   1 
ATOM   6    C  CA  . GLU A 1 8   ? 0.354   -14.309 12.871  1.00 54.65 ? 3    GLU A CA  1 
ATOM   7    C  C   . GLU A 1 8   ? -0.360  -14.894 11.661  1.00 53.83 ? 3    GLU A C   1 
ATOM   8    O  O   . GLU A 1 8   ? -0.005  -15.983 11.195  1.00 53.75 ? 3    GLU A O   1 
ATOM   9    C  CB  . GLU A 1 8   ? 1.499   -13.380 12.457  1.00 54.66 ? 3    GLU A CB  1 
ATOM   10   C  CG  . GLU A 1 8   ? 1.093   -11.930 12.212  1.00 55.05 ? 3    GLU A CG  1 
ATOM   11   C  CD  . GLU A 1 8   ? 2.276   -11.021 11.873  1.00 55.25 ? 3    GLU A CD  1 
ATOM   12   O  OE1 . GLU A 1 8   ? 3.379   -11.543 11.577  1.00 57.53 ? 3    GLU A OE1 1 
ATOM   13   O  OE2 . GLU A 1 8   ? 2.103   -9.778  11.900  1.00 54.93 ? 3    GLU A OE2 1 
ATOM   14   N  N   . THR A 1 9   ? -1.376  -14.186 11.172  1.00 52.99 ? 4    THR A N   1 
ATOM   15   C  CA  . THR A 1 9   ? -2.261  -14.707 10.126  1.00 52.10 ? 4    THR A CA  1 
ATOM   16   C  C   . THR A 1 9   ? -2.423  -13.697 8.992   1.00 51.16 ? 4    THR A C   1 
ATOM   17   O  O   . THR A 1 9   ? -2.595  -12.502 9.231   1.00 51.04 ? 4    THR A O   1 
ATOM   18   C  CB  . THR A 1 9   ? -3.657  -15.072 10.705  1.00 52.38 ? 4    THR A CB  1 
ATOM   19   O  OG1 . THR A 1 9   ? -3.500  -15.850 11.904  1.00 53.60 ? 4    THR A OG1 1 
ATOM   20   C  CG2 . THR A 1 9   ? -4.479  -15.872 9.707   1.00 52.29 ? 4    THR A CG2 1 
ATOM   21   N  N   . ALA A 1 10  ? -2.370  -14.188 7.760   1.00 50.07 ? 5    ALA A N   1 
ATOM   22   C  CA  . ALA A 1 10  ? -2.515  -13.344 6.580   1.00 49.32 ? 5    ALA A CA  1 
ATOM   23   C  C   . ALA A 1 10  ? -3.981  -13.204 6.186   1.00 48.78 ? 5    ALA A C   1 
ATOM   24   O  O   . ALA A 1 10  ? -4.679  -14.205 6.000   1.00 48.67 ? 5    ALA A O   1 
ATOM   25   C  CB  . ALA A 1 10  ? -1.704  -13.914 5.422   1.00 48.97 ? 5    ALA A CB  1 
ATOM   26   N  N   . ILE A 1 11  ? -4.451  -11.963 6.072   1.00 48.28 ? 6    ILE A N   1 
ATOM   27   C  CA  . ILE A 1 11  ? -5.795  -11.708 5.557   1.00 47.67 ? 6    ILE A CA  1 
ATOM   28   C  C   . ILE A 1 11  ? -5.814  -12.054 4.064   1.00 47.68 ? 6    ILE A C   1 
ATOM   29   O  O   . ILE A 1 11  ? -4.976  -11.562 3.302   1.00 47.42 ? 6    ILE A O   1 
ATOM   30   C  CB  . ILE A 1 11  ? -6.255  -10.239 5.790   1.00 47.67 ? 6    ILE A CB  1 
ATOM   31   C  CG1 . ILE A 1 11  ? -6.276  -9.907  7.290   1.00 47.38 ? 6    ILE A CG1 1 
ATOM   32   C  CG2 . ILE A 1 11  ? -7.639  -9.998  5.160   1.00 47.57 ? 6    ILE A CG2 1 
ATOM   33   C  CD1 . ILE A 1 11  ? -6.265  -8.415  7.608   1.00 46.90 ? 6    ILE A CD1 1 
ATOM   34   N  N   . PRO A 1 12  ? -6.755  -12.922 3.646   1.00 47.60 ? 7    PRO A N   1 
ATOM   35   C  CA  . PRO A 1 12  ? -6.860  -13.243 2.231   1.00 48.01 ? 7    PRO A CA  1 
ATOM   36   C  C   . PRO A 1 12  ? -7.086  -11.973 1.414   1.00 48.47 ? 7    PRO A C   1 
ATOM   37   O  O   . PRO A 1 12  ? -7.957  -11.160 1.749   1.00 48.53 ? 7    PRO A O   1 
ATOM   38   C  CB  . PRO A 1 12  ? -8.088  -14.156 2.164   1.00 48.03 ? 7    PRO A CB  1 
ATOM   39   C  CG  . PRO A 1 12  ? -8.225  -14.714 3.540   1.00 47.70 ? 7    PRO A CG  1 
ATOM   40   C  CD  . PRO A 1 12  ? -7.761  -13.635 4.451   1.00 47.48 ? 7    PRO A CD  1 
ATOM   41   N  N   . GLN A 1 13  ? -6.268  -11.804 0.376   1.00 48.63 ? 8    GLN A N   1 
ATOM   42   C  CA  . GLN A 1 13  ? -6.337  -10.664 -0.526  1.00 48.77 ? 8    GLN A CA  1 
ATOM   43   C  C   . GLN A 1 13  ? -7.616  -10.689 -1.358  1.00 48.97 ? 8    GLN A C   1 
ATOM   44   O  O   . GLN A 1 13  ? -8.078  -9.644  -1.820  1.00 48.61 ? 8    GLN A O   1 
ATOM   45   C  CB  . GLN A 1 13  ? -5.110  -10.637 -1.446  1.00 48.72 ? 8    GLN A CB  1 
ATOM   46   C  CG  . GLN A 1 13  ? -3.808  -10.223 -0.760  1.00 48.82 ? 8    GLN A CG  1 
ATOM   47   C  CD  . GLN A 1 13  ? -2.630  -10.158 -1.720  1.00 48.51 ? 8    GLN A CD  1 
ATOM   48   O  OE1 . GLN A 1 13  ? -2.432  -11.054 -2.530  1.00 49.08 ? 8    GLN A OE1 1 
ATOM   49   N  NE2 . GLN A 1 13  ? -1.840  -9.096  -1.624  1.00 48.05 ? 8    GLN A NE2 1 
ATOM   50   N  N   . SER A 1 14  ? -8.181  -11.882 -1.540  1.00 49.32 ? 9    SER A N   1 
ATOM   51   C  CA  . SER A 1 14  ? -9.449  -12.043 -2.257  1.00 49.75 ? 9    SER A CA  1 
ATOM   52   C  C   . SER A 1 14  ? -10.605 -11.395 -1.491  1.00 49.98 ? 9    SER A C   1 
ATOM   53   O  O   . SER A 1 14  ? -11.636 -11.073 -2.078  1.00 50.51 ? 9    SER A O   1 
ATOM   54   C  CB  . SER A 1 14  ? -9.748  -13.520 -2.521  1.00 49.51 ? 9    SER A CB  1 
ATOM   55   O  OG  . SER A 1 14  ? -10.195 -14.164 -1.344  1.00 49.81 ? 9    SER A OG  1 
ATOM   56   N  N   . GLU A 1 15  ? -10.423 -11.209 -0.184  1.00 50.02 ? 10   GLU A N   1 
ATOM   57   C  CA  . GLU A 1 15  ? -11.393 -10.510 0.658   1.00 50.09 ? 10   GLU A CA  1 
ATOM   58   C  C   . GLU A 1 15  ? -11.166 -9.000  0.646   1.00 49.79 ? 10   GLU A C   1 
ATOM   59   O  O   . GLU A 1 15  ? -11.921 -8.225  1.247   1.00 49.88 ? 10   GLU A O   1 
ATOM   60   C  CB  . GLU A 1 15  ? -11.339 -11.048 2.085   1.00 50.23 ? 10   GLU A CB  1 
ATOM   61   C  CG  . GLU A 1 15  ? -12.242 -12.245 2.304   1.00 51.89 ? 10   GLU A CG  1 
ATOM   62   C  CD  . GLU A 1 15  ? -11.852 -13.059 3.513   1.00 54.11 ? 10   GLU A CD  1 
ATOM   63   O  OE1 . GLU A 1 15  ? -11.467 -12.453 4.535   1.00 54.47 ? 10   GLU A OE1 1 
ATOM   64   O  OE2 . GLU A 1 15  ? -11.925 -14.309 3.438   1.00 55.26 ? 10   GLU A OE2 1 
ATOM   65   N  N   . MET A 1 16  ? -10.118 -8.587  -0.050  1.00 49.51 ? 11   MET A N   1 
ATOM   66   C  CA  . MET A 1 16  ? -9.795  -7.178  -0.172  1.00 49.01 ? 11   MET A CA  1 
ATOM   67   C  C   . MET A 1 16  ? -10.294 -6.638  -1.498  1.00 48.65 ? 11   MET A C   1 
ATOM   68   O  O   . MET A 1 16  ? -10.545 -7.397  -2.434  1.00 48.33 ? 11   MET A O   1 
ATOM   69   C  CB  . MET A 1 16  ? -8.282  -6.954  -0.053  1.00 49.07 ? 11   MET A CB  1 
ATOM   70   C  CG  . MET A 1 16  ? -7.645  -7.582  1.184   1.00 48.31 ? 11   MET A CG  1 
ATOM   71   S  SD  . MET A 1 16  ? -5.870  -7.338  1.148   1.00 48.72 ? 11   MET A SD  1 
ATOM   72   C  CE  . MET A 1 16  ? -5.393  -8.129  2.688   1.00 47.76 ? 11   MET A CE  1 
ATOM   73   N  N   . THR A 1 17  ? -10.465 -5.319  -1.537  1.00 48.41 ? 12   THR A N   1 
ATOM   74   C  CA  . THR A 1 17  ? -10.739 -4.569  -2.752  1.00 48.37 ? 12   THR A CA  1 
ATOM   75   C  C   . THR A 1 17  ? -9.845  -3.353  -2.668  1.00 48.00 ? 12   THR A C   1 
ATOM   76   O  O   . THR A 1 17  ? -9.602  -2.834  -1.574  1.00 47.72 ? 12   THR A O   1 
ATOM   77   C  CB  . THR A 1 17  ? -12.205 -4.100  -2.847  1.00 48.46 ? 12   THR A CB  1 
ATOM   78   O  OG1 . THR A 1 17  ? -12.605 -3.537  -1.596  1.00 49.82 ? 12   THR A OG1 1 
ATOM   79   C  CG2 . THR A 1 17  ? -13.129 -5.258  -3.177  1.00 49.18 ? 12   THR A CG2 1 
ATOM   80   N  N   . ALA A 1 18  ? -9.352  -2.903  -3.818  1.00 47.59 ? 13   ALA A N   1 
ATOM   81   C  CA  . ALA A 1 18  ? -8.380  -1.826  -3.850  1.00 47.51 ? 13   ALA A CA  1 
ATOM   82   C  C   . ALA A 1 18  ? -8.843  -0.634  -4.678  1.00 47.46 ? 13   ALA A C   1 
ATOM   83   O  O   . ALA A 1 18  ? -9.652  -0.772  -5.604  1.00 47.66 ? 13   ALA A O   1 
ATOM   84   C  CB  . ALA A 1 18  ? -7.032  -2.340  -4.351  1.00 47.18 ? 13   ALA A CB  1 
ATOM   85   N  N   . SER A 1 19  ? -8.294  0.527   -4.340  1.00 47.18 ? 14   SER A N   1 
ATOM   86   C  CA  . SER A 1 19  ? -8.647  1.788   -4.960  1.00 47.11 ? 14   SER A CA  1 
ATOM   87   C  C   . SER A 1 19  ? -7.428  2.692   -4.902  1.00 46.54 ? 14   SER A C   1 
ATOM   88   O  O   . SER A 1 19  ? -6.668  2.628   -3.945  1.00 46.77 ? 14   SER A O   1 
ATOM   89   C  CB  . SER A 1 19  ? -9.805  2.425   -4.181  1.00 47.44 ? 14   SER A CB  1 
ATOM   90   O  OG  . SER A 1 19  ? -10.352 3.516   -4.890  1.00 48.46 ? 14   SER A OG  1 
ATOM   91   N  N   . ALA A 1 20  ? -7.232  3.528   -5.920  1.00 46.06 ? 15   ALA A N   1 
ATOM   92   C  CA  . ALA A 1 20  ? -6.156  4.519   -5.896  1.00 45.57 ? 15   ALA A CA  1 
ATOM   93   C  C   . ALA A 1 20  ? -6.565  5.858   -6.520  1.00 45.66 ? 15   ALA A C   1 
ATOM   94   O  O   . ALA A 1 20  ? -7.450  5.913   -7.368  1.00 45.65 ? 15   ALA A O   1 
ATOM   95   C  CB  . ALA A 1 20  ? -4.925  3.975   -6.575  1.00 45.13 ? 15   ALA A CB  1 
ATOM   96   N  N   . THR A 1 21  ? -5.901  6.929   -6.094  1.00 45.63 ? 16   THR A N   1 
ATOM   97   C  CA  . THR A 1 21  ? -6.207  8.279   -6.547  1.00 45.70 ? 16   THR A CA  1 
ATOM   98   C  C   . THR A 1 21  ? -5.561  8.544   -7.912  1.00 45.95 ? 16   THR A C   1 
ATOM   99   O  O   . THR A 1 21  ? -5.952  9.476   -8.630  1.00 45.58 ? 16   THR A O   1 
ATOM   100  C  CB  . THR A 1 21  ? -5.710  9.330   -5.532  1.00 45.70 ? 16   THR A CB  1 
ATOM   101  O  OG1 . THR A 1 21  ? -4.305  9.145   -5.300  1.00 45.56 ? 16   THR A OG1 1 
ATOM   102  C  CG2 . THR A 1 21  ? -6.459  9.206   -4.216  1.00 45.25 ? 16   THR A CG2 1 
ATOM   103  N  N   . SER A 1 22  ? -4.561  7.720   -8.237  1.00 45.91 ? 17   SER A N   1 
ATOM   104  C  CA  . SER A 1 22  ? -3.880  7.735   -9.532  1.00 45.79 ? 17   SER A CA  1 
ATOM   105  C  C   . SER A 1 22  ? -3.461  6.324   -9.906  1.00 46.03 ? 17   SER A C   1 
ATOM   106  O  O   . SER A 1 22  ? -2.874  5.601   -9.086  1.00 46.02 ? 17   SER A O   1 
ATOM   107  C  CB  . SER A 1 22  ? -2.648  8.627   -9.496  1.00 45.56 ? 17   SER A CB  1 
ATOM   108  O  OG  . SER A 1 22  ? -2.030  8.659   -10.773 1.00 45.29 ? 17   SER A OG  1 
ATOM   109  N  N   . GLU A 1 23  ? -3.778  5.927   -11.137 1.00 45.87 ? 18   GLU A N   1 
ATOM   110  C  CA  . GLU A 1 23  ? -3.389  4.618   -11.635 1.00 46.04 ? 18   GLU A CA  1 
ATOM   111  C  C   . GLU A 1 23  ? -3.232  4.612   -13.145 1.00 45.99 ? 18   GLU A C   1 
ATOM   112  O  O   . GLU A 1 23  ? -4.089  5.125   -13.887 1.00 46.16 ? 18   GLU A O   1 
ATOM   113  C  CB  . GLU A 1 23  ? -4.327  3.496   -11.135 1.00 46.04 ? 18   GLU A CB  1 
ATOM   114  C  CG  . GLU A 1 23  ? -5.804  3.599   -11.525 1.00 47.10 ? 18   GLU A CG  1 
ATOM   115  C  CD  . GLU A 1 23  ? -6.747  2.969   -10.496 1.00 47.39 ? 18   GLU A CD  1 
ATOM   116  O  OE1 . GLU A 1 23  ? -6.591  1.775   -10.167 1.00 49.55 ? 18   GLU A OE1 1 
ATOM   117  O  OE2 . GLU A 1 23  ? -7.669  3.666   -10.018 1.00 50.52 ? 18   GLU A OE2 1 
ATOM   118  N  N   . GLU A 1 24  ? -2.105  4.065   -13.586 1.00 45.44 ? 19   GLU A N   1 
ATOM   119  C  CA  . GLU A 1 24  ? -1.887  3.754   -14.983 1.00 44.97 ? 19   GLU A CA  1 
ATOM   120  C  C   . GLU A 1 24  ? -2.853  2.645   -15.354 1.00 44.83 ? 19   GLU A C   1 
ATOM   121  O  O   . GLU A 1 24  ? -3.080  1.734   -14.553 1.00 44.59 ? 19   GLU A O   1 
ATOM   122  C  CB  . GLU A 1 24  ? -0.434  3.311   -15.208 1.00 44.78 ? 19   GLU A CB  1 
ATOM   123  C  CG  . GLU A 1 24  ? -0.072  3.015   -16.663 1.00 44.62 ? 19   GLU A CG  1 
ATOM   124  C  CD  . GLU A 1 24  ? -0.325  4.190   -17.611 1.00 44.23 ? 19   GLU A CD  1 
ATOM   125  O  OE1 . GLU A 1 24  ? 0.016   5.347   -17.267 1.00 43.78 ? 19   GLU A OE1 1 
ATOM   126  O  OE2 . GLU A 1 24  ? -0.863  3.943   -18.710 1.00 44.00 ? 19   GLU A OE2 1 
ATOM   127  N  N   . GLY A 1 25  ? -3.432  2.734   -16.553 1.00 44.60 ? 20   GLY A N   1 
ATOM   128  C  CA  . GLY A 1 25  ? -4.398  1.751   -17.036 1.00 44.58 ? 20   GLY A CA  1 
ATOM   129  C  C   . GLY A 1 25  ? -3.905  0.323   -16.911 1.00 44.84 ? 20   GLY A C   1 
ATOM   130  O  O   . GLY A 1 25  ? -4.646  -0.570  -16.503 1.00 45.39 ? 20   GLY A O   1 
ATOM   131  N  N   . GLN A 1 26  ? -2.640  0.128   -17.256 1.00 44.83 ? 21   GLN A N   1 
ATOM   132  C  CA  . GLN A 1 26  ? -1.939  -1.156  -17.152 1.00 45.33 ? 21   GLN A CA  1 
ATOM   133  C  C   . GLN A 1 26  ? -1.667  -1.575  -15.694 1.00 44.64 ? 21   GLN A C   1 
ATOM   134  O  O   . GLN A 1 26  ? -1.574  -2.767  -15.394 1.00 44.65 ? 21   GLN A O   1 
ATOM   135  C  CB  . GLN A 1 26  ? -0.614  -1.028  -17.914 1.00 45.05 ? 21   GLN A CB  1 
ATOM   136  C  CG  . GLN A 1 26  ? 0.377   -2.149  -17.745 1.00 46.90 ? 21   GLN A CG  1 
ATOM   137  C  CD  . GLN A 1 26  ? 1.650   -1.898  -18.521 1.00 47.17 ? 21   GLN A CD  1 
ATOM   138  O  OE1 . GLN A 1 26  ? 1.622   -1.381  -19.644 1.00 50.10 ? 21   GLN A OE1 1 
ATOM   139  N  NE2 . GLN A 1 26  ? 2.777   -2.268  -17.933 1.00 49.76 ? 21   GLN A NE2 1 
ATOM   140  N  N   . ASP A 1 27  ? -1.541  -0.587  -14.806 1.00 44.20 ? 22   ASP A N   1 
ATOM   141  C  CA  . ASP A 1 27  ? -1.198  -0.807  -13.402 1.00 43.72 ? 22   ASP A CA  1 
ATOM   142  C  C   . ASP A 1 27  ? -2.290  -0.324  -12.448 1.00 43.36 ? 22   ASP A C   1 
ATOM   143  O  O   . ASP A 1 27  ? -2.094  0.668   -11.742 1.00 43.20 ? 22   ASP A O   1 
ATOM   144  C  CB  . ASP A 1 27  ? 0.107   -0.074  -13.071 1.00 43.83 ? 22   ASP A CB  1 
ATOM   145  C  CG  . ASP A 1 27  ? 1.266   -0.515  -13.938 1.00 43.24 ? 22   ASP A CG  1 
ATOM   146  O  OD1 . ASP A 1 27  ? 1.226   -1.646  -14.458 1.00 44.04 ? 22   ASP A OD1 1 
ATOM   147  O  OD2 . ASP A 1 27  ? 2.222   0.269   -14.093 1.00 41.70 ? 22   ASP A OD2 1 
ATOM   148  N  N   . PRO A 1 28  ? -3.449  -1.012  -12.422 1.00 43.16 ? 23   PRO A N   1 
ATOM   149  C  CA  . PRO A 1 28  ? -4.539  -0.561  -11.548 1.00 43.18 ? 23   PRO A CA  1 
ATOM   150  C  C   . PRO A 1 28  ? -4.295  -0.906  -10.073 1.00 43.23 ? 23   PRO A C   1 
ATOM   151  O  O   . PRO A 1 28  ? -3.467  -1.762  -9.767  1.00 43.00 ? 23   PRO A O   1 
ATOM   152  C  CB  . PRO A 1 28  ? -5.745  -1.343  -12.066 1.00 43.35 ? 23   PRO A CB  1 
ATOM   153  C  CG  . PRO A 1 28  ? -5.161  -2.603  -12.615 1.00 43.23 ? 23   PRO A CG  1 
ATOM   154  C  CD  . PRO A 1 28  ? -3.812  -2.232  -13.168 1.00 42.95 ? 23   PRO A CD  1 
ATOM   155  N  N   . ALA A 1 29  ? -5.022  -0.241  -9.180  1.00 43.35 ? 24   ALA A N   1 
ATOM   156  C  CA  . ALA A 1 29  ? -4.968  -0.526  -7.743  1.00 43.62 ? 24   ALA A CA  1 
ATOM   157  C  C   . ALA A 1 29  ? -5.103  -2.015  -7.383  1.00 43.91 ? 24   ALA A C   1 
ATOM   158  O  O   . ALA A 1 29  ? -4.452  -2.487  -6.450  1.00 43.85 ? 24   ALA A O   1 
ATOM   159  C  CB  . ALA A 1 29  ? -6.017  0.275   -7.028  1.00 43.65 ? 24   ALA A CB  1 
ATOM   160  N  N   . SER A 1 30  ? -5.946  -2.733  -8.129  1.00 43.96 ? 25   SER A N   1 
ATOM   161  C  CA  . SER A 1 30  ? -6.247  -4.143  -7.896  1.00 44.27 ? 25   SER A CA  1 
ATOM   162  C  C   . SER A 1 30  ? -5.040  -5.058  -8.100  1.00 44.85 ? 25   SER A C   1 
ATOM   163  O  O   . SER A 1 30  ? -4.981  -6.168  -7.559  1.00 45.21 ? 25   SER A O   1 
ATOM   164  C  CB  . SER A 1 30  ? -7.383  -4.590  -8.816  1.00 44.35 ? 25   SER A CB  1 
ATOM   165  O  OG  . SER A 1 30  ? -7.011  -4.487  -10.185 1.00 44.22 ? 25   SER A OG  1 
ATOM   166  N  N   . SER A 1 31  ? -4.081  -4.585  -8.886  1.00 44.94 ? 26   SER A N   1 
ATOM   167  C  CA  . SER A 1 31  ? -2.872  -5.335  -9.147  1.00 45.20 ? 26   SER A CA  1 
ATOM   168  C  C   . SER A 1 31  ? -1.914  -5.320  -7.965  1.00 45.35 ? 26   SER A C   1 
ATOM   169  O  O   . SER A 1 31  ? -0.936  -6.055  -7.962  1.00 45.64 ? 26   SER A O   1 
ATOM   170  C  CB  . SER A 1 31  ? -2.194  -4.814  -10.411 1.00 45.14 ? 26   SER A CB  1 
ATOM   171  O  OG  . SER A 1 31  ? -2.877  -5.300  -11.550 1.00 45.27 ? 26   SER A OG  1 
ATOM   172  N  N   . ALA A 1 32  ? -2.201  -4.487  -6.964  1.00 45.61 ? 27   ALA A N   1 
ATOM   173  C  CA  . ALA A 1 32  ? -1.435  -4.463  -5.719  1.00 45.57 ? 27   ALA A CA  1 
ATOM   174  C  C   . ALA A 1 32  ? -1.824  -5.608  -4.784  1.00 45.78 ? 27   ALA A C   1 
ATOM   175  O  O   . ALA A 1 32  ? -1.079  -5.937  -3.859  1.00 45.83 ? 27   ALA A O   1 
ATOM   176  C  CB  . ALA A 1 32  ? -1.605  -3.127  -5.018  1.00 45.64 ? 27   ALA A CB  1 
ATOM   177  N  N   . ILE A 1 33  ? -2.977  -6.229  -5.046  1.00 45.90 ? 28   ILE A N   1 
ATOM   178  C  CA  . ILE A 1 33  ? -3.537  -7.253  -4.158  1.00 46.05 ? 28   ILE A CA  1 
ATOM   179  C  C   . ILE A 1 33  ? -3.949  -8.546  -4.877  1.00 46.30 ? 28   ILE A C   1 
ATOM   180  O  O   . ILE A 1 33  ? -4.930  -9.190  -4.501  1.00 46.23 ? 28   ILE A O   1 
ATOM   181  C  CB  . ILE A 1 33  ? -4.736  -6.692  -3.318  1.00 46.18 ? 28   ILE A CB  1 
ATOM   182  C  CG1 . ILE A 1 33  ? -5.800  -6.036  -4.221  1.00 46.03 ? 28   ILE A CG1 1 
ATOM   183  C  CG2 . ILE A 1 33  ? -4.228  -5.695  -2.265  1.00 46.38 ? 28   ILE A CG2 1 
ATOM   184  C  CD1 . ILE A 1 33  ? -7.173  -5.884  -3.575  1.00 46.04 ? 28   ILE A CD1 1 
ATOM   185  N  N   . ASP A 1 34  ? -3.185  -8.937  -5.894  1.00 46.89 ? 29   ASP A N   1 
ATOM   186  C  CA  . ASP A 1 34  ? -3.533  -10.111 -6.711  1.00 47.43 ? 29   ASP A CA  1 
ATOM   187  C  C   . ASP A 1 34  ? -2.605  -11.308 -6.496  1.00 47.77 ? 29   ASP A C   1 
ATOM   188  O  O   . ASP A 1 34  ? -2.688  -12.304 -7.216  1.00 48.02 ? 29   ASP A O   1 
ATOM   189  C  CB  . ASP A 1 34  ? -3.604  -9.742  -8.206  1.00 47.25 ? 29   ASP A CB  1 
ATOM   190  C  CG  . ASP A 1 34  ? -2.266  -9.267  -8.775  1.00 47.21 ? 29   ASP A CG  1 
ATOM   191  O  OD1 . ASP A 1 34  ? -1.312  -9.001  -8.004  1.00 45.28 ? 29   ASP A OD1 1 
ATOM   192  O  OD2 . ASP A 1 34  ? -2.169  -9.144  -10.019 1.00 47.38 ? 29   ASP A OD2 1 
ATOM   193  N  N   . GLY A 1 35  ? -1.713  -11.195 -5.516  1.00 48.30 ? 30   GLY A N   1 
ATOM   194  C  CA  . GLY A 1 35  ? -0.821  -12.297 -5.151  1.00 48.55 ? 30   GLY A CA  1 
ATOM   195  C  C   . GLY A 1 35  ? 0.284   -12.574 -6.150  1.00 48.63 ? 30   GLY A C   1 
ATOM   196  O  O   . GLY A 1 35  ? 0.939   -13.614 -6.072  1.00 48.61 ? 30   GLY A O   1 
ATOM   197  N  N   . ASN A 1 36  ? 0.490   -11.638 -7.072  1.00 48.76 ? 31   ASN A N   1 
ATOM   198  C  CA  . ASN A 1 36  ? 1.477   -11.764 -8.140  1.00 48.95 ? 31   ASN A CA  1 
ATOM   199  C  C   . ASN A 1 36  ? 2.478   -10.615 -8.082  1.00 48.99 ? 31   ASN A C   1 
ATOM   200  O  O   . ASN A 1 36  ? 2.103   -9.456  -8.232  1.00 49.32 ? 31   ASN A O   1 
ATOM   201  C  CB  . ASN A 1 36  ? 0.771   -11.785 -9.508  1.00 48.93 ? 31   ASN A CB  1 
ATOM   202  C  CG  . ASN A 1 36  ? 1.703   -12.169 -10.656 1.00 49.07 ? 31   ASN A CG  1 
ATOM   203  O  OD1 . ASN A 1 36  ? 2.831   -11.693 -10.753 1.00 48.98 ? 31   ASN A OD1 1 
ATOM   204  N  ND2 . ASN A 1 36  ? 1.219   -13.030 -11.536 1.00 48.46 ? 31   ASN A ND2 1 
ATOM   205  N  N   . ILE A 1 37  ? 3.751   -10.935 -7.876  1.00 49.07 ? 32   ILE A N   1 
ATOM   206  C  CA  . ILE A 1 37  ? 4.791   -9.909  -7.740  1.00 49.04 ? 32   ILE A CA  1 
ATOM   207  C  C   . ILE A 1 37  ? 5.228   -9.285  -9.084  1.00 49.17 ? 32   ILE A C   1 
ATOM   208  O  O   . ILE A 1 37  ? 6.009   -8.321  -9.112  1.00 49.11 ? 32   ILE A O   1 
ATOM   209  C  CB  . ILE A 1 37  ? 6.007   -10.429 -6.917  1.00 49.01 ? 32   ILE A CB  1 
ATOM   210  C  CG1 . ILE A 1 37  ? 6.687   -11.612 -7.620  1.00 48.69 ? 32   ILE A CG1 1 
ATOM   211  C  CG2 . ILE A 1 37  ? 5.563   -10.801 -5.487  1.00 48.59 ? 32   ILE A CG2 1 
ATOM   212  C  CD1 . ILE A 1 37  ? 7.723   -12.378 -6.756  1.00 49.68 ? 32   ILE A CD1 1 
ATOM   213  N  N   . ASN A 1 38  ? 4.718   -9.837  -10.185 1.00 49.20 ? 33   ASN A N   1 
ATOM   214  C  CA  . ASN A 1 38  ? 4.976   -9.296  -11.525 1.00 49.36 ? 33   ASN A CA  1 
ATOM   215  C  C   . ASN A 1 38  ? 3.994   -8.198  -11.955 1.00 48.93 ? 33   ASN A C   1 
ATOM   216  O  O   . ASN A 1 38  ? 4.256   -7.480  -12.917 1.00 49.02 ? 33   ASN A O   1 
ATOM   217  C  CB  . ASN A 1 38  ? 5.005   -10.420 -12.570 1.00 49.53 ? 33   ASN A CB  1 
ATOM   218  C  CG  . ASN A 1 38  ? 6.142   -11.406 -12.341 1.00 50.54 ? 33   ASN A CG  1 
ATOM   219  O  OD1 . ASN A 1 38  ? 7.233   -11.039 -11.898 1.00 50.88 ? 33   ASN A OD1 1 
ATOM   220  N  ND2 . ASN A 1 38  ? 5.886   -12.671 -12.646 1.00 51.88 ? 33   ASN A ND2 1 
ATOM   221  N  N   . THR A 1 39  ? 2.872   -8.075  -11.246 1.00 48.47 ? 34   THR A N   1 
ATOM   222  C  CA  . THR A 1 39  ? 1.895   -7.011  -11.503 1.00 47.65 ? 34   THR A CA  1 
ATOM   223  C  C   . THR A 1 39  ? 1.936   -6.002  -10.361 1.00 47.28 ? 34   THR A C   1 
ATOM   224  O  O   . THR A 1 39  ? 1.981   -6.392  -9.185  1.00 47.06 ? 34   THR A O   1 
ATOM   225  C  CB  . THR A 1 39  ? 0.462   -7.553  -11.572 1.00 47.54 ? 34   THR A CB  1 
ATOM   226  O  OG1 . THR A 1 39  ? 0.139   -8.156  -10.315 1.00 48.23 ? 34   THR A OG1 1 
ATOM   227  C  CG2 . THR A 1 39  ? 0.305   -8.586  -12.685 1.00 47.03 ? 34   THR A CG2 1 
ATOM   228  N  N   . MET A 1 40  ? 1.880   -4.715  -10.703 1.00 46.46 ? 35   MET A N   1 
ATOM   229  C  CA  . MET A 1 40  ? 1.916   -3.647  -9.703  1.00 45.47 ? 35   MET A CA  1 
ATOM   230  C  C   . MET A 1 40  ? 0.803   -2.613  -9.853  1.00 45.35 ? 35   MET A C   1 
ATOM   231  O  O   . MET A 1 40  ? 0.232   -2.458  -10.941 1.00 45.50 ? 35   MET A O   1 
ATOM   232  C  CB  . MET A 1 40  ? 3.259   -2.924  -9.771  1.00 45.44 ? 35   MET A CB  1 
ATOM   233  C  CG  . MET A 1 40  ? 3.489   -2.144  -11.050 1.00 44.71 ? 35   MET A CG  1 
ATOM   234  S  SD  . MET A 1 40  ? 5.164   -1.510  -11.119 1.00 45.07 ? 35   MET A SD  1 
ATOM   235  C  CE  . MET A 1 40  ? 5.990   -2.906  -11.891 1.00 45.20 ? 35   MET A CE  1 
ATOM   236  N  N   . TRP A 1 41  ? 0.512   -1.912  -8.756  1.00 44.38 ? 36   TRP A N   1 
ATOM   237  C  CA  . TRP A 1 41  ? -0.167  -0.630  -8.821  1.00 44.01 ? 36   TRP A CA  1 
ATOM   238  C  C   . TRP A 1 41  ? 0.906   0.414   -9.087  1.00 44.04 ? 36   TRP A C   1 
ATOM   239  O  O   . TRP A 1 41  ? 1.992   0.357   -8.515  1.00 43.90 ? 36   TRP A O   1 
ATOM   240  C  CB  . TRP A 1 41  ? -0.910  -0.292  -7.512  1.00 43.74 ? 36   TRP A CB  1 
ATOM   241  C  CG  . TRP A 1 41  ? -1.272  1.170   -7.427  1.00 43.10 ? 36   TRP A CG  1 
ATOM   242  C  CD1 . TRP A 1 41  ? -2.162  1.839   -8.225  1.00 42.93 ? 36   TRP A CD1 1 
ATOM   243  C  CD2 . TRP A 1 41  ? -0.725  2.154   -6.527  1.00 43.15 ? 36   TRP A CD2 1 
ATOM   244  N  NE1 . TRP A 1 41  ? -2.207  3.168   -7.877  1.00 42.69 ? 36   TRP A NE1 1 
ATOM   245  C  CE2 . TRP A 1 41  ? -1.343  3.391   -6.837  1.00 42.61 ? 36   TRP A CE2 1 
ATOM   246  C  CE3 . TRP A 1 41  ? 0.211   2.108   -5.483  1.00 41.46 ? 36   TRP A CE3 1 
ATOM   247  C  CZ2 . TRP A 1 41  ? -1.053  4.572   -6.145  1.00 42.87 ? 36   TRP A CZ2 1 
ATOM   248  C  CZ3 . TRP A 1 41  ? 0.500   3.277   -4.798  1.00 42.75 ? 36   TRP A CZ3 1 
ATOM   249  C  CH2 . TRP A 1 41  ? -0.134  4.499   -5.131  1.00 42.84 ? 36   TRP A CH2 1 
ATOM   250  N  N   . HIS A 1 42  ? 0.604   1.363   -9.964  1.00 43.80 ? 37   HIS A N   1 
ATOM   251  C  CA  . HIS A 1 42  ? 1.558   2.396   -10.320 1.00 43.58 ? 37   HIS A CA  1 
ATOM   252  C  C   . HIS A 1 42  ? 0.737   3.610   -10.731 1.00 43.93 ? 37   HIS A C   1 
ATOM   253  O  O   . HIS A 1 42  ? -0.292  3.470   -11.411 1.00 43.79 ? 37   HIS A O   1 
ATOM   254  C  CB  . HIS A 1 42  ? 2.430   1.890   -11.475 1.00 43.70 ? 37   HIS A CB  1 
ATOM   255  C  CG  . HIS A 1 42  ? 3.667   2.697   -11.737 1.00 42.73 ? 37   HIS A CG  1 
ATOM   256  N  ND1 . HIS A 1 42  ? 3.635   4.038   -12.045 1.00 41.57 ? 37   HIS A ND1 1 
ATOM   257  C  CD2 . HIS A 1 42  ? 4.969   2.328   -11.806 1.00 42.21 ? 37   HIS A CD2 1 
ATOM   258  C  CE1 . HIS A 1 42  ? 4.865   4.469   -12.264 1.00 42.80 ? 37   HIS A CE1 1 
ATOM   259  N  NE2 . HIS A 1 42  ? 5.694   3.449   -12.126 1.00 42.02 ? 37   HIS A NE2 1 
ATOM   260  N  N   . THR A 1 43  ? 1.172   4.792   -10.300 1.00 43.72 ? 38   THR A N   1 
ATOM   261  C  CA  . THR A 1 43  ? 0.519   6.032   -10.702 1.00 43.89 ? 38   THR A CA  1 
ATOM   262  C  C   . THR A 1 43  ? 0.731   6.227   -12.205 1.00 44.14 ? 38   THR A C   1 
ATOM   263  O  O   . THR A 1 43  ? 1.527   5.503   -12.811 1.00 43.75 ? 38   THR A O   1 
ATOM   264  C  CB  . THR A 1 43  ? 1.024   7.236   -9.885  1.00 43.88 ? 38   THR A CB  1 
ATOM   265  O  OG1 . THR A 1 43  ? 2.439   7.380   -10.052 1.00 43.85 ? 38   THR A OG1 1 
ATOM   266  C  CG2 . THR A 1 43  ? 0.695   7.049   -8.385  1.00 43.39 ? 38   THR A CG2 1 
ATOM   267  N  N   . LYS A 1 44  ? 0.020   7.169   -12.821 1.00 44.42 ? 39   LYS A N   1 
ATOM   268  C  CA  . LYS A 1 44  ? 0.078   7.255   -14.283 1.00 44.77 ? 39   LYS A CA  1 
ATOM   269  C  C   . LYS A 1 44  ? 1.421   7.702   -14.827 1.00 44.60 ? 39   LYS A C   1 
ATOM   270  O  O   . LYS A 1 44  ? 1.996   8.703   -14.395 1.00 44.93 ? 39   LYS A O   1 
ATOM   271  C  CB  . LYS A 1 44  ? -1.103  8.018   -14.911 1.00 44.78 ? 39   LYS A CB  1 
ATOM   272  C  CG  . LYS A 1 44  ? -1.388  9.393   -14.389 1.00 45.51 ? 39   LYS A CG  1 
ATOM   273  C  CD  . LYS A 1 44  ? -2.652  9.972   -15.081 1.00 45.24 ? 39   LYS A CD  1 
ATOM   274  C  CE  . LYS A 1 44  ? -3.870  9.058   -14.932 1.00 45.79 ? 39   LYS A CE  1 
ATOM   275  N  NZ  . LYS A 1 44  ? -5.098  9.619   -15.583 1.00 45.38 ? 39   LYS A NZ  1 
ATOM   276  N  N   . TRP A 1 45  ? 1.912   6.909   -15.770 1.00 44.73 ? 40   TRP A N   1 
ATOM   277  C  CA  . TRP A 1 45  ? 3.267   7.014   -16.299 1.00 44.90 ? 40   TRP A CA  1 
ATOM   278  C  C   . TRP A 1 45  ? 3.630   8.393   -16.849 1.00 45.61 ? 40   TRP A C   1 
ATOM   279  O  O   . TRP A 1 45  ? 4.800   8.772   -16.820 1.00 45.00 ? 40   TRP A O   1 
ATOM   280  C  CB  . TRP A 1 45  ? 3.464   5.970   -17.388 1.00 44.52 ? 40   TRP A CB  1 
ATOM   281  C  CG  . TRP A 1 45  ? 3.393   4.526   -16.935 1.00 44.31 ? 40   TRP A CG  1 
ATOM   282  C  CD1 . TRP A 1 45  ? 3.056   4.046   -15.687 1.00 43.28 ? 40   TRP A CD1 1 
ATOM   283  C  CD2 . TRP A 1 45  ? 3.638   3.374   -17.750 1.00 42.88 ? 40   TRP A CD2 1 
ATOM   284  N  NE1 . TRP A 1 45  ? 3.082   2.669   -15.688 1.00 42.42 ? 40   TRP A NE1 1 
ATOM   285  C  CE2 . TRP A 1 45  ? 3.437   2.233   -16.939 1.00 43.17 ? 40   TRP A CE2 1 
ATOM   286  C  CE3 . TRP A 1 45  ? 4.012   3.198   -19.086 1.00 42.80 ? 40   TRP A CE3 1 
ATOM   287  C  CZ2 . TRP A 1 45  ? 3.608   0.926   -17.426 1.00 44.73 ? 40   TRP A CZ2 1 
ATOM   288  C  CZ3 . TRP A 1 45  ? 4.179   1.900   -19.568 1.00 43.53 ? 40   TRP A CZ3 1 
ATOM   289  C  CH2 . TRP A 1 45  ? 3.975   0.781   -18.741 1.00 43.68 ? 40   TRP A CH2 1 
ATOM   290  N  N   . ASN A 1 46  ? 2.631   9.141   -17.340 1.00 46.72 ? 41   ASN A N   1 
ATOM   291  C  CA  . ASN A 1 46  ? 2.886   10.467  -17.925 1.00 47.54 ? 41   ASN A CA  1 
ATOM   292  C  C   . ASN A 1 46  ? 3.165   11.571  -16.903 1.00 47.82 ? 41   ASN A C   1 
ATOM   293  O  O   . ASN A 1 46  ? 3.363   12.731  -17.273 1.00 47.99 ? 41   ASN A O   1 
ATOM   294  C  CB  . ASN A 1 46  ? 1.794   10.885  -18.932 1.00 47.81 ? 41   ASN A CB  1 
ATOM   295  C  CG  . ASN A 1 46  ? 0.418   11.111  -18.295 1.00 48.77 ? 41   ASN A CG  1 
ATOM   296  O  OD1 . ASN A 1 46  ? -0.589  11.160  -19.006 1.00 50.17 ? 41   ASN A OD1 1 
ATOM   297  N  ND2 . ASN A 1 46  ? 0.365   11.257  -16.974 1.00 49.13 ? 41   ASN A ND2 1 
ATOM   298  N  N   . GLY A 1 47  ? 3.178   11.194  -15.623 1.00 48.15 ? 42   GLY A N   1 
ATOM   299  C  CA  . GLY A 1 47  ? 3.558   12.084  -14.528 1.00 48.38 ? 42   GLY A CA  1 
ATOM   300  C  C   . GLY A 1 47  ? 2.587   13.212  -14.228 1.00 49.01 ? 42   GLY A C   1 
ATOM   301  O  O   . GLY A 1 47  ? 2.970   14.212  -13.613 1.00 49.09 ? 42   GLY A O   1 
ATOM   302  N  N   . SER A 1 48  ? 1.333   13.059  -14.649 1.00 49.23 ? 43   SER A N   1 
ATOM   303  C  CA  . SER A 1 48  ? 0.354   14.151  -14.553 1.00 49.47 ? 43   SER A CA  1 
ATOM   304  C  C   . SER A 1 48  ? -0.201  14.273  -13.154 1.00 49.61 ? 43   SER A C   1 
ATOM   305  O  O   . SER A 1 48  ? -0.631  15.346  -12.742 1.00 50.01 ? 43   SER A O   1 
ATOM   306  C  CB  . SER A 1 48  ? -0.793  13.962  -15.551 1.00 49.56 ? 43   SER A CB  1 
ATOM   307  O  OG  . SER A 1 48  ? -1.401  12.693  -15.398 1.00 49.03 ? 43   SER A OG  1 
ATOM   308  N  N   . ASP A 1 49  ? -0.196  13.159  -12.431 1.00 49.78 ? 44   ASP A N   1 
ATOM   309  C  CA  . ASP A 1 49  ? -0.688  13.120  -11.072 1.00 49.57 ? 44   ASP A CA  1 
ATOM   310  C  C   . ASP A 1 49  ? 0.489   13.193  -10.094 1.00 49.45 ? 44   ASP A C   1 
ATOM   311  O  O   . ASP A 1 49  ? 0.982   12.167  -9.611  1.00 49.29 ? 44   ASP A O   1 
ATOM   312  C  CB  . ASP A 1 49  ? -1.538  11.864  -10.856 1.00 49.45 ? 44   ASP A CB  1 
ATOM   313  C  CG  . ASP A 1 49  ? -2.819  11.877  -11.671 1.00 50.02 ? 44   ASP A CG  1 
ATOM   314  O  OD1 . ASP A 1 49  ? -3.375  12.977  -11.895 1.00 51.83 ? 44   ASP A OD1 1 
ATOM   315  O  OD2 . ASP A 1 49  ? -3.279  10.791  -12.086 1.00 48.29 ? 44   ASP A OD2 1 
ATOM   316  N  N   . ALA A 1 50  ? 0.937   14.417  -9.820  1.00 49.14 ? 45   ALA A N   1 
ATOM   317  C  CA  . ALA A 1 50  ? 2.031   14.660  -8.881  1.00 49.28 ? 45   ALA A CA  1 
ATOM   318  C  C   . ALA A 1 50  ? 1.710   14.150  -7.467  1.00 49.27 ? 45   ALA A C   1 
ATOM   319  O  O   . ALA A 1 50  ? 0.554   14.178  -7.040  1.00 49.28 ? 45   ALA A O   1 
ATOM   320  C  CB  . ALA A 1 50  ? 2.372   16.143  -8.848  1.00 49.27 ? 45   ALA A CB  1 
ATOM   321  N  N   . LEU A 1 51  ? 2.736   13.688  -6.753  1.00 49.14 ? 46   LEU A N   1 
ATOM   322  C  CA  . LEU A 1 51  ? 2.581   13.215  -5.364  1.00 49.07 ? 46   LEU A CA  1 
ATOM   323  C  C   . LEU A 1 51  ? 2.227   14.367  -4.406  1.00 49.21 ? 46   LEU A C   1 
ATOM   324  O  O   . LEU A 1 51  ? 2.536   15.527  -4.697  1.00 49.42 ? 46   LEU A O   1 
ATOM   325  C  CB  . LEU A 1 51  ? 3.847   12.478  -4.891  1.00 48.94 ? 46   LEU A CB  1 
ATOM   326  C  CG  . LEU A 1 51  ? 4.339   11.296  -5.741  1.00 48.27 ? 46   LEU A CG  1 
ATOM   327  C  CD1 . LEU A 1 51  ? 5.750   10.893  -5.350  1.00 48.31 ? 46   LEU A CD1 1 
ATOM   328  C  CD2 . LEU A 1 51  ? 3.388   10.094  -5.683  1.00 47.68 ? 46   LEU A CD2 1 
ATOM   329  N  N   . PRO A 1 52  ? 1.564   14.064  -3.269  1.00 49.01 ? 47   PRO A N   1 
ATOM   330  C  CA  . PRO A 1 52  ? 1.099   12.748  -2.814  1.00 48.57 ? 47   PRO A CA  1 
ATOM   331  C  C   . PRO A 1 52  ? -0.041  12.117  -3.614  1.00 48.14 ? 47   PRO A C   1 
ATOM   332  O  O   . PRO A 1 52  ? -0.966  12.802  -4.063  1.00 48.16 ? 47   PRO A O   1 
ATOM   333  C  CB  . PRO A 1 52  ? 0.656   13.004  -1.368  1.00 48.67 ? 47   PRO A CB  1 
ATOM   334  C  CG  . PRO A 1 52  ? 0.372   14.436  -1.294  1.00 49.23 ? 47   PRO A CG  1 
ATOM   335  C  CD  . PRO A 1 52  ? 1.258   15.122  -2.290  1.00 49.03 ? 47   PRO A CD  1 
ATOM   336  N  N   . GLN A 1 53  ? 0.065   10.806  -3.802  1.00 47.52 ? 48   GLN A N   1 
ATOM   337  C  CA  . GLN A 1 53  ? -1.031  9.977   -4.293  1.00 46.95 ? 48   GLN A CA  1 
ATOM   338  C  C   . GLN A 1 53  ? -1.100  8.795   -3.339  1.00 46.82 ? 48   GLN A C   1 
ATOM   339  O  O   . GLN A 1 53  ? -0.130  8.524   -2.628  1.00 47.09 ? 48   GLN A O   1 
ATOM   340  C  CB  . GLN A 1 53  ? -0.786  9.504   -5.736  1.00 46.53 ? 48   GLN A CB  1 
ATOM   341  C  CG  . GLN A 1 53  ? -0.674  10.623  -6.780  1.00 46.23 ? 48   GLN A CG  1 
ATOM   342  C  CD  . GLN A 1 53  ? -1.984  11.377  -7.020  1.00 46.35 ? 48   GLN A CD  1 
ATOM   343  O  OE1 . GLN A 1 53  ? -3.078  10.805  -6.939  1.00 46.07 ? 48   GLN A OE1 1 
ATOM   344  N  NE2 . GLN A 1 53  ? -1.871  12.665  -7.323  1.00 45.28 ? 48   GLN A NE2 1 
ATOM   345  N  N   . SER A 1 54  ? -2.230  8.091   -3.320  1.00 46.56 ? 49   SER A N   1 
ATOM   346  C  CA  . SER A 1 54  ? -2.452  7.054   -2.322  1.00 46.48 ? 49   SER A CA  1 
ATOM   347  C  C   . SER A 1 54  ? -3.143  5.821   -2.882  1.00 46.26 ? 49   SER A C   1 
ATOM   348  O  O   . SER A 1 54  ? -3.761  5.877   -3.941  1.00 46.06 ? 49   SER A O   1 
ATOM   349  C  CB  . SER A 1 54  ? -3.273  7.615   -1.161  1.00 46.61 ? 49   SER A CB  1 
ATOM   350  O  OG  . SER A 1 54  ? -4.575  7.958   -1.596  1.00 47.04 ? 49   SER A OG  1 
ATOM   351  N  N   . LEU A 1 55  ? -3.014  4.712   -2.154  1.00 46.12 ? 50   LEU A N   1 
ATOM   352  C  CA  . LEU A 1 55  ? -3.702  3.468   -2.464  1.00 45.99 ? 50   LEU A CA  1 
ATOM   353  C  C   . LEU A 1 55  ? -4.495  3.074   -1.230  1.00 46.54 ? 50   LEU A C   1 
ATOM   354  O  O   . LEU A 1 55  ? -3.932  2.950   -0.141  1.00 46.60 ? 50   LEU A O   1 
ATOM   355  C  CB  . LEU A 1 55  ? -2.703  2.365   -2.833  1.00 45.67 ? 50   LEU A CB  1 
ATOM   356  C  CG  . LEU A 1 55  ? -3.166  0.898   -2.870  1.00 45.68 ? 50   LEU A CG  1 
ATOM   357  C  CD1 . LEU A 1 55  ? -3.965  0.582   -4.120  1.00 43.90 ? 50   LEU A CD1 1 
ATOM   358  C  CD2 . LEU A 1 55  ? -1.981  -0.061  -2.744  1.00 45.50 ? 50   LEU A CD2 1 
ATOM   359  N  N   . SER A 1 56  ? -5.806  2.915   -1.389  1.00 46.67 ? 51   SER A N   1 
ATOM   360  C  CA  . SER A 1 56  ? -6.649  2.481   -0.288  1.00 46.91 ? 51   SER A CA  1 
ATOM   361  C  C   . SER A 1 56  ? -7.011  1.039   -0.523  1.00 47.33 ? 51   SER A C   1 
ATOM   362  O  O   . SER A 1 56  ? -7.365  0.654   -1.641  1.00 47.32 ? 51   SER A O   1 
ATOM   363  C  CB  . SER A 1 56  ? -7.922  3.330   -0.175  1.00 46.84 ? 51   SER A CB  1 
ATOM   364  O  OG  . SER A 1 56  ? -7.609  4.692   0.027   1.00 45.87 ? 51   SER A OG  1 
ATOM   365  N  N   . VAL A 1 57  ? -6.895  0.244   0.533   1.00 47.77 ? 52   VAL A N   1 
ATOM   366  C  CA  . VAL A 1 57  ? -7.254  -1.154  0.487   1.00 48.73 ? 52   VAL A CA  1 
ATOM   367  C  C   . VAL A 1 57  ? -8.291  -1.432  1.573   1.00 49.47 ? 52   VAL A C   1 
ATOM   368  O  O   . VAL A 1 57  ? -8.006  -1.314  2.775   1.00 49.75 ? 52   VAL A O   1 
ATOM   369  C  CB  . VAL A 1 57  ? -6.009  -2.068  0.675   1.00 48.78 ? 52   VAL A CB  1 
ATOM   370  C  CG1 . VAL A 1 57  ? -6.406  -3.534  0.614   1.00 49.09 ? 52   VAL A CG1 1 
ATOM   371  C  CG2 . VAL A 1 57  ? -4.953  -1.759  -0.378  1.00 48.52 ? 52   VAL A CG2 1 
ATOM   372  N  N   . ASN A 1 58  ? -9.497  -1.778  1.138   1.00 49.98 ? 53   ASN A N   1 
ATOM   373  C  CA  . ASN A 1 58  ? -10.553 -2.192  2.048   1.00 50.49 ? 53   ASN A CA  1 
ATOM   374  C  C   . ASN A 1 58  ? -10.349 -3.645  2.412   1.00 50.86 ? 53   ASN A C   1 
ATOM   375  O  O   . ASN A 1 58  ? -10.035 -4.468  1.551   1.00 50.83 ? 53   ASN A O   1 
ATOM   376  C  CB  . ASN A 1 58  ? -11.929 -1.979  1.423   1.00 50.42 ? 53   ASN A CB  1 
ATOM   377  C  CG  . ASN A 1 58  ? -13.047 -2.176  2.414   1.00 50.48 ? 53   ASN A CG  1 
ATOM   378  O  OD1 . ASN A 1 58  ? -13.492 -3.301  2.653   1.00 49.06 ? 53   ASN A OD1 1 
ATOM   379  N  ND2 . ASN A 1 58  ? -13.514 -1.074  3.003   1.00 51.13 ? 53   ASN A ND2 1 
ATOM   380  N  N   . LEU A 1 59  ? -10.534 -3.954  3.692   1.00 51.66 ? 54   LEU A N   1 
ATOM   381  C  CA  . LEU A 1 59  ? -10.126 -5.247  4.237   1.00 52.10 ? 54   LEU A CA  1 
ATOM   382  C  C   . LEU A 1 59  ? -11.246 -6.281  4.261   1.00 52.95 ? 54   LEU A C   1 
ATOM   383  O  O   . LEU A 1 59  ? -10.994 -7.464  4.525   1.00 53.25 ? 54   LEU A O   1 
ATOM   384  C  CB  . LEU A 1 59  ? -9.491  -5.070  5.623   1.00 51.81 ? 54   LEU A CB  1 
ATOM   385  C  CG  . LEU A 1 59  ? -8.312  -4.093  5.733   1.00 50.93 ? 54   LEU A CG  1 
ATOM   386  C  CD1 . LEU A 1 59  ? -7.884  -3.930  7.177   1.00 50.91 ? 54   LEU A CD1 1 
ATOM   387  C  CD2 . LEU A 1 59  ? -7.116  -4.506  4.864   1.00 50.30 ? 54   LEU A CD2 1 
ATOM   388  N  N   . GLY A 1 60  ? -12.472 -5.840  3.969   1.00 53.54 ? 55   GLY A N   1 
ATOM   389  C  CA  . GLY A 1 60  ? -13.629 -6.742  3.907   1.00 54.35 ? 55   GLY A CA  1 
ATOM   390  C  C   . GLY A 1 60  ? -14.472 -6.735  5.166   1.00 54.81 ? 55   GLY A C   1 
ATOM   391  O  O   . GLY A 1 60  ? -15.700 -6.741  5.098   1.00 55.08 ? 55   GLY A O   1 
ATOM   392  N  N   . LYS A 1 61  ? -13.808 -6.736  6.319   1.00 55.31 ? 56   LYS A N   1 
ATOM   393  C  CA  . LYS A 1 61  ? -14.482 -6.643  7.614   1.00 55.78 ? 56   LYS A CA  1 
ATOM   394  C  C   . LYS A 1 61  ? -13.597 -5.915  8.622   1.00 55.53 ? 56   LYS A C   1 
ATOM   395  O  O   . LYS A 1 61  ? -12.518 -5.441  8.267   1.00 55.62 ? 56   LYS A O   1 
ATOM   396  C  CB  . LYS A 1 61  ? -14.910 -8.027  8.124   1.00 55.62 ? 56   LYS A CB  1 
ATOM   397  C  CG  . LYS A 1 61  ? -13.784 -9.002  8.431   1.00 56.32 ? 56   LYS A CG  1 
ATOM   398  C  CD  . LYS A 1 61  ? -14.367 -10.368 8.840   1.00 57.01 ? 56   LYS A CD  1 
ATOM   399  C  CE  . LYS A 1 61  ? -13.333 -11.280 9.514   1.00 58.33 ? 56   LYS A CE  1 
ATOM   400  N  NZ  . LYS A 1 61  ? -12.858 -10.743 10.832  1.00 59.08 ? 56   LYS A NZ  1 
ATOM   401  N  N   . ALA A 1 62  ? -14.063 -5.800  9.865   1.00 55.42 ? 57   ALA A N   1 
ATOM   402  C  CA  . ALA A 1 62  ? -13.249 -5.235  10.938  1.00 55.38 ? 57   ALA A CA  1 
ATOM   403  C  C   . ALA A 1 62  ? -12.126 -6.205  11.320  1.00 55.19 ? 57   ALA A C   1 
ATOM   404  O  O   . ALA A 1 62  ? -12.374 -7.354  11.681  1.00 55.12 ? 57   ALA A O   1 
ATOM   405  C  CB  . ALA A 1 62  ? -14.110 -4.898  12.142  1.00 55.42 ? 57   ALA A CB  1 
ATOM   406  N  N   . ARG A 1 63  ? -10.890 -5.733  11.210  1.00 55.12 ? 58   ARG A N   1 
ATOM   407  C  CA  . ARG A 1 63  ? -9.714  -6.553  11.473  1.00 54.88 ? 58   ARG A CA  1 
ATOM   408  C  C   . ARG A 1 63  ? -8.865  -5.938  12.582  1.00 54.67 ? 58   ARG A C   1 
ATOM   409  O  O   . ARG A 1 63  ? -8.983  -4.748  12.869  1.00 54.54 ? 58   ARG A O   1 
ATOM   410  C  CB  . ARG A 1 63  ? -8.866  -6.682  10.201  1.00 55.11 ? 58   ARG A CB  1 
ATOM   411  C  CG  . ARG A 1 63  ? -9.621  -7.093  8.950   1.00 55.00 ? 58   ARG A CG  1 
ATOM   412  C  CD  . ARG A 1 63  ? -9.863  -8.588  8.881   1.00 55.41 ? 58   ARG A CD  1 
ATOM   413  N  NE  . ARG A 1 63  ? -10.460 -8.932  7.594   1.00 57.17 ? 58   ARG A NE  1 
ATOM   414  C  CZ  . ARG A 1 63  ? -10.684 -10.169 7.148   1.00 57.52 ? 58   ARG A CZ  1 
ATOM   415  N  NH1 . ARG A 1 63  ? -10.364 -11.234 7.879   1.00 56.02 ? 58   ARG A NH1 1 
ATOM   416  N  NH2 . ARG A 1 63  ? -11.237 -10.332 5.951   1.00 57.20 ? 58   ARG A NH2 1 
ATOM   417  N  N   . LYS A 1 64  ? -8.014  -6.758  13.197  1.00 54.44 ? 59   LYS A N   1 
ATOM   418  C  CA  . LYS A 1 64  ? -7.026  -6.291  14.169  1.00 54.29 ? 59   LYS A CA  1 
ATOM   419  C  C   . LYS A 1 64  ? -5.631  -6.496  13.589  1.00 53.74 ? 59   LYS A C   1 
ATOM   420  O  O   . LYS A 1 64  ? -5.039  -7.573  13.739  1.00 54.11 ? 59   LYS A O   1 
ATOM   421  C  CB  . LYS A 1 64  ? -7.158  -7.046  15.494  1.00 54.12 ? 59   LYS A CB  1 
ATOM   422  C  CG  . LYS A 1 64  ? -8.390  -6.703  16.305  1.00 54.98 ? 59   LYS A CG  1 
ATOM   423  C  CD  . LYS A 1 64  ? -8.408  -7.488  17.620  1.00 55.13 ? 59   LYS A CD  1 
ATOM   424  C  CE  . LYS A 1 64  ? -9.649  -7.169  18.450  1.00 57.41 ? 59   LYS A CE  1 
ATOM   425  N  NZ  . LYS A 1 64  ? -9.796  -5.701  18.727  1.00 57.58 ? 59   LYS A NZ  1 
ATOM   426  N  N   . VAL A 1 65  ? -5.099  -5.471  12.926  1.00 52.78 ? 60   VAL A N   1 
ATOM   427  C  CA  . VAL A 1 65  ? -3.894  -5.671  12.132  1.00 51.77 ? 60   VAL A CA  1 
ATOM   428  C  C   . VAL A 1 65  ? -2.616  -5.425  12.932  1.00 51.21 ? 60   VAL A C   1 
ATOM   429  O  O   . VAL A 1 65  ? -2.445  -4.385  13.573  1.00 50.90 ? 60   VAL A O   1 
ATOM   430  C  CB  . VAL A 1 65  ? -3.933  -4.919  10.738  1.00 51.93 ? 60   VAL A CB  1 
ATOM   431  C  CG1 . VAL A 1 65  ? -5.371  -4.695  10.275  1.00 51.20 ? 60   VAL A CG1 1 
ATOM   432  C  CG2 . VAL A 1 65  ? -3.164  -3.609  10.748  1.00 51.45 ? 60   VAL A CG2 1 
ATOM   433  N  N   . SER A 1 66  ? -1.737  -6.423  12.905  1.00 50.49 ? 61   SER A N   1 
ATOM   434  C  CA  . SER A 1 66  ? -0.466  -6.356  13.617  1.00 49.68 ? 61   SER A CA  1 
ATOM   435  C  C   . SER A 1 66  ? 0.686   -5.951  12.703  1.00 48.83 ? 61   SER A C   1 
ATOM   436  O  O   . SER A 1 66  ? 1.695   -5.443  13.179  1.00 48.90 ? 61   SER A O   1 
ATOM   437  C  CB  . SER A 1 66  ? -0.166  -7.675  14.345  1.00 49.75 ? 61   SER A CB  1 
ATOM   438  O  OG  . SER A 1 66  ? -0.540  -8.807  13.575  1.00 51.13 ? 61   SER A OG  1 
ATOM   439  N  N   . SER A 1 67  ? 0.538   -6.162  11.396  1.00 47.61 ? 62   SER A N   1 
ATOM   440  C  CA  . SER A 1 67  ? 1.581   -5.758  10.442  1.00 46.70 ? 62   SER A CA  1 
ATOM   441  C  C   . SER A 1 67  ? 1.105   -5.618  9.001   1.00 45.93 ? 62   SER A C   1 
ATOM   442  O  O   . SER A 1 67  ? 0.045   -6.122  8.622   1.00 45.46 ? 62   SER A O   1 
ATOM   443  C  CB  . SER A 1 67  ? 2.799   -6.701  10.498  1.00 46.58 ? 62   SER A CB  1 
ATOM   444  O  OG  . SER A 1 67  ? 2.501   -7.971  9.954   1.00 46.14 ? 62   SER A OG  1 
ATOM   445  N  N   . ILE A 1 68  ? 1.917   -4.920  8.209   1.00 45.39 ? 63   ILE A N   1 
ATOM   446  C  CA  . ILE A 1 68  ? 1.662   -4.705  6.781   1.00 44.83 ? 63   ILE A CA  1 
ATOM   447  C  C   . ILE A 1 68  ? 2.978   -4.890  6.016   1.00 44.66 ? 63   ILE A C   1 
ATOM   448  O  O   . ILE A 1 68  ? 3.999   -4.308  6.388   1.00 44.39 ? 63   ILE A O   1 
ATOM   449  C  CB  . ILE A 1 68  ? 1.066   -3.288  6.515   1.00 44.58 ? 63   ILE A CB  1 
ATOM   450  C  CG1 . ILE A 1 68  ? -0.274  -3.117  7.247   1.00 44.13 ? 63   ILE A CG1 1 
ATOM   451  C  CG2 . ILE A 1 68  ? 0.878   -3.039  5.021   1.00 44.49 ? 63   ILE A CG2 1 
ATOM   452  C  CD1 . ILE A 1 68  ? -0.596  -1.694  7.628   1.00 42.70 ? 63   ILE A CD1 1 
ATOM   453  N  N   . ALA A 1 69  ? 2.948   -5.708  4.966   1.00 44.49 ? 64   ALA A N   1 
ATOM   454  C  CA  . ALA A 1 69  ? 4.107   -5.886  4.095   1.00 44.84 ? 64   ALA A CA  1 
ATOM   455  C  C   . ALA A 1 69  ? 3.883   -5.227  2.739   1.00 44.98 ? 64   ALA A C   1 
ATOM   456  O  O   . ALA A 1 69  ? 2.958   -5.582  2.000   1.00 44.95 ? 64   ALA A O   1 
ATOM   457  C  CB  . ALA A 1 69  ? 4.453   -7.366  3.935   1.00 44.68 ? 64   ALA A CB  1 
ATOM   458  N  N   . ILE A 1 70  ? 4.737   -4.255  2.434   1.00 45.48 ? 65   ILE A N   1 
ATOM   459  C  CA  . ILE A 1 70  ? 4.678   -3.496  1.184   1.00 45.66 ? 65   ILE A CA  1 
ATOM   460  C  C   . ILE A 1 70  ? 5.804   -3.962  0.256   1.00 45.84 ? 65   ILE A C   1 
ATOM   461  O  O   . ILE A 1 70  ? 6.980   -3.623  0.453   1.00 45.56 ? 65   ILE A O   1 
ATOM   462  C  CB  . ILE A 1 70  ? 4.781   -1.966  1.441   1.00 45.86 ? 65   ILE A CB  1 
ATOM   463  C  CG1 . ILE A 1 70  ? 3.675   -1.491  2.398   1.00 46.64 ? 65   ILE A CG1 1 
ATOM   464  C  CG2 . ILE A 1 70  ? 4.741   -1.187  0.129   1.00 45.01 ? 65   ILE A CG2 1 
ATOM   465  C  CD1 . ILE A 1 70  ? 4.058   -1.573  3.888   1.00 48.32 ? 65   ILE A CD1 1 
ATOM   466  N  N   . THR A 1 71  ? 5.421   -4.745  -0.750  1.00 46.03 ? 66   THR A N   1 
ATOM   467  C  CA  . THR A 1 71  ? 6.352   -5.296  -1.735  1.00 46.06 ? 66   THR A CA  1 
ATOM   468  C  C   . THR A 1 71  ? 6.528   -4.338  -2.922  1.00 46.25 ? 66   THR A C   1 
ATOM   469  O  O   . THR A 1 71  ? 5.581   -4.096  -3.675  1.00 46.23 ? 66   THR A O   1 
ATOM   470  C  CB  . THR A 1 71  ? 5.850   -6.655  -2.255  1.00 45.99 ? 66   THR A CB  1 
ATOM   471  O  OG1 . THR A 1 71  ? 5.526   -7.504  -1.145  1.00 46.11 ? 66   THR A OG1 1 
ATOM   472  C  CG2 . THR A 1 71  ? 6.894   -7.333  -3.150  1.00 46.00 ? 66   THR A CG2 1 
ATOM   473  N  N   . PRO A 1 72  ? 7.745   -3.788  -3.089  1.00 46.48 ? 67   PRO A N   1 
ATOM   474  C  CA  . PRO A 1 72  ? 8.040   -2.953  -4.244  1.00 46.62 ? 67   PRO A CA  1 
ATOM   475  C  C   . PRO A 1 72  ? 8.044   -3.744  -5.549  1.00 47.24 ? 67   PRO A C   1 
ATOM   476  O  O   . PRO A 1 72  ? 7.974   -4.978  -5.541  1.00 47.35 ? 67   PRO A O   1 
ATOM   477  C  CB  . PRO A 1 72  ? 9.454   -2.425  -3.945  1.00 46.43 ? 67   PRO A CB  1 
ATOM   478  C  CG  . PRO A 1 72  ? 9.666   -2.657  -2.502  1.00 46.07 ? 67   PRO A CG  1 
ATOM   479  C  CD  . PRO A 1 72  ? 8.910   -3.896  -2.193  1.00 46.25 ? 67   PRO A CD  1 
ATOM   480  N  N   . ARG A 1 73  ? 8.134   -3.026  -6.662  1.00 48.05 ? 68   ARG A N   1 
ATOM   481  C  CA  . ARG A 1 73  ? 8.265   -3.640  -7.977  1.00 48.73 ? 68   ARG A CA  1 
ATOM   482  C  C   . ARG A 1 73  ? 9.484   -4.557  -8.066  1.00 49.68 ? 68   ARG A C   1 
ATOM   483  O  O   . ARG A 1 73  ? 10.583  -4.216  -7.631  1.00 49.70 ? 68   ARG A O   1 
ATOM   484  C  CB  . ARG A 1 73  ? 8.304   -2.575  -9.072  1.00 48.42 ? 68   ARG A CB  1 
ATOM   485  C  CG  . ARG A 1 73  ? 9.440   -1.573  -8.968  1.00 47.62 ? 68   ARG A CG  1 
ATOM   486  C  CD  . ARG A 1 73  ? 9.248   -0.436  -9.953  1.00 45.57 ? 68   ARG A CD  1 
ATOM   487  N  NE  . ARG A 1 73  ? 9.222   -0.909  -11.333 1.00 44.79 ? 68   ARG A NE  1 
ATOM   488  C  CZ  . ARG A 1 73  ? 8.654   -0.262  -12.348 1.00 44.50 ? 68   ARG A CZ  1 
ATOM   489  N  NH1 . ARG A 1 73  ? 8.036   0.902   -12.157 1.00 43.75 ? 68   ARG A NH1 1 
ATOM   490  N  NH2 . ARG A 1 73  ? 8.692   -0.792  -13.558 1.00 44.08 ? 68   ARG A NH2 1 
ATOM   491  N  N   . THR A 1 74  ? 9.256   -5.732  -8.637  1.00 50.99 ? 69   THR A N   1 
ATOM   492  C  CA  . THR A 1 74  ? 10.240  -6.802  -8.730  1.00 52.07 ? 69   THR A CA  1 
ATOM   493  C  C   . THR A 1 74  ? 11.403  -6.422  -9.673  1.00 52.23 ? 69   THR A C   1 
ATOM   494  O  O   . THR A 1 74  ? 12.483  -7.006  -9.617  1.00 52.75 ? 69   THR A O   1 
ATOM   495  C  CB  . THR A 1 74  ? 9.516   -8.115  -9.158  1.00 52.08 ? 69   THR A CB  1 
ATOM   496  O  OG1 . THR A 1 74  ? 10.064  -9.239  -8.461  1.00 53.53 ? 69   THR A OG1 1 
ATOM   497  C  CG2 . THR A 1 74  ? 9.578   -8.337  -10.658 1.00 52.63 ? 69   THR A CG2 1 
ATOM   498  N  N   . SER A 1 75  ? 11.170  -5.408  -10.503 1.00 52.23 ? 70   SER A N   1 
ATOM   499  C  CA  . SER A 1 75  ? 12.124  -4.935  -11.501 1.00 51.96 ? 70   SER A CA  1 
ATOM   500  C  C   . SER A 1 75  ? 11.861  -3.445  -11.764 1.00 51.80 ? 70   SER A C   1 
ATOM   501  O  O   . SER A 1 75  ? 10.724  -2.983  -11.643 1.00 51.99 ? 70   SER A O   1 
ATOM   502  C  CB  . SER A 1 75  ? 11.965  -5.751  -12.783 1.00 51.87 ? 70   SER A CB  1 
ATOM   503  O  OG  . SER A 1 75  ? 12.652  -5.159  -13.862 1.00 52.13 ? 70   SER A OG  1 
ATOM   504  N  N   . GLY A 1 76  ? 12.907  -2.701  -12.117 1.00 51.41 ? 71   GLY A N   1 
ATOM   505  C  CA  . GLY A 1 76  ? 12.812  -1.248  -12.277 1.00 50.91 ? 71   GLY A CA  1 
ATOM   506  C  C   . GLY A 1 76  ? 12.817  -0.545  -10.932 1.00 50.69 ? 71   GLY A C   1 
ATOM   507  O  O   . GLY A 1 76  ? 12.667  -1.190  -9.895  1.00 50.56 ? 71   GLY A O   1 
ATOM   508  N  N   . ASN A 1 77  ? 12.994  0.774   -10.932 1.00 50.52 ? 72   ASN A N   1 
ATOM   509  C  CA  . ASN A 1 77  ? 12.932  1.531   -9.670  1.00 50.44 ? 72   ASN A CA  1 
ATOM   510  C  C   . ASN A 1 77  ? 11.839  2.613   -9.560  1.00 49.81 ? 72   ASN A C   1 
ATOM   511  O  O   . ASN A 1 77  ? 11.549  3.100   -8.466  1.00 49.69 ? 72   ASN A O   1 
ATOM   512  C  CB  . ASN A 1 77  ? 14.317  2.064   -9.253  1.00 50.70 ? 72   ASN A CB  1 
ATOM   513  C  CG  . ASN A 1 77  ? 14.887  3.101   -10.213 1.00 52.65 ? 72   ASN A CG  1 
ATOM   514  O  OD1 . ASN A 1 77  ? 15.969  3.648   -9.965  1.00 54.49 ? 72   ASN A OD1 1 
ATOM   515  N  ND2 . ASN A 1 77  ? 14.177  3.380   -11.305 1.00 53.93 ? 72   ASN A ND2 1 
ATOM   516  N  N   . ASN A 1 78  ? 11.229  2.969   -10.690 1.00 48.98 ? 73   ASN A N   1 
ATOM   517  C  CA  . ASN A 1 78  ? 10.200  4.009   -10.719 1.00 48.30 ? 73   ASN A CA  1 
ATOM   518  C  C   . ASN A 1 78  ? 9.079   3.749   -9.726  1.00 47.64 ? 73   ASN A C   1 
ATOM   519  O  O   . ASN A 1 78  ? 8.433   2.695   -9.760  1.00 47.14 ? 73   ASN A O   1 
ATOM   520  C  CB  . ASN A 1 78  ? 9.615   4.171   -12.129 1.00 48.35 ? 73   ASN A CB  1 
ATOM   521  C  CG  . ASN A 1 78  ? 10.359  5.197   -12.960 1.00 48.20 ? 73   ASN A CG  1 
ATOM   522  O  OD1 . ASN A 1 78  ? 10.929  6.152   -12.433 1.00 49.37 ? 73   ASN A OD1 1 
ATOM   523  N  ND2 . ASN A 1 78  ? 10.339  5.014   -14.270 1.00 48.32 ? 73   ASN A ND2 1 
ATOM   524  N  N   . GLY A 1 79  ? 8.863   4.713   -8.839  1.00 47.23 ? 74   GLY A N   1 
ATOM   525  C  CA  . GLY A 1 79  ? 7.787   4.619   -7.860  1.00 47.06 ? 74   GLY A CA  1 
ATOM   526  C  C   . GLY A 1 79  ? 8.131   3.939   -6.548  1.00 46.95 ? 74   GLY A C   1 
ATOM   527  O  O   . GLY A 1 79  ? 7.244   3.719   -5.723  1.00 47.07 ? 74   GLY A O   1 
ATOM   528  N  N   . PHE A 1 80  ? 9.403   3.580   -6.357  1.00 46.67 ? 75   PHE A N   1 
ATOM   529  C  CA  . PHE A 1 80  ? 9.870   3.166   -5.042  1.00 46.41 ? 75   PHE A CA  1 
ATOM   530  C  C   . PHE A 1 80  ? 9.437   4.303   -4.123  1.00 46.89 ? 75   PHE A C   1 
ATOM   531  O  O   . PHE A 1 80  ? 9.899   5.434   -4.282  1.00 46.91 ? 75   PHE A O   1 
ATOM   532  C  CB  . PHE A 1 80  ? 11.405  3.031   -4.987  1.00 45.72 ? 75   PHE A CB  1 
ATOM   533  C  CG  . PHE A 1 80  ? 11.958  1.735   -5.543  1.00 44.27 ? 75   PHE A CG  1 
ATOM   534  C  CD1 . PHE A 1 80  ? 13.333  1.585   -5.706  1.00 43.86 ? 75   PHE A CD1 1 
ATOM   535  C  CD2 . PHE A 1 80  ? 11.132  0.677   -5.896  1.00 43.43 ? 75   PHE A CD2 1 
ATOM   536  C  CE1 . PHE A 1 80  ? 13.882  0.396   -6.213  1.00 43.60 ? 75   PHE A CE1 1 
ATOM   537  C  CE2 . PHE A 1 80  ? 11.672  -0.513  -6.401  1.00 43.81 ? 75   PHE A CE2 1 
ATOM   538  C  CZ  . PHE A 1 80  ? 13.048  -0.652  -6.557  1.00 43.26 ? 75   PHE A CZ  1 
ATOM   539  N  N   . ILE A 1 81  ? 8.530   4.021   -3.194  1.00 47.18 ? 76   ILE A N   1 
ATOM   540  C  CA  . ILE A 1 81  ? 8.071   5.044   -2.256  1.00 47.54 ? 76   ILE A CA  1 
ATOM   541  C  C   . ILE A 1 81  ? 9.147   5.274   -1.199  1.00 48.12 ? 76   ILE A C   1 
ATOM   542  O  O   . ILE A 1 81  ? 9.612   4.322   -0.568  1.00 48.21 ? 76   ILE A O   1 
ATOM   543  C  CB  . ILE A 1 81  ? 6.715   4.667   -1.601  1.00 47.41 ? 76   ILE A CB  1 
ATOM   544  C  CG1 . ILE A 1 81  ? 5.660   4.412   -2.692  1.00 47.19 ? 76   ILE A CG1 1 
ATOM   545  C  CG2 . ILE A 1 81  ? 6.275   5.766   -0.622  1.00 47.49 ? 76   ILE A CG2 1 
ATOM   546  C  CD1 . ILE A 1 81  ? 4.367   3.787   -2.214  1.00 47.03 ? 76   ILE A CD1 1 
ATOM   547  N  N   . THR A 1 82  ? 9.546   6.536   -1.030  1.00 48.59 ? 77   THR A N   1 
ATOM   548  C  CA  . THR A 1 82  ? 10.605  6.902   -0.088  1.00 49.24 ? 77   THR A CA  1 
ATOM   549  C  C   . THR A 1 82  ? 10.088  7.578   1.190   1.00 49.59 ? 77   THR A C   1 
ATOM   550  O  O   . THR A 1 82  ? 10.723  7.488   2.240   1.00 49.91 ? 77   THR A O   1 
ATOM   551  C  CB  . THR A 1 82  ? 11.659  7.829   -0.739  1.00 49.35 ? 77   THR A CB  1 
ATOM   552  O  OG1 . THR A 1 82  ? 11.033  9.053   -1.150  1.00 49.25 ? 77   THR A OG1 1 
ATOM   553  C  CG2 . THR A 1 82  ? 12.333  7.149   -1.935  1.00 48.74 ? 77   THR A CG2 1 
ATOM   554  N  N   . LYS A 1 83  ? 8.955   8.271   1.087   1.00 49.64 ? 78   LYS A N   1 
ATOM   555  C  CA  . LYS A 1 83  ? 8.322   8.927   2.229   1.00 50.03 ? 78   LYS A CA  1 
ATOM   556  C  C   . LYS A 1 83  ? 6.822   8.623   2.195   1.00 50.08 ? 78   LYS A C   1 
ATOM   557  O  O   . LYS A 1 83  ? 6.164   8.790   1.156   1.00 50.09 ? 78   LYS A O   1 
ATOM   558  C  CB  . LYS A 1 83  ? 8.582   10.437  2.193   1.00 50.08 ? 78   LYS A CB  1 
ATOM   559  C  CG  . LYS A 1 83  ? 8.499   11.127  3.550   1.00 50.87 ? 78   LYS A CG  1 
ATOM   560  C  CD  . LYS A 1 83  ? 8.600   12.643  3.432   1.00 50.84 ? 78   LYS A CD  1 
ATOM   561  C  CE  . LYS A 1 83  ? 8.413   13.291  4.799   1.00 53.14 ? 78   LYS A CE  1 
ATOM   562  N  NZ  . LYS A 1 83  ? 7.701   14.613  4.755   1.00 53.82 ? 78   LYS A NZ  1 
ATOM   563  N  N   . TYR A 1 84  ? 6.289   8.171   3.329   1.00 49.97 ? 79   TYR A N   1 
ATOM   564  C  CA  . TYR A 1 84  ? 4.943   7.606   3.381   1.00 50.09 ? 79   TYR A CA  1 
ATOM   565  C  C   . TYR A 1 84  ? 4.149   8.006   4.634   1.00 50.29 ? 79   TYR A C   1 
ATOM   566  O  O   . TYR A 1 84  ? 4.712   8.493   5.621   1.00 50.49 ? 79   TYR A O   1 
ATOM   567  C  CB  . TYR A 1 84  ? 5.011   6.070   3.286   1.00 50.01 ? 79   TYR A CB  1 
ATOM   568  C  CG  . TYR A 1 84  ? 5.639   5.414   4.502   1.00 50.03 ? 79   TYR A CG  1 
ATOM   569  C  CD1 . TYR A 1 84  ? 4.856   4.982   5.572   1.00 50.08 ? 79   TYR A CD1 1 
ATOM   570  C  CD2 . TYR A 1 84  ? 7.022   5.241   4.585   1.00 50.62 ? 79   TYR A CD2 1 
ATOM   571  C  CE1 . TYR A 1 84  ? 5.434   4.395   6.698   1.00 50.35 ? 79   TYR A CE1 1 
ATOM   572  C  CE2 . TYR A 1 84  ? 7.610   4.658   5.698   1.00 50.13 ? 79   TYR A CE2 1 
ATOM   573  C  CZ  . TYR A 1 84  ? 6.814   4.233   6.748   1.00 50.34 ? 79   TYR A CZ  1 
ATOM   574  O  OH  . TYR A 1 84  ? 7.403   3.659   7.844   1.00 50.15 ? 79   TYR A OH  1 
ATOM   575  N  N   . GLU A 1 85  ? 2.836   7.797   4.562   1.00 50.24 ? 80   GLU A N   1 
ATOM   576  C  CA  . GLU A 1 85  ? 1.932   7.837   5.708   1.00 50.28 ? 80   GLU A CA  1 
ATOM   577  C  C   . GLU A 1 85  ? 1.003   6.649   5.580   1.00 50.14 ? 80   GLU A C   1 
ATOM   578  O  O   . GLU A 1 85  ? 0.671   6.233   4.470   1.00 50.41 ? 80   GLU A O   1 
ATOM   579  C  CB  . GLU A 1 85  ? 1.072   9.097   5.691   1.00 50.34 ? 80   GLU A CB  1 
ATOM   580  C  CG  . GLU A 1 85  ? 1.734   10.389  6.160   1.00 50.67 ? 80   GLU A CG  1 
ATOM   581  C  CD  . GLU A 1 85  ? 0.796   11.594  6.021   1.00 50.51 ? 80   GLU A CD  1 
ATOM   582  O  OE1 . GLU A 1 85  ? -0.312  11.429  5.459   1.00 51.29 ? 80   GLU A OE1 1 
ATOM   583  O  OE2 . GLU A 1 85  ? 1.167   12.703  6.458   1.00 49.76 ? 80   GLU A OE2 1 
ATOM   584  N  N   . ILE A 1 86  ? 0.588   6.097   6.713   1.00 50.08 ? 81   ILE A N   1 
ATOM   585  C  CA  . ILE A 1 86  ? -0.416  5.044   6.736   1.00 50.10 ? 81   ILE A CA  1 
ATOM   586  C  C   . ILE A 1 86  ? -1.567  5.449   7.668   1.00 50.30 ? 81   ILE A C   1 
ATOM   587  O  O   . ILE A 1 86  ? -1.347  5.786   8.831   1.00 49.76 ? 81   ILE A O   1 
ATOM   588  C  CB  . ILE A 1 86  ? 0.192   3.671   7.156   1.00 50.22 ? 81   ILE A CB  1 
ATOM   589  C  CG1 . ILE A 1 86  ? 1.366   3.281   6.236   1.00 50.40 ? 81   ILE A CG1 1 
ATOM   590  C  CG2 . ILE A 1 86  ? -0.887  2.580   7.190   1.00 50.53 ? 81   ILE A CG2 1 
ATOM   591  C  CD1 . ILE A 1 86  ? 1.892   1.856   6.429   1.00 49.66 ? 81   ILE A CD1 1 
ATOM   592  N  N   . HIS A 1 87  ? -2.786  5.445   7.134   1.00 50.96 ? 82   HIS A N   1 
ATOM   593  C  CA  . HIS A 1 87  ? -3.988  5.750   7.906   1.00 51.60 ? 82   HIS A CA  1 
ATOM   594  C  C   . HIS A 1 87  ? -4.867  4.525   7.925   1.00 52.47 ? 82   HIS A C   1 
ATOM   595  O  O   . HIS A 1 87  ? -4.892  3.761   6.956   1.00 52.46 ? 82   HIS A O   1 
ATOM   596  C  CB  . HIS A 1 87  ? -4.798  6.886   7.276   1.00 51.25 ? 82   HIS A CB  1 
ATOM   597  C  CG  . HIS A 1 87  ? -4.102  8.209   7.258   1.00 50.60 ? 82   HIS A CG  1 
ATOM   598  N  ND1 . HIS A 1 87  ? -3.091  8.504   6.368   1.00 50.23 ? 82   HIS A ND1 1 
ATOM   599  C  CD2 . HIS A 1 87  ? -4.296  9.329   7.994   1.00 49.88 ? 82   HIS A CD2 1 
ATOM   600  C  CE1 . HIS A 1 87  ? -2.687  9.748   6.563   1.00 50.18 ? 82   HIS A CE1 1 
ATOM   601  N  NE2 . HIS A 1 87  ? -3.398  10.269  7.547   1.00 49.63 ? 82   HIS A NE2 1 
ATOM   602  N  N   . ALA A 1 88  ? -5.587  4.340   9.028   1.00 53.54 ? 83   ALA A N   1 
ATOM   603  C  CA  . ALA A 1 88  ? -6.553  3.258   9.144   1.00 54.78 ? 83   ALA A CA  1 
ATOM   604  C  C   . ALA A 1 88  ? -7.954  3.834   9.255   1.00 55.56 ? 83   ALA A C   1 
ATOM   605  O  O   . ALA A 1 88  ? -8.147  4.902   9.835   1.00 55.51 ? 83   ALA A O   1 
ATOM   606  C  CB  . ALA A 1 88  ? -6.237  2.382   10.352  1.00 54.74 ? 83   ALA A CB  1 
ATOM   607  N  N   . ILE A 1 89  ? -8.929  3.125   8.698   1.00 56.76 ? 84   ILE A N   1 
ATOM   608  C  CA  . ILE A 1 89  ? -10.323 3.548   8.775   1.00 57.93 ? 84   ILE A CA  1 
ATOM   609  C  C   . ILE A 1 89  ? -11.097 2.526   9.602   1.00 58.45 ? 84   ILE A C   1 
ATOM   610  O  O   . ILE A 1 89  ? -11.159 1.346   9.244   1.00 58.50 ? 84   ILE A O   1 
ATOM   611  C  CB  . ILE A 1 89  ? -10.960 3.747   7.358   1.00 58.15 ? 84   ILE A CB  1 
ATOM   612  C  CG1 . ILE A 1 89  ? -10.266 4.881   6.590   1.00 58.45 ? 84   ILE A CG1 1 
ATOM   613  C  CG2 . ILE A 1 89  ? -12.459 4.055   7.458   1.00 58.65 ? 84   ILE A CG2 1 
ATOM   614  C  CD1 . ILE A 1 89  ? -9.092  4.439   5.721   1.00 59.35 ? 84   ILE A CD1 1 
ATOM   615  N  N   . ASN A 1 90  ? -11.656 2.981   10.724  1.00 59.35 ? 85   ASN A N   1 
ATOM   616  C  CA  . ASN A 1 90  ? -12.424 2.108   11.612  1.00 60.11 ? 85   ASN A CA  1 
ATOM   617  C  C   . ASN A 1 90  ? -13.663 2.755   12.245  1.00 60.81 ? 85   ASN A C   1 
ATOM   618  O  O   . ASN A 1 90  ? -13.550 3.649   13.086  1.00 61.09 ? 85   ASN A O   1 
ATOM   619  C  CB  . ASN A 1 90  ? -11.533 1.500   12.691  1.00 60.01 ? 85   ASN A CB  1 
ATOM   620  C  CG  . ASN A 1 90  ? -12.183 0.306   13.366  1.00 60.47 ? 85   ASN A CG  1 
ATOM   621  O  OD1 . ASN A 1 90  ? -12.547 -0.676  12.705  1.00 59.25 ? 85   ASN A OD1 1 
ATOM   622  N  ND2 . ASN A 1 90  ? -12.340 0.386   14.691  1.00 59.99 ? 85   ASN A ND2 1 
ATOM   623  N  N   . ASN A 1 91  ? -14.836 2.295   11.804  1.00 61.53 ? 86   ASN A N   1 
ATOM   624  C  CA  . ASN A 1 91  ? -16.154 2.655   12.361  1.00 62.14 ? 86   ASN A CA  1 
ATOM   625  C  C   . ASN A 1 91  ? -16.655 4.134   12.386  1.00 62.71 ? 86   ASN A C   1 
ATOM   626  O  O   . ASN A 1 91  ? -17.116 4.594   13.432  1.00 63.27 ? 86   ASN A O   1 
ATOM   627  C  CB  . ASN A 1 91  ? -16.341 2.006   13.745  1.00 61.97 ? 86   ASN A CB  1 
ATOM   628  C  CG  . ASN A 1 91  ? -17.761 2.161   14.279  1.00 61.89 ? 86   ASN A CG  1 
ATOM   629  O  OD1 . ASN A 1 91  ? -18.721 1.660   13.692  1.00 60.97 ? 86   ASN A OD1 1 
ATOM   630  N  ND2 . ASN A 1 91  ? -17.893 2.862   15.397  1.00 61.75 ? 86   ASN A ND2 1 
ATOM   631  N  N   . GLY A 1 92  ? -16.553 4.906   11.303  1.00 63.11 ? 87   GLY A N   1 
ATOM   632  C  CA  . GLY A 1 92  ? -15.633 4.708   10.198  1.00 63.61 ? 87   GLY A CA  1 
ATOM   633  C  C   . GLY A 1 92  ? -14.688 5.884   10.354  1.00 64.08 ? 87   GLY A C   1 
ATOM   634  O  O   . GLY A 1 92  ? -14.639 6.781   9.505   1.00 64.25 ? 87   GLY A O   1 
ATOM   635  N  N   . VAL A 1 93  ? -13.971 5.895   11.477  1.00 64.19 ? 88   VAL A N   1 
ATOM   636  C  CA  . VAL A 1 93  ? -13.036 6.965   11.810  1.00 64.35 ? 88   VAL A CA  1 
ATOM   637  C  C   . VAL A 1 93  ? -11.703 6.703   11.114  1.00 64.24 ? 88   VAL A C   1 
ATOM   638  O  O   . VAL A 1 93  ? -11.209 5.577   11.124  1.00 64.34 ? 88   VAL A O   1 
ATOM   639  C  CB  . VAL A 1 93  ? -12.829 7.085   13.348  1.00 64.46 ? 88   VAL A CB  1 
ATOM   640  C  CG1 . VAL A 1 93  ? -11.889 8.240   13.687  1.00 64.82 ? 88   VAL A CG1 1 
ATOM   641  C  CG2 . VAL A 1 93  ? -14.175 7.269   14.068  1.00 64.40 ? 88   VAL A CG2 1 
ATOM   642  N  N   . GLU A 1 94  ? -11.143 7.740   10.492  1.00 64.12 ? 89   GLU A N   1 
ATOM   643  C  CA  . GLU A 1 94  ? -9.819  7.655   9.872   1.00 63.68 ? 89   GLU A CA  1 
ATOM   644  C  C   . GLU A 1 94  ? -8.757  8.255   10.789  1.00 63.26 ? 89   GLU A C   1 
ATOM   645  O  O   . GLU A 1 94  ? -8.934  9.351   11.325  1.00 63.15 ? 89   GLU A O   1 
ATOM   646  C  CB  . GLU A 1 94  ? -9.800  8.350   8.510   1.00 63.79 ? 89   GLU A CB  1 
ATOM   647  C  CG  . GLU A 1 94  ? -8.448  8.288   7.803   1.00 64.12 ? 89   GLU A CG  1 
ATOM   648  C  CD  . GLU A 1 94  ? -8.527  8.688   6.344   1.00 64.88 ? 89   GLU A CD  1 
ATOM   649  O  OE1 . GLU A 1 94  ? -8.474  7.788   5.476   1.00 65.30 ? 89   GLU A OE1 1 
ATOM   650  O  OE2 . GLU A 1 94  ? -8.655  9.898   6.064   1.00 65.18 ? 89   GLU A OE2 1 
ATOM   651  N  N   . THR A 1 95  ? -7.650  7.532   10.946  1.00 62.56 ? 90   THR A N   1 
ATOM   652  C  CA  . THR A 1 95  ? -6.597  7.908   11.886  1.00 61.84 ? 90   THR A CA  1 
ATOM   653  C  C   . THR A 1 95  ? -5.201  7.506   11.402  1.00 61.05 ? 90   THR A C   1 
ATOM   654  O  O   . THR A 1 95  ? -4.987  6.367   10.989  1.00 60.91 ? 90   THR A O   1 
ATOM   655  C  CB  . THR A 1 95  ? -6.874  7.326   13.297  1.00 61.91 ? 90   THR A CB  1 
ATOM   656  O  OG1 . THR A 1 95  ? -5.672  7.330   14.077  1.00 62.90 ? 90   THR A OG1 1 
ATOM   657  C  CG2 . THR A 1 95  ? -7.412  5.898   13.212  1.00 62.43 ? 90   THR A CG2 1 
ATOM   658  N  N   . LEU A 1 96  ? -4.268  8.460   11.461  1.00 60.15 ? 91   LEU A N   1 
ATOM   659  C  CA  . LEU A 1 96  ? -2.859  8.239   11.132  1.00 59.33 ? 91   LEU A CA  1 
ATOM   660  C  C   . LEU A 1 96  ? -2.212  7.267   12.118  1.00 59.01 ? 91   LEU A C   1 
ATOM   661  O  O   . LEU A 1 96  ? -2.249  7.478   13.335  1.00 58.81 ? 91   LEU A O   1 
ATOM   662  C  CB  . LEU A 1 96  ? -2.091  9.569   11.126  1.00 59.18 ? 91   LEU A CB  1 
ATOM   663  C  CG  . LEU A 1 96  ? -0.617  9.548   10.694  1.00 58.99 ? 91   LEU A CG  1 
ATOM   664  C  CD1 . LEU A 1 96  ? -0.473  9.522   9.183   1.00 58.51 ? 91   LEU A CD1 1 
ATOM   665  C  CD2 . LEU A 1 96  ? 0.143   10.729  11.264  1.00 59.22 ? 91   LEU A CD2 1 
ATOM   666  N  N   . VAL A 1 97  ? -1.602  6.216   11.577  1.00 58.57 ? 92   VAL A N   1 
ATOM   667  C  CA  . VAL A 1 97  ? -1.119  5.102   12.387  1.00 58.27 ? 92   VAL A CA  1 
ATOM   668  C  C   . VAL A 1 97  ? 0.339   4.718   12.109  1.00 57.89 ? 92   VAL A C   1 
ATOM   669  O  O   . VAL A 1 97  ? 0.952   3.986   12.886  1.00 57.99 ? 92   VAL A O   1 
ATOM   670  C  CB  . VAL A 1 97  ? -2.060  3.878   12.243  1.00 58.33 ? 92   VAL A CB  1 
ATOM   671  C  CG1 . VAL A 1 97  ? -1.823  3.131   10.925  1.00 57.99 ? 92   VAL A CG1 1 
ATOM   672  C  CG2 . VAL A 1 97  ? -1.945  2.961   13.454  1.00 58.78 ? 92   VAL A CG2 1 
ATOM   673  N  N   . ALA A 1 98  ? 0.882   5.211   11.001  1.00 57.51 ? 93   ALA A N   1 
ATOM   674  C  CA  . ALA A 1 98  ? 2.289   5.020   10.659  1.00 57.10 ? 93   ALA A CA  1 
ATOM   675  C  C   . ALA A 1 98  ? 2.748   6.116   9.714   1.00 56.85 ? 93   ALA A C   1 
ATOM   676  O  O   . ALA A 1 98  ? 1.955   6.645   8.936   1.00 56.76 ? 93   ALA A O   1 
ATOM   677  C  CB  . ALA A 1 98  ? 2.518   3.646   10.037  1.00 57.09 ? 93   ALA A CB  1 
ATOM   678  N  N   . GLU A 1 99  ? 4.025   6.467   9.807   1.00 56.74 ? 94   GLU A N   1 
ATOM   679  C  CA  . GLU A 1 99  ? 4.652   7.410   8.883   1.00 57.14 ? 94   GLU A CA  1 
ATOM   680  C  C   . GLU A 1 99  ? 6.158   7.322   9.014   1.00 56.92 ? 94   GLU A C   1 
ATOM   681  O  O   . GLU A 1 99  ? 6.668   6.988   10.081  1.00 57.28 ? 94   GLU A O   1 
ATOM   682  C  CB  . GLU A 1 99  ? 4.173   8.851   9.122   1.00 57.47 ? 94   GLU A CB  1 
ATOM   683  C  CG  . GLU A 1 99  ? 4.162   9.297   10.588  1.00 58.99 ? 94   GLU A CG  1 
ATOM   684  C  CD  . GLU A 1 99  ? 5.301   10.237  10.947  1.00 60.92 ? 94   GLU A CD  1 
ATOM   685  O  OE1 . GLU A 1 99  ? 6.466   9.957   10.575  1.00 61.00 ? 94   GLU A OE1 1 
ATOM   686  O  OE2 . GLU A 1 99  ? 5.017   11.262  11.614  1.00 61.52 ? 94   GLU A OE2 1 
ATOM   687  N  N   . GLY A 1 100 ? 6.866   7.614   7.926   1.00 56.72 ? 95   GLY A N   1 
ATOM   688  C  CA  . GLY A 1 100 ? 8.320   7.613   7.938   1.00 56.36 ? 95   GLY A CA  1 
ATOM   689  C  C   . GLY A 1 100 ? 8.956   7.686   6.564   1.00 56.26 ? 95   GLY A C   1 
ATOM   690  O  O   . GLY A 1 100 ? 8.399   8.266   5.628   1.00 56.36 ? 95   GLY A O   1 
ATOM   691  N  N   . THR A 1 101 ? 10.134  7.086   6.465   1.00 55.89 ? 96   THR A N   1 
ATOM   692  C  CA  . THR A 1 101 ? 10.924  7.054   5.246   1.00 55.54 ? 96   THR A CA  1 
ATOM   693  C  C   . THR A 1 101 ? 11.313  5.614   4.917   1.00 55.22 ? 96   THR A C   1 
ATOM   694  O  O   . THR A 1 101 ? 11.604  4.821   5.814   1.00 55.42 ? 96   THR A O   1 
ATOM   695  C  CB  . THR A 1 101 ? 12.160  8.007   5.364   1.00 55.48 ? 96   THR A CB  1 
ATOM   696  O  OG1 . THR A 1 101 ? 12.019  9.093   4.440   1.00 55.08 ? 96   THR A OG1 1 
ATOM   697  C  CG2 . THR A 1 101 ? 13.480  7.298   5.085   1.00 56.19 ? 96   THR A CG2 1 
ATOM   698  N  N   . TRP A 1 102 ? 11.276  5.276   3.631   1.00 54.75 ? 97   TRP A N   1 
ATOM   699  C  CA  . TRP A 1 102 ? 11.755  3.987   3.154   1.00 54.44 ? 97   TRP A CA  1 
ATOM   700  C  C   . TRP A 1 102 ? 12.966  4.158   2.239   1.00 54.52 ? 97   TRP A C   1 
ATOM   701  O  O   . TRP A 1 102 ? 13.068  5.149   1.508   1.00 54.61 ? 97   TRP A O   1 
ATOM   702  C  CB  . TRP A 1 102 ? 10.655  3.227   2.410   1.00 53.95 ? 97   TRP A CB  1 
ATOM   703  C  CG  . TRP A 1 102 ? 9.609   2.606   3.291   1.00 53.73 ? 97   TRP A CG  1 
ATOM   704  C  CD1 . TRP A 1 102 ? 9.785   2.093   4.552   1.00 53.23 ? 97   TRP A CD1 1 
ATOM   705  C  CD2 . TRP A 1 102 ? 8.232   2.387   2.958   1.00 52.86 ? 97   TRP A CD2 1 
ATOM   706  N  NE1 . TRP A 1 102 ? 8.597   1.590   5.030   1.00 52.55 ? 97   TRP A NE1 1 
ATOM   707  C  CE2 . TRP A 1 102 ? 7.627   1.758   4.076   1.00 53.17 ? 97   TRP A CE2 1 
ATOM   708  C  CE3 . TRP A 1 102 ? 7.446   2.672   1.832   1.00 52.69 ? 97   TRP A CE3 1 
ATOM   709  C  CZ2 . TRP A 1 102 ? 6.268   1.411   4.100   1.00 53.09 ? 97   TRP A CZ2 1 
ATOM   710  C  CZ3 . TRP A 1 102 ? 6.095   2.325   1.851   1.00 52.90 ? 97   TRP A CZ3 1 
ATOM   711  C  CH2 . TRP A 1 102 ? 5.519   1.702   2.984   1.00 53.32 ? 97   TRP A CH2 1 
ATOM   712  N  N   . GLU A 1 103 ? 13.868  3.177   2.283   1.00 54.58 ? 98   GLU A N   1 
ATOM   713  C  CA  . GLU A 1 103 ? 15.051  3.127   1.425   1.00 54.81 ? 98   GLU A CA  1 
ATOM   714  C  C   . GLU A 1 103 ? 14.688  2.945   -0.046  1.00 54.35 ? 98   GLU A C   1 
ATOM   715  O  O   . GLU A 1 103 ? 13.615  2.432   -0.368  1.00 54.42 ? 98   GLU A O   1 
ATOM   716  C  CB  . GLU A 1 103 ? 15.959  1.968   1.854   1.00 54.79 ? 98   GLU A CB  1 
ATOM   717  C  CG  . GLU A 1 103 ? 17.131  2.339   2.742   1.00 55.54 ? 98   GLU A CG  1 
ATOM   718  C  CD  . GLU A 1 103 ? 18.039  1.148   3.000   1.00 56.19 ? 98   GLU A CD  1 
ATOM   719  O  OE1 . GLU A 1 103 ? 17.714  0.346   3.905   1.00 57.88 ? 98   GLU A OE1 1 
ATOM   720  O  OE2 . GLU A 1 103 ? 19.070  1.004   2.294   1.00 58.08 ? 98   GLU A OE2 1 
ATOM   721  N  N   . GLU A 1 104 ? 15.609  3.340   -0.925  1.00 54.02 ? 99   GLU A N   1 
ATOM   722  C  CA  . GLU A 1 104 ? 15.487  3.144   -2.366  1.00 53.61 ? 99   GLU A CA  1 
ATOM   723  C  C   . GLU A 1 104 ? 15.977  1.786   -2.857  1.00 53.39 ? 99   GLU A C   1 
ATOM   724  O  O   . GLU A 1 104 ? 17.038  1.682   -3.487  1.00 53.74 ? 99   GLU A O   1 
ATOM   725  C  CB  . GLU A 1 104 ? 16.262  4.225   -3.098  1.00 53.85 ? 99   GLU A CB  1 
ATOM   726  C  CG  . GLU A 1 104 ? 15.458  5.452   -3.426  1.00 54.39 ? 99   GLU A CG  1 
ATOM   727  C  CD  . GLU A 1 104 ? 16.227  6.381   -4.319  1.00 55.21 ? 99   GLU A CD  1 
ATOM   728  O  OE1 . GLU A 1 104 ? 16.588  5.957   -5.444  1.00 56.12 ? 99   GLU A OE1 1 
ATOM   729  O  OE2 . GLU A 1 104 ? 16.476  7.527   -3.891  1.00 56.01 ? 99   GLU A OE2 1 
ATOM   730  N  N   . ASN A 1 105 ? 15.194  0.749   -2.588  1.00 52.58 ? 100  ASN A N   1 
ATOM   731  C  CA  . ASN A 1 105 ? 15.505  -0.589  -3.058  1.00 51.61 ? 100  ASN A CA  1 
ATOM   732  C  C   . ASN A 1 105 ? 14.224  -1.397  -3.178  1.00 51.50 ? 100  ASN A C   1 
ATOM   733  O  O   . ASN A 1 105 ? 13.156  -0.917  -2.810  1.00 51.54 ? 100  ASN A O   1 
ATOM   734  C  CB  . ASN A 1 105 ? 16.535  -1.276  -2.136  1.00 51.51 ? 100  ASN A CB  1 
ATOM   735  C  CG  . ASN A 1 105 ? 16.060  -1.386  -0.693  1.00 50.43 ? 100  ASN A CG  1 
ATOM   736  O  OD1 . ASN A 1 105 ? 14.968  -1.879  -0.420  1.00 47.61 ? 100  ASN A OD1 1 
ATOM   737  N  ND2 . ASN A 1 105 ? 16.893  -0.932  0.238   1.00 50.48 ? 100  ASN A ND2 1 
ATOM   738  N  N   . ASN A 1 106 ? 14.331  -2.619  -3.693  1.00 51.42 ? 101  ASN A N   1 
ATOM   739  C  CA  . ASN A 1 106 ? 13.161  -3.467  -3.919  1.00 51.36 ? 101  ASN A CA  1 
ATOM   740  C  C   . ASN A 1 106 ? 12.853  -4.474  -2.799  1.00 51.06 ? 101  ASN A C   1 
ATOM   741  O  O   . ASN A 1 106 ? 12.081  -5.414  -2.999  1.00 51.30 ? 101  ASN A O   1 
ATOM   742  C  CB  . ASN A 1 106 ? 13.279  -4.181  -5.273  1.00 51.74 ? 101  ASN A CB  1 
ATOM   743  C  CG  . ASN A 1 106 ? 14.458  -5.152  -5.341  1.00 52.77 ? 101  ASN A CG  1 
ATOM   744  O  OD1 . ASN A 1 106 ? 14.608  -5.879  -6.328  1.00 54.23 ? 101  ASN A OD1 1 
ATOM   745  N  ND2 . ASN A 1 106 ? 15.296  -5.171  -4.301  1.00 52.31 ? 101  ASN A ND2 1 
ATOM   746  N  N   . LEU A 1 107 ? 13.461  -4.282  -1.632  1.00 50.55 ? 102  LEU A N   1 
ATOM   747  C  CA  . LEU A 1 107 ? 13.204  -5.144  -0.487  1.00 50.35 ? 102  LEU A CA  1 
ATOM   748  C  C   . LEU A 1 107 ? 11.815  -4.847  0.074   1.00 50.48 ? 102  LEU A C   1 
ATOM   749  O  O   . LEU A 1 107 ? 11.405  -3.690  0.140   1.00 49.96 ? 102  LEU A O   1 
ATOM   750  C  CB  . LEU A 1 107 ? 14.265  -4.936  0.611   1.00 50.23 ? 102  LEU A CB  1 
ATOM   751  C  CG  . LEU A 1 107 ? 15.749  -5.177  0.284   1.00 50.23 ? 102  LEU A CG  1 
ATOM   752  C  CD1 . LEU A 1 107 ? 16.656  -4.474  1.280   1.00 50.74 ? 102  LEU A CD1 1 
ATOM   753  C  CD2 . LEU A 1 107 ? 16.075  -6.654  0.217   1.00 48.81 ? 102  LEU A CD2 1 
ATOM   754  N  N   . VAL A 1 108 ? 11.100  -5.896  0.475   1.00 50.47 ? 103  VAL A N   1 
ATOM   755  C  CA  . VAL A 1 108 ? 9.829   -5.733  1.162   1.00 50.68 ? 103  VAL A CA  1 
ATOM   756  C  C   . VAL A 1 108 ? 10.011  -4.761  2.326   1.00 50.74 ? 103  VAL A C   1 
ATOM   757  O  O   . VAL A 1 108 ? 11.015  -4.809  3.054   1.00 51.20 ? 103  VAL A O   1 
ATOM   758  C  CB  . VAL A 1 108 ? 9.249   -7.090  1.637   1.00 50.47 ? 103  VAL A CB  1 
ATOM   759  C  CG1 . VAL A 1 108 ? 7.988   -6.898  2.464   1.00 50.77 ? 103  VAL A CG1 1 
ATOM   760  C  CG2 . VAL A 1 108 ? 8.925   -7.973  0.437   1.00 51.95 ? 103  VAL A CG2 1 
ATOM   761  N  N   . LYS A 1 109 ? 9.062   -3.844  2.463   1.00 50.51 ? 104  LYS A N   1 
ATOM   762  C  CA  . LYS A 1 109 ? 9.055   -2.912  3.578   1.00 50.16 ? 104  LYS A CA  1 
ATOM   763  C  C   . LYS A 1 109 ? 7.946   -3.347  4.518   1.00 50.28 ? 104  LYS A C   1 
ATOM   764  O  O   . LYS A 1 109 ? 6.794   -3.483  4.106   1.00 50.34 ? 104  LYS A O   1 
ATOM   765  C  CB  . LYS A 1 109 ? 8.829   -1.478  3.079   1.00 50.07 ? 104  LYS A CB  1 
ATOM   766  C  CG  . LYS A 1 109 ? 9.657   -1.101  1.838   1.00 49.27 ? 104  LYS A CG  1 
ATOM   767  C  CD  . LYS A 1 109 ? 11.020  -0.511  2.201   1.00 48.66 ? 104  LYS A CD  1 
ATOM   768  C  CE  . LYS A 1 109 ? 12.137  -0.886  1.189   1.00 47.10 ? 104  LYS A CE  1 
ATOM   769  N  NZ  . LYS A 1 109 ? 11.811  -0.696  -0.262  1.00 45.59 ? 104  LYS A NZ  1 
ATOM   770  N  N   . THR A 1 110 ? 8.305   -3.599  5.775   1.00 50.40 ? 105  THR A N   1 
ATOM   771  C  CA  . THR A 1 110 ? 7.326   -3.991  6.786   1.00 50.55 ? 105  THR A CA  1 
ATOM   772  C  C   . THR A 1 110 ? 6.995   -2.852  7.748   1.00 50.44 ? 105  THR A C   1 
ATOM   773  O  O   . THR A 1 110 ? 7.831   -1.988  8.044   1.00 50.25 ? 105  THR A O   1 
ATOM   774  C  CB  . THR A 1 110 ? 7.770   -5.233  7.609   1.00 50.80 ? 105  THR A CB  1 
ATOM   775  O  OG1 . THR A 1 110 ? 9.079   -5.014  8.146   1.00 51.38 ? 105  THR A OG1 1 
ATOM   776  C  CG2 . THR A 1 110 ? 7.770   -6.498  6.750   1.00 50.52 ? 105  THR A CG2 1 
ATOM   777  N  N   . VAL A 1 111 ? 5.751   -2.859  8.211   1.00 50.27 ? 106  VAL A N   1 
ATOM   778  C  CA  . VAL A 1 111 ? 5.286   -1.954  9.251   1.00 50.04 ? 106  VAL A CA  1 
ATOM   779  C  C   . VAL A 1 111 ? 4.564   -2.813  10.280  1.00 49.87 ? 106  VAL A C   1 
ATOM   780  O  O   . VAL A 1 111 ? 3.615   -3.532  9.953   1.00 49.20 ? 106  VAL A O   1 
ATOM   781  C  CB  . VAL A 1 111 ? 4.346   -0.851  8.685   1.00 49.96 ? 106  VAL A CB  1 
ATOM   782  C  CG1 . VAL A 1 111 ? 3.670   -0.083  9.814   1.00 49.87 ? 106  VAL A CG1 1 
ATOM   783  C  CG2 . VAL A 1 111 ? 5.123   0.105   7.784   1.00 50.02 ? 106  VAL A CG2 1 
ATOM   784  N  N   . THR A 1 112 ? 5.035   -2.756  11.518  1.00 50.04 ? 107  THR A N   1 
ATOM   785  C  CA  . THR A 1 112 ? 4.459   -3.584  12.572  1.00 50.55 ? 107  THR A CA  1 
ATOM   786  C  C   . THR A 1 112 ? 3.833   -2.729  13.670  1.00 50.68 ? 107  THR A C   1 
ATOM   787  O  O   . THR A 1 112 ? 4.354   -1.674  14.035  1.00 50.15 ? 107  THR A O   1 
ATOM   788  C  CB  . THR A 1 112 ? 5.490   -4.595  13.127  1.00 50.67 ? 107  THR A CB  1 
ATOM   789  O  OG1 . THR A 1 112 ? 5.946   -5.438  12.056  1.00 50.36 ? 107  THR A OG1 1 
ATOM   790  C  CG2 . THR A 1 112 ? 4.874   -5.480  14.226  1.00 51.42 ? 107  THR A CG2 1 
ATOM   791  N  N   . PHE A 1 113 ? 2.692   -3.189  14.167  1.00 51.24 ? 108  PHE A N   1 
ATOM   792  C  CA  . PHE A 1 113 ? 2.005   -2.535  15.266  1.00 51.88 ? 108  PHE A CA  1 
ATOM   793  C  C   . PHE A 1 113 ? 2.054   -3.434  16.500  1.00 52.38 ? 108  PHE A C   1 
ATOM   794  O  O   . PHE A 1 113 ? 1.330   -4.437  16.578  1.00 52.41 ? 108  PHE A O   1 
ATOM   795  C  CB  . PHE A 1 113 ? 0.558   -2.201  14.877  1.00 51.84 ? 108  PHE A CB  1 
ATOM   796  C  CG  . PHE A 1 113 ? 0.437   -1.387  13.617  1.00 51.64 ? 108  PHE A CG  1 
ATOM   797  C  CD1 . PHE A 1 113 ? 0.094   -1.993  12.414  1.00 52.04 ? 108  PHE A CD1 1 
ATOM   798  C  CD2 . PHE A 1 113 ? 0.670   -0.016  13.631  1.00 51.35 ? 108  PHE A CD2 1 
ATOM   799  C  CE1 . PHE A 1 113 ? -0.020  -1.248  11.245  1.00 51.14 ? 108  PHE A CE1 1 
ATOM   800  C  CE2 . PHE A 1 113 ? 0.562   0.735   12.466  1.00 50.57 ? 108  PHE A CE2 1 
ATOM   801  C  CZ  . PHE A 1 113 ? 0.214   0.120   11.277  1.00 50.86 ? 108  PHE A CZ  1 
ATOM   802  N  N   . ASP A 1 114 ? 2.925   -3.073  17.447  1.00 53.02 ? 109  ASP A N   1 
ATOM   803  C  CA  . ASP A 1 114 ? 3.064   -3.785  18.728  1.00 53.62 ? 109  ASP A CA  1 
ATOM   804  C  C   . ASP A 1 114 ? 1.703   -3.976  19.404  1.00 53.66 ? 109  ASP A C   1 
ATOM   805  O  O   . ASP A 1 114 ? 1.366   -5.084  19.831  1.00 53.68 ? 109  ASP A O   1 
ATOM   806  C  CB  . ASP A 1 114 ? 4.027   -3.043  19.665  1.00 53.85 ? 109  ASP A CB  1 
ATOM   807  C  CG  . ASP A 1 114 ? 5.474   -3.033  19.157  1.00 55.06 ? 109  ASP A CG  1 
ATOM   808  O  OD1 . ASP A 1 114 ? 5.882   -3.968  18.424  1.00 56.36 ? 109  ASP A OD1 1 
ATOM   809  O  OD2 . ASP A 1 114 ? 6.216   -2.085  19.513  1.00 56.00 ? 109  ASP A OD2 1 
ATOM   810  N  N   . SER A 1 115 ? 0.938   -2.890  19.494  1.00 53.80 ? 110  SER A N   1 
ATOM   811  C  CA  . SER A 1 115 ? -0.497  -2.955  19.780  1.00 54.12 ? 110  SER A CA  1 
ATOM   812  C  C   . SER A 1 115 ? -1.268  -3.030  18.456  1.00 53.92 ? 110  SER A C   1 
ATOM   813  O  O   . SER A 1 115 ? -1.253  -2.063  17.689  1.00 53.82 ? 110  SER A O   1 
ATOM   814  C  CB  . SER A 1 115 ? -0.954  -1.720  20.561  1.00 54.06 ? 110  SER A CB  1 
ATOM   815  O  OG  . SER A 1 115 ? -0.924  -1.951  21.956  1.00 55.54 ? 110  SER A OG  1 
ATOM   816  N  N   . PRO A 1 116 ? -1.942  -4.174  18.188  1.00 53.81 ? 111  PRO A N   1 
ATOM   817  C  CA  . PRO A 1 116 ? -2.665  -4.397  16.925  1.00 53.71 ? 111  PRO A CA  1 
ATOM   818  C  C   . PRO A 1 116 ? -3.820  -3.413  16.727  1.00 53.73 ? 111  PRO A C   1 
ATOM   819  O  O   . PRO A 1 116 ? -4.614  -3.181  17.643  1.00 53.38 ? 111  PRO A O   1 
ATOM   820  C  CB  . PRO A 1 116 ? -3.202  -5.825  17.066  1.00 53.72 ? 111  PRO A CB  1 
ATOM   821  C  CG  . PRO A 1 116 ? -2.374  -6.447  18.148  1.00 54.18 ? 111  PRO A CG  1 
ATOM   822  C  CD  . PRO A 1 116 ? -2.068  -5.330  19.092  1.00 53.69 ? 111  PRO A CD  1 
ATOM   823  N  N   . ILE A 1 117 ? -3.906  -2.840  15.533  1.00 53.81 ? 112  ILE A N   1 
ATOM   824  C  CA  . ILE A 1 117 ? -4.878  -1.784  15.275  1.00 53.76 ? 112  ILE A CA  1 
ATOM   825  C  C   . ILE A 1 117 ? -6.169  -2.292  14.637  1.00 53.46 ? 112  ILE A C   1 
ATOM   826  O  O   . ILE A 1 117 ? -6.155  -3.168  13.770  1.00 53.62 ? 112  ILE A O   1 
ATOM   827  C  CB  . ILE A 1 117 ? -4.263  -0.596  14.492  1.00 53.82 ? 112  ILE A CB  1 
ATOM   828  C  CG1 . ILE A 1 117 ? -3.549  -1.069  13.223  1.00 54.59 ? 112  ILE A CG1 1 
ATOM   829  C  CG2 . ILE A 1 117 ? -3.290  0.161   15.385  1.00 53.89 ? 112  ILE A CG2 1 
ATOM   830  C  CD1 . ILE A 1 117 ? -3.542  -0.051  12.083  1.00 53.59 ? 112  ILE A CD1 1 
ATOM   831  N  N   . ASP A 1 118 ? -7.285  -1.752  15.112  1.00 53.17 ? 113  ASP A N   1 
ATOM   832  C  CA  . ASP A 1 118 ? -8.600  -2.040  14.551  1.00 52.88 ? 113  ASP A CA  1 
ATOM   833  C  C   . ASP A 1 118 ? -8.743  -1.233  13.273  1.00 52.19 ? 113  ASP A C   1 
ATOM   834  O  O   . ASP A 1 118 ? -8.554  -0.021  13.283  1.00 51.93 ? 113  ASP A O   1 
ATOM   835  C  CB  . ASP A 1 118 ? -9.716  -1.656  15.538  1.00 53.16 ? 113  ASP A CB  1 
ATOM   836  C  CG  . ASP A 1 118 ? -9.596  -2.368  16.874  1.00 53.80 ? 113  ASP A CG  1 
ATOM   837  O  OD1 . ASP A 1 118 ? -9.815  -3.601  16.930  1.00 55.58 ? 113  ASP A OD1 1 
ATOM   838  O  OD2 . ASP A 1 118 ? -9.284  -1.692  17.873  1.00 54.30 ? 113  ASP A OD2 1 
ATOM   839  N  N   . ALA A 1 119 ? -9.060  -1.910  12.173  1.00 51.74 ? 114  ALA A N   1 
ATOM   840  C  CA  . ALA A 1 119 ? -9.194  -1.250  10.874  1.00 51.43 ? 114  ALA A CA  1 
ATOM   841  C  C   . ALA A 1 119 ? -10.015 -2.087  9.903   1.00 51.17 ? 114  ALA A C   1 
ATOM   842  O  O   . ALA A 1 119 ? -9.820  -3.298  9.808   1.00 50.93 ? 114  ALA A O   1 
ATOM   843  C  CB  . ALA A 1 119 ? -7.810  -0.960  10.283  1.00 51.53 ? 114  ALA A CB  1 
ATOM   844  N  N   . GLU A 1 120 ? -10.934 -1.428  9.194   1.00 51.11 ? 115  GLU A N   1 
ATOM   845  C  CA  . GLU A 1 120 ? -11.687 -2.046  8.093   1.00 51.03 ? 115  GLU A CA  1 
ATOM   846  C  C   . GLU A 1 120 ? -11.027 -1.731  6.748   1.00 50.56 ? 115  GLU A C   1 
ATOM   847  O  O   . GLU A 1 120 ? -11.308 -2.378  5.733   1.00 50.47 ? 115  GLU A O   1 
ATOM   848  C  CB  . GLU A 1 120 ? -13.130 -1.523  8.036   1.00 51.42 ? 115  GLU A CB  1 
ATOM   849  C  CG  . GLU A 1 120 ? -13.676 -0.872  9.304   1.00 53.08 ? 115  GLU A CG  1 
ATOM   850  C  CD  . GLU A 1 120 ? -14.692 0.216   8.989   1.00 55.51 ? 115  GLU A CD  1 
ATOM   851  O  OE1 . GLU A 1 120 ? -14.419 1.397   9.304   1.00 56.69 ? 115  GLU A OE1 1 
ATOM   852  O  OE2 . GLU A 1 120 ? -15.753 -0.099  8.403   1.00 56.07 ? 115  GLU A OE2 1 
ATOM   853  N  N   . GLU A 1 121 ? -10.174 -0.711  6.749   1.00 50.05 ? 116  GLU A N   1 
ATOM   854  C  CA  . GLU A 1 121 ? -9.543  -0.207  5.540   1.00 49.95 ? 116  GLU A CA  1 
ATOM   855  C  C   . GLU A 1 121 ? -8.202  0.433   5.892   1.00 49.64 ? 116  GLU A C   1 
ATOM   856  O  O   . GLU A 1 121 ? -8.046  0.986   6.978   1.00 49.65 ? 116  GLU A O   1 
ATOM   857  C  CB  . GLU A 1 121 ? -10.463 0.810   4.853   1.00 49.80 ? 116  GLU A CB  1 
ATOM   858  C  CG  . GLU A 1 121 ? -10.070 1.162   3.425   1.00 50.06 ? 116  GLU A CG  1 
ATOM   859  C  CD  . GLU A 1 121 ? -11.142 1.945   2.685   1.00 50.29 ? 116  GLU A CD  1 
ATOM   860  O  OE1 . GLU A 1 121 ? -10.856 3.087   2.259   1.00 49.35 ? 116  GLU A OE1 1 
ATOM   861  O  OE2 . GLU A 1 121 ? -12.268 1.419   2.532   1.00 51.22 ? 116  GLU A OE2 1 
ATOM   862  N  N   . ILE A 1 122 ? -7.241  0.341   4.974   1.00 49.56 ? 117  ILE A N   1 
ATOM   863  C  CA  . ILE A 1 122 ? -5.920  0.959   5.143   1.00 49.68 ? 117  ILE A CA  1 
ATOM   864  C  C   . ILE A 1 122 ? -5.558  1.796   3.926   1.00 49.27 ? 117  ILE A C   1 
ATOM   865  O  O   . ILE A 1 122 ? -5.864  1.427   2.795   1.00 49.40 ? 117  ILE A O   1 
ATOM   866  C  CB  . ILE A 1 122 ? -4.814  -0.100  5.356   1.00 50.15 ? 117  ILE A CB  1 
ATOM   867  C  CG1 . ILE A 1 122 ? -5.159  -1.006  6.538   1.00 50.61 ? 117  ILE A CG1 1 
ATOM   868  C  CG2 . ILE A 1 122 ? -3.459  0.569   5.602   1.00 50.72 ? 117  ILE A CG2 1 
ATOM   869  C  CD1 . ILE A 1 122 ? -4.406  -2.298  6.533   1.00 53.38 ? 117  ILE A CD1 1 
ATOM   870  N  N   . LYS A 1 123 ? -4.898  2.919   4.165   1.00 49.01 ? 118  LYS A N   1 
ATOM   871  C  CA  . LYS A 1 123 ? -4.511  3.823   3.099   1.00 48.88 ? 118  LYS A CA  1 
ATOM   872  C  C   . LYS A 1 123 ? -3.016  4.096   3.152   1.00 48.88 ? 118  LYS A C   1 
ATOM   873  O  O   . LYS A 1 123 ? -2.502  4.621   4.144   1.00 48.95 ? 118  LYS A O   1 
ATOM   874  C  CB  . LYS A 1 123 ? -5.286  5.133   3.231   1.00 48.91 ? 118  LYS A CB  1 
ATOM   875  C  CG  . LYS A 1 123 ? -5.218  6.060   2.033   1.00 49.10 ? 118  LYS A CG  1 
ATOM   876  C  CD  . LYS A 1 123 ? -5.733  7.428   2.435   1.00 50.83 ? 118  LYS A CD  1 
ATOM   877  C  CE  . LYS A 1 123 ? -6.247  8.214   1.249   1.00 52.24 ? 118  LYS A CE  1 
ATOM   878  N  NZ  . LYS A 1 123 ? -6.812  9.533   1.686   1.00 53.38 ? 118  LYS A NZ  1 
ATOM   879  N  N   . ILE A 1 124 ? -2.319  3.731   2.083   1.00 48.91 ? 119  ILE A N   1 
ATOM   880  C  CA  . ILE A 1 124 ? -0.903  4.057   1.948   1.00 48.63 ? 119  ILE A CA  1 
ATOM   881  C  C   . ILE A 1 124 ? -0.756  5.277   1.054   1.00 48.31 ? 119  ILE A C   1 
ATOM   882  O  O   . ILE A 1 124 ? -1.121  5.240   -0.124  1.00 48.27 ? 119  ILE A O   1 
ATOM   883  C  CB  . ILE A 1 124 ? -0.071  2.887   1.349   1.00 48.92 ? 119  ILE A CB  1 
ATOM   884  C  CG1 . ILE A 1 124 ? -0.462  1.529   1.960   1.00 49.57 ? 119  ILE A CG1 1 
ATOM   885  C  CG2 . ILE A 1 124 ? 1.439   3.184   1.456   1.00 48.68 ? 119  ILE A CG2 1 
ATOM   886  C  CD1 . ILE A 1 124 ? -0.410  1.462   3.489   1.00 50.47 ? 119  ILE A CD1 1 
ATOM   887  N  N   . THR A 1 125 ? -0.218  6.349   1.627   1.00 48.03 ? 120  THR A N   1 
ATOM   888  C  CA  . THR A 1 125 ? 0.016   7.591   0.910   1.00 48.12 ? 120  THR A CA  1 
ATOM   889  C  C   . THR A 1 125 ? 1.497   7.734   0.604   1.00 48.43 ? 120  THR A C   1 
ATOM   890  O  O   . THR A 1 125 ? 2.338   7.646   1.499   1.00 48.45 ? 120  THR A O   1 
ATOM   891  C  CB  . THR A 1 125 ? -0.494  8.821   1.713   1.00 48.04 ? 120  THR A CB  1 
ATOM   892  O  OG1 . THR A 1 125 ? -1.910  8.711   1.903   1.00 47.37 ? 120  THR A OG1 1 
ATOM   893  C  CG2 . THR A 1 125 ? -0.181  10.135  0.989   1.00 47.73 ? 120  THR A CG2 1 
ATOM   894  N  N   . ALA A 1 126 ? 1.800   7.933   -0.679  1.00 48.69 ? 121  ALA A N   1 
ATOM   895  C  CA  . ALA A 1 126 ? 3.161   8.164   -1.136  1.00 48.62 ? 121  ALA A CA  1 
ATOM   896  C  C   . ALA A 1 126 ? 3.427   9.662   -1.244  1.00 48.84 ? 121  ALA A C   1 
ATOM   897  O  O   . ALA A 1 126 ? 2.925   10.323  -2.152  1.00 48.92 ? 121  ALA A O   1 
ATOM   898  C  CB  . ALA A 1 126 ? 3.387   7.481   -2.461  1.00 48.43 ? 121  ALA A CB  1 
ATOM   899  N  N   . ILE A 1 127 ? 4.204   10.191  -0.303  1.00 49.13 ? 122  ILE A N   1 
ATOM   900  C  CA  . ILE A 1 127 ? 4.571   11.612  -0.296  1.00 49.61 ? 122  ILE A CA  1 
ATOM   901  C  C   . ILE A 1 127 ? 5.705   11.872  -1.285  1.00 49.99 ? 122  ILE A C   1 
ATOM   902  O  O   . ILE A 1 127 ? 5.686   12.862  -2.020  1.00 50.34 ? 122  ILE A O   1 
ATOM   903  C  CB  . ILE A 1 127 ? 4.988   12.089  1.115   1.00 49.51 ? 122  ILE A CB  1 
ATOM   904  C  CG1 . ILE A 1 127 ? 3.860   11.835  2.124   1.00 49.84 ? 122  ILE A CG1 1 
ATOM   905  C  CG2 . ILE A 1 127 ? 5.390   13.569  1.095   1.00 49.41 ? 122  ILE A CG2 1 
ATOM   906  C  CD1 . ILE A 1 127 ? 4.302   11.901  3.581   1.00 50.84 ? 122  ILE A CD1 1 
ATOM   907  N  N   . GLN A 1 128 ? 6.698   10.986  -1.279  1.00 50.29 ? 123  GLN A N   1 
ATOM   908  C  CA  . GLN A 1 128 ? 7.832   11.068  -2.183  1.00 50.94 ? 123  GLN A CA  1 
ATOM   909  C  C   . GLN A 1 128 ? 8.129   9.670   -2.688  1.00 50.50 ? 123  GLN A C   1 
ATOM   910  O  O   . GLN A 1 128 ? 7.922   8.694   -1.970  1.00 50.54 ? 123  GLN A O   1 
ATOM   911  C  CB  . GLN A 1 128 ? 9.064   11.637  -1.479  1.00 51.03 ? 123  GLN A CB  1 
ATOM   912  C  CG  . GLN A 1 128 ? 8.987   13.126  -1.154  1.00 52.19 ? 123  GLN A CG  1 
ATOM   913  C  CD  . GLN A 1 128 ? 10.325  13.712  -0.728  1.00 52.70 ? 123  GLN A CD  1 
ATOM   914  O  OE1 . GLN A 1 128 ? 11.371  13.434  -1.340  1.00 56.07 ? 123  GLN A OE1 1 
ATOM   915  N  NE2 . GLN A 1 128 ? 10.303  14.540  0.317   1.00 53.23 ? 123  GLN A NE2 1 
ATOM   916  N  N   . GLY A 1 129 ? 8.593   9.588   -3.931  1.00 50.15 ? 124  GLY A N   1 
ATOM   917  C  CA  . GLY A 1 129 ? 8.903   8.326   -4.590  1.00 49.77 ? 124  GLY A CA  1 
ATOM   918  C  C   . GLY A 1 129 ? 9.774   8.606   -5.798  1.00 49.76 ? 124  GLY A C   1 
ATOM   919  O  O   . GLY A 1 129 ? 9.732   9.708   -6.344  1.00 49.92 ? 124  GLY A O   1 
ATOM   920  N  N   . VAL A 1 130 ? 10.570  7.625   -6.220  1.00 49.61 ? 125  VAL A N   1 
ATOM   921  C  CA  . VAL A 1 130 ? 11.508  7.855   -7.329  1.00 49.62 ? 125  VAL A CA  1 
ATOM   922  C  C   . VAL A 1 130 ? 10.821  8.052   -8.678  1.00 49.33 ? 125  VAL A C   1 
ATOM   923  O  O   . VAL A 1 130 ? 9.846   7.362   -9.014  1.00 49.26 ? 125  VAL A O   1 
ATOM   924  C  CB  . VAL A 1 130 ? 12.706  6.824   -7.386  1.00 49.67 ? 125  VAL A CB  1 
ATOM   925  C  CG1 . VAL A 1 130 ? 12.569  5.733   -6.351  1.00 49.81 ? 125  VAL A CG1 1 
ATOM   926  C  CG2 . VAL A 1 130 ? 12.916  6.245   -8.789  1.00 50.01 ? 125  VAL A CG2 1 
ATOM   927  N  N   . GLY A 1 131 ? 11.340  9.028   -9.423  1.00 48.84 ? 126  GLY A N   1 
ATOM   928  C  CA  . GLY A 1 131 ? 10.773  9.448   -10.694 1.00 48.27 ? 126  GLY A CA  1 
ATOM   929  C  C   . GLY A 1 131 ? 9.550   10.324  -10.506 1.00 48.02 ? 126  GLY A C   1 
ATOM   930  O  O   . GLY A 1 131 ? 8.996   10.828  -11.482 1.00 48.22 ? 126  GLY A O   1 
ATOM   931  N  N   . GLY A 1 132 ? 9.140   10.511  -9.249  1.00 47.50 ? 127  GLY A N   1 
ATOM   932  C  CA  . GLY A 1 132 ? 7.916   11.237  -8.910  1.00 46.85 ? 127  GLY A CA  1 
ATOM   933  C  C   . GLY A 1 132 ? 6.689   10.350  -9.045  1.00 46.61 ? 127  GLY A C   1 
ATOM   934  O  O   . GLY A 1 132 ? 5.574   10.842  -9.200  1.00 46.77 ? 127  GLY A O   1 
ATOM   935  N  N   . PHE A 1 133 ? 6.902   9.037   -8.988  1.00 46.40 ? 128  PHE A N   1 
ATOM   936  C  CA  . PHE A 1 133 ? 5.825   8.048   -9.071  1.00 45.87 ? 128  PHE A CA  1 
ATOM   937  C  C   . PHE A 1 133 ? 5.650   7.288   -7.757  1.00 45.53 ? 128  PHE A C   1 
ATOM   938  O  O   . PHE A 1 133 ? 6.436   7.445   -6.824  1.00 45.04 ? 128  PHE A O   1 
ATOM   939  C  CB  . PHE A 1 133 ? 6.100   7.032   -10.190 1.00 46.18 ? 128  PHE A CB  1 
ATOM   940  C  CG  . PHE A 1 133 ? 6.358   7.655   -11.532 1.00 46.82 ? 128  PHE A CG  1 
ATOM   941  C  CD1 . PHE A 1 133 ? 7.651   7.735   -12.035 1.00 46.77 ? 128  PHE A CD1 1 
ATOM   942  C  CD2 . PHE A 1 133 ? 5.307   8.168   -12.290 1.00 47.66 ? 128  PHE A CD2 1 
ATOM   943  C  CE1 . PHE A 1 133 ? 7.898   8.316   -13.278 1.00 47.95 ? 128  PHE A CE1 1 
ATOM   944  C  CE2 . PHE A 1 133 ? 5.538   8.753   -13.530 1.00 47.83 ? 128  PHE A CE2 1 
ATOM   945  C  CZ  . PHE A 1 133 ? 6.837   8.826   -14.027 1.00 47.49 ? 128  PHE A CZ  1 
ATOM   946  N  N   . ALA A 1 134 ? 4.606   6.465   -7.707  1.00 45.03 ? 129  ALA A N   1 
ATOM   947  C  CA  . ALA A 1 134 ? 4.386   5.529   -6.620  1.00 44.41 ? 129  ALA A CA  1 
ATOM   948  C  C   . ALA A 1 134 ? 3.997   4.198   -7.245  1.00 44.06 ? 129  ALA A C   1 
ATOM   949  O  O   . ALA A 1 134 ? 3.130   4.161   -8.133  1.00 44.10 ? 129  ALA A O   1 
ATOM   950  C  CB  . ALA A 1 134 ? 3.277   6.030   -5.695  1.00 44.47 ? 129  ALA A CB  1 
ATOM   951  N  N   . SER A 1 135 ? 4.650   3.126   -6.801  1.00 42.96 ? 130  SER A N   1 
ATOM   952  C  CA  . SER A 1 135 ? 4.313   1.767   -7.205  1.00 42.30 ? 130  SER A CA  1 
ATOM   953  C  C   . SER A 1 135 ? 4.362   0.798   -6.021  1.00 42.52 ? 130  SER A C   1 
ATOM   954  O  O   . SER A 1 135 ? 5.163   0.971   -5.093  1.00 42.48 ? 130  SER A O   1 
ATOM   955  C  CB  . SER A 1 135 ? 5.212   1.276   -8.349  1.00 42.35 ? 130  SER A CB  1 
ATOM   956  O  OG  . SER A 1 135 ? 6.594   1.343   -8.034  1.00 41.70 ? 130  SER A OG  1 
ATOM   957  N  N   . ILE A 1 136 ? 3.467   -0.188  -6.053  1.00 42.44 ? 131  ILE A N   1 
ATOM   958  C  CA  . ILE A 1 136 ? 3.414   -1.281  -5.093  1.00 42.44 ? 131  ILE A CA  1 
ATOM   959  C  C   . ILE A 1 136 ? 2.991   -2.513  -5.886  1.00 43.07 ? 131  ILE A C   1 
ATOM   960  O  O   . ILE A 1 136 ? 1.923   -2.525  -6.505  1.00 43.07 ? 131  ILE A O   1 
ATOM   961  C  CB  . ILE A 1 136 ? 2.391   -1.026  -3.934  1.00 42.47 ? 131  ILE A CB  1 
ATOM   962  C  CG1 . ILE A 1 136 ? 2.874   0.088   -2.994  1.00 42.06 ? 131  ILE A CG1 1 
ATOM   963  C  CG2 . ILE A 1 136 ? 2.146   -2.307  -3.127  1.00 41.89 ? 131  ILE A CG2 1 
ATOM   964  C  CD1 . ILE A 1 136 ? 1.825   0.562   -1.985  1.00 41.79 ? 131  ILE A CD1 1 
ATOM   965  N  N   . ALA A 1 137 ? 3.833   -3.540  -5.884  1.00 43.43 ? 132  ALA A N   1 
ATOM   966  C  CA  . ALA A 1 137 ? 3.530   -4.772  -6.610  1.00 43.72 ? 132  ALA A CA  1 
ATOM   967  C  C   . ALA A 1 137 ? 2.632   -5.699  -5.795  1.00 43.74 ? 132  ALA A C   1 
ATOM   968  O  O   . ALA A 1 137 ? 1.758   -6.362  -6.355  1.00 43.80 ? 132  ALA A O   1 
ATOM   969  C  CB  . ALA A 1 137 ? 4.823   -5.485  -7.054  1.00 43.54 ? 132  ALA A CB  1 
ATOM   970  N  N   . GLU A 1 138 ? 2.843   -5.733  -4.479  1.00 44.08 ? 133  GLU A N   1 
ATOM   971  C  CA  . GLU A 1 138 ? 2.005   -6.521  -3.567  1.00 44.68 ? 133  GLU A CA  1 
ATOM   972  C  C   . GLU A 1 138 ? 1.831   -5.857  -2.199  1.00 44.96 ? 133  GLU A C   1 
ATOM   973  O  O   . GLU A 1 138 ? 2.761   -5.253  -1.665  1.00 45.07 ? 133  GLU A O   1 
ATOM   974  C  CB  . GLU A 1 138 ? 2.556   -7.938  -3.374  1.00 44.92 ? 133  GLU A CB  1 
ATOM   975  C  CG  . GLU A 1 138 ? 2.189   -8.933  -4.454  1.00 45.54 ? 133  GLU A CG  1 
ATOM   976  C  CD  . GLU A 1 138 ? 0.701   -9.109  -4.605  1.00 46.57 ? 133  GLU A CD  1 
ATOM   977  O  OE1 . GLU A 1 138 ? 0.041   -9.577  -3.650  1.00 47.16 ? 133  GLU A OE1 1 
ATOM   978  O  OE2 . GLU A 1 138 ? 0.190   -8.786  -5.694  1.00 47.75 ? 133  GLU A OE2 1 
ATOM   979  N  N   . LEU A 1 139 ? 0.625   -5.977  -1.651  1.00 45.09 ? 134  LEU A N   1 
ATOM   980  C  CA  . LEU A 1 139 ? 0.318   -5.477  -0.327  1.00 45.19 ? 134  LEU A CA  1 
ATOM   981  C  C   . LEU A 1 139 ? -0.410  -6.553  0.464   1.00 44.99 ? 134  LEU A C   1 
ATOM   982  O  O   . LEU A 1 139 ? -1.444  -7.070  0.028   1.00 45.00 ? 134  LEU A O   1 
ATOM   983  C  CB  . LEU A 1 139 ? -0.521  -4.196  -0.395  1.00 45.52 ? 134  LEU A CB  1 
ATOM   984  C  CG  . LEU A 1 139 ? -0.663  -3.518  0.969   1.00 46.24 ? 134  LEU A CG  1 
ATOM   985  C  CD1 . LEU A 1 139 ? -0.472  -2.020  0.868   1.00 48.12 ? 134  LEU A CD1 1 
ATOM   986  C  CD2 . LEU A 1 139 ? -1.979  -3.876  1.661   1.00 46.73 ? 134  LEU A CD2 1 
ATOM   987  N  N   . ASN A 1 140 ? 0.151   -6.890  1.622   1.00 44.28 ? 135  ASN A N   1 
ATOM   988  C  CA  . ASN A 1 140 ? -0.423  -7.904  2.482   1.00 43.84 ? 135  ASN A CA  1 
ATOM   989  C  C   . ASN A 1 140 ? -0.669  -7.348  3.876   1.00 44.16 ? 135  ASN A C   1 
ATOM   990  O  O   . ASN A 1 140 ? 0.054   -6.455  4.337   1.00 44.04 ? 135  ASN A O   1 
ATOM   991  C  CB  . ASN A 1 140 ? 0.492   -9.128  2.535   1.00 43.36 ? 135  ASN A CB  1 
ATOM   992  C  CG  . ASN A 1 140 ? 0.436   -9.938  1.273   1.00 42.31 ? 135  ASN A CG  1 
ATOM   993  O  OD1 . ASN A 1 140 ? -0.483  -10.735 1.080   1.00 40.63 ? 135  ASN A OD1 1 
ATOM   994  N  ND2 . ASN A 1 140 ? 1.412   -9.732  0.390   1.00 40.66 ? 135  ASN A ND2 1 
ATOM   995  N  N   . VAL A 1 141 ? -1.708  -7.855  4.530   1.00 44.42 ? 136  VAL A N   1 
ATOM   996  C  CA  . VAL A 1 141 ? -2.092  -7.350  5.847   1.00 45.36 ? 136  VAL A CA  1 
ATOM   997  C  C   . VAL A 1 141 ? -2.220  -8.526  6.791   1.00 45.52 ? 136  VAL A C   1 
ATOM   998  O  O   . VAL A 1 141 ? -2.852  -9.533  6.466   1.00 45.71 ? 136  VAL A O   1 
ATOM   999  C  CB  . VAL A 1 141 ? -3.403  -6.516  5.820   1.00 45.34 ? 136  VAL A CB  1 
ATOM   1000 C  CG1 . VAL A 1 141 ? -3.597  -5.781  7.142   1.00 46.20 ? 136  VAL A CG1 1 
ATOM   1001 C  CG2 . VAL A 1 141 ? -3.382  -5.499  4.678   1.00 45.58 ? 136  VAL A CG2 1 
ATOM   1002 N  N   . TYR A 1 142 ? -1.595  -8.405  7.950   1.00 45.88 ? 137  TYR A N   1 
ATOM   1003 C  CA  . TYR A 1 142 ? -1.510  -9.532  8.855   1.00 46.08 ? 137  TYR A CA  1 
ATOM   1004 C  C   . TYR A 1 142 ? -2.236  -9.243  10.148  1.00 46.56 ? 137  TYR A C   1 
ATOM   1005 O  O   . TYR A 1 142 ? -2.228  -8.106  10.625  1.00 46.68 ? 137  TYR A O   1 
ATOM   1006 C  CB  . TYR A 1 142 ? -0.045  -9.903  9.088   1.00 45.78 ? 137  TYR A CB  1 
ATOM   1007 C  CG  . TYR A 1 142 ? 0.641   -10.323 7.814   1.00 45.38 ? 137  TYR A CG  1 
ATOM   1008 C  CD1 . TYR A 1 142 ? 1.224   -9.375  6.966   1.00 45.23 ? 137  TYR A CD1 1 
ATOM   1009 C  CD2 . TYR A 1 142 ? 0.680   -11.661 7.432   1.00 45.03 ? 137  TYR A CD2 1 
ATOM   1010 C  CE1 . TYR A 1 142 ? 1.842   -9.756  5.789   1.00 45.42 ? 137  TYR A CE1 1 
ATOM   1011 C  CE2 . TYR A 1 142 ? 1.298   -12.052 6.253   1.00 45.04 ? 137  TYR A CE2 1 
ATOM   1012 C  CZ  . TYR A 1 142 ? 1.870   -11.095 5.437   1.00 45.19 ? 137  TYR A CZ  1 
ATOM   1013 O  OH  . TYR A 1 142 ? 2.479   -11.475 4.268   1.00 44.73 ? 137  TYR A OH  1 
ATOM   1014 N  N   . GLU A 1 143 ? -2.900  -10.269 10.673  1.00 47.28 ? 138  GLU A N   1 
ATOM   1015 C  CA  . GLU A 1 143 ? -3.509  -10.228 12.006  1.00 48.63 ? 138  GLU A CA  1 
ATOM   1016 C  C   . GLU A 1 143 ? -2.723  -11.160 12.932  1.00 48.42 ? 138  GLU A C   1 
ATOM   1017 O  O   . GLU A 1 143 ? -3.084  -11.343 14.093  1.00 48.74 ? 138  GLU A O   1 
ATOM   1018 C  CB  . GLU A 1 143 ? -4.987  -10.662 11.977  1.00 48.51 ? 138  GLU A CB  1 
ATOM   1019 C  CG  . GLU A 1 143 ? -5.872  -9.936  10.972  1.00 49.60 ? 138  GLU A CG  1 
ATOM   1020 C  CD  . GLU A 1 143 ? -7.353  -10.077 11.297  1.00 50.19 ? 138  GLU A CD  1 
ATOM   1021 O  OE1 . GLU A 1 143 ? -7.830  -9.385  12.228  1.00 52.35 ? 138  GLU A OE1 1 
ATOM   1022 O  OE2 . GLU A 1 143 ? -8.047  -10.877 10.624  1.00 52.48 ? 138  GLU A OE2 1 
HETATM 1023 CA CA  . CA  B 2 .   ? 0.623   -7.752  -7.827  1.00 42.43 ? 1139 CA  A CA  1 
HETATM 1024 C  C1  . GAL C 3 .   ? 8.717   2.606   -17.418 1.00 48.53 ? 1140 GAL A C1  1 
HETATM 1025 C  C2  . GAL C 3 .   ? 8.385   1.580   -16.337 1.00 48.85 ? 1140 GAL A C2  1 
HETATM 1026 C  C3  . GAL C 3 .   ? 6.940   1.741   -15.852 1.00 48.25 ? 1140 GAL A C3  1 
HETATM 1027 C  C4  . GAL C 3 .   ? 6.590   3.198   -15.543 1.00 48.00 ? 1140 GAL A C4  1 
HETATM 1028 C  C5  . GAL C 3 .   ? 7.029   4.128   -16.665 1.00 48.42 ? 1140 GAL A C5  1 
HETATM 1029 C  C6  . GAL C 3 .   ? 6.800   5.585   -16.271 1.00 47.79 ? 1140 GAL A C6  1 
HETATM 1030 O  O1  . GAL C 3 .   ? 10.096  2.547   -17.677 1.00 49.22 ? 1140 GAL A O1  1 
HETATM 1031 O  O2  . GAL C 3 .   ? 8.618   0.273   -16.819 1.00 48.29 ? 1140 GAL A O2  1 
HETATM 1032 O  O3  . GAL C 3 .   ? 6.756   0.979   -14.682 1.00 47.96 ? 1140 GAL A O3  1 
HETATM 1033 O  O4  . GAL C 3 .   ? 7.221   3.601   -14.347 1.00 47.65 ? 1140 GAL A O4  1 
HETATM 1034 O  O5  . GAL C 3 .   ? 8.402   3.916   -16.973 1.00 49.00 ? 1140 GAL A O5  1 
HETATM 1035 O  O6  . GAL C 3 .   ? 6.865   6.404   -17.419 1.00 47.84 ? 1140 GAL A O6  1 
HETATM 1036 O  O   . HOH D 4 .   ? -2.769  -10.071 3.133   1.00 42.11 ? 2001 HOH A O   1 
HETATM 1037 O  O   . HOH D 4 .   ? -14.732 -1.610  -0.514  1.00 57.03 ? 2002 HOH A O   1 
HETATM 1038 O  O   . HOH D 4 .   ? -8.826  5.471   -3.721  1.00 41.80 ? 2003 HOH A O   1 
HETATM 1039 O  O   . HOH D 4 .   ? -6.163  7.551   -12.327 1.00 38.19 ? 2004 HOH A O   1 
HETATM 1040 O  O   . HOH D 4 .   ? -0.151  7.977   -18.303 1.00 48.22 ? 2005 HOH A O   1 
HETATM 1041 O  O   . HOH D 4 .   ? -3.684  5.643   -17.554 1.00 44.48 ? 2006 HOH A O   1 
HETATM 1042 O  O   . HOH D 4 .   ? 4.124   -2.803  -15.947 1.00 48.92 ? 2007 HOH A O   1 
HETATM 1043 O  O   . HOH D 4 .   ? 0.939   -4.190  -13.464 1.00 40.03 ? 2008 HOH A O   1 
HETATM 1044 O  O   . HOH D 4 .   ? -8.023  -0.877  -9.475  1.00 50.39 ? 2009 HOH A O   1 
HETATM 1045 O  O   . HOH D 4 .   ? -5.365  -6.094  -11.278 1.00 37.60 ? 2010 HOH A O   1 
HETATM 1046 O  O   . HOH D 4 .   ? -1.321  -5.254  -13.667 1.00 40.67 ? 2011 HOH A O   1 
HETATM 1047 O  O   . HOH D 4 .   ? 6.843   -6.030  -9.997  1.00 44.10 ? 2012 HOH A O   1 
HETATM 1048 O  O   . HOH D 4 .   ? 1.754   10.570  -12.327 1.00 47.89 ? 2013 HOH A O   1 
HETATM 1049 O  O   . HOH D 4 .   ? -3.965  11.569  -18.291 1.00 40.15 ? 2014 HOH A O   1 
HETATM 1050 O  O   . HOH D 4 .   ? -1.613  17.366  -14.454 1.00 54.03 ? 2015 HOH A O   1 
HETATM 1051 O  O   . HOH D 4 .   ? 5.324   13.740  -8.074  1.00 44.95 ? 2016 HOH A O   1 
HETATM 1052 O  O   . HOH D 4 .   ? -11.416 1.173   -1.451  1.00 46.38 ? 2017 HOH A O   1 
HETATM 1053 O  O   . HOH D 4 .   ? -16.798 -6.360  10.914  1.00 50.07 ? 2018 HOH A O   1 
HETATM 1054 O  O   . HOH D 4 .   ? 4.411   -7.886  8.009   1.00 42.56 ? 2019 HOH A O   1 
HETATM 1055 O  O   . HOH D 4 .   ? 3.404   -7.837  0.442   1.00 42.66 ? 2020 HOH A O   1 
HETATM 1056 O  O   . HOH D 4 .   ? 7.660   -0.409  -6.143  1.00 47.59 ? 2021 HOH A O   1 
HETATM 1057 O  O   . HOH D 4 .   ? 11.490  1.922   -13.813 1.00 35.89 ? 2022 HOH A O   1 
HETATM 1058 O  O   . HOH D 4 .   ? 11.127  2.495   -1.751  1.00 44.28 ? 2023 HOH A O   1 
HETATM 1059 O  O   . HOH D 4 .   ? 7.377   13.911  7.705   1.00 74.47 ? 2024 HOH A O   1 
HETATM 1060 O  O   . HOH D 4 .   ? -12.008 -3.157  13.359  1.00 66.85 ? 2025 HOH A O   1 
HETATM 1061 O  O   . HOH D 4 .   ? -8.871  10.426  14.293  1.00 80.43 ? 2026 HOH A O   1 
HETATM 1062 O  O   . HOH D 4 .   ? -4.807  4.012   12.459  1.00 72.89 ? 2027 HOH A O   1 
HETATM 1063 O  O   . HOH D 4 .   ? -5.095  11.497  12.293  1.00 40.80 ? 2028 HOH A O   1 
HETATM 1064 O  O   . HOH D 4 .   ? 3.643   2.552   13.465  1.00 44.12 ? 2029 HOH A O   1 
HETATM 1065 O  O   . HOH D 4 .   ? 13.280  0.973   4.671   1.00 40.71 ? 2030 HOH A O   1 
HETATM 1066 O  O   . HOH D 4 .   ? 16.768  -2.934  -5.045  1.00 63.84 ? 2031 HOH A O   1 
HETATM 1067 O  O   . HOH D 4 .   ? 10.628  -6.651  -4.651  1.00 45.00 ? 2032 HOH A O   1 
HETATM 1068 O  O   . HOH D 4 .   ? 12.326  -8.221  -0.577  1.00 40.96 ? 2033 HOH A O   1 
HETATM 1069 O  O   . HOH D 4 .   ? 4.171   -0.076  20.780  1.00 72.29 ? 2034 HOH A O   1 
HETATM 1070 O  O   . HOH D 4 .   ? -9.088  4.782   2.486   1.00 51.47 ? 2035 HOH A O   1 
HETATM 1071 O  O   . HOH D 4 .   ? -9.515  8.904   1.979   1.00 58.32 ? 2036 HOH A O   1 
HETATM 1072 O  O   . HOH D 4 .   ? -2.269  7.514   4.128   1.00 47.64 ? 2037 HOH A O   1 
HETATM 1073 O  O   . HOH D 4 .   ? 8.706   12.495  -5.261  1.00 46.51 ? 2038 HOH A O   1 
HETATM 1074 O  O   . HOH D 4 .   ? 7.243   1.325   -3.227  1.00 45.45 ? 2039 HOH A O   1 
HETATM 1075 O  O   . HOH D 4 .   ? 0.931   -11.573 -2.039  1.00 52.55 ? 2040 HOH A O   1 
HETATM 1076 O  O   . HOH D 4 .   ? -1.099  -12.906 2.389   1.00 53.87 ? 2041 HOH A O   1 
HETATM 1077 O  O   . HOH D 4 .   ? 4.831   -0.359  -14.292 1.00 42.11 ? 2042 HOH A O   1 
# 
